data_8A5Q
#
_entry.id   8A5Q
#
_cell.length_a   1.00
_cell.length_b   1.00
_cell.length_c   1.00
_cell.angle_alpha   90.00
_cell.angle_beta   90.00
_cell.angle_gamma   90.00
#
_symmetry.space_group_name_H-M   'P 1'
#
loop_
_entity.id
_entity.type
_entity.pdbx_description
1 polymer 'Ino80 ATPase'
2 polymer 'DNA (26-MER)'
3 polymer 'DNA (26-MER)'
4 polymer 'Actin-related protein 8'
5 polymer Actin
6 polymer 'Actin related protein 4 (Arp4)'
7 polymer Ies4
8 non-polymer "ADENOSINE-5'-TRIPHOSPHATE"
9 non-polymer 'MAGNESIUM ION'
#
loop_
_entity_poly.entity_id
_entity_poly.type
_entity_poly.pdbx_seq_one_letter_code
_entity_poly.pdbx_strand_id
1 'polypeptide(L)'
;MDHFPTVLQRPPHFDEDGSAGTGRMRSNVVGNGSSNGARDDRGLRGGLRDILNPVGSASQTMPSASHGGTHSTPGTPGAP
APPRPHSSFSLRSPTQTGNHHASPYSAPTSSAAATSSQQPAGACSMLNNPFVTASTPFPPPPLQAPPSLASSRTSPSGLQ
HPPRSPLHAPPVYYPSDVRDRDLVRDQQTSLSFYDPTTDSKRDRDRERDRERERTGSDPESGAWSTSTQNSPPKIRDSYN
YSRSPSFNNSGNYPSATGSYPPRSPVVRPHPAPPAGSMSPSAGSRTVTSPSLRHLAMPSTHSSQSASTVLPPLARTETPA
PSARATPASNTPSRASGVMSFSNILSSSEPISKPRPTSPISLDNNPAMVARTEPAERPDKGEKDKKQSRKIIKTRVSDIK
SAESTPKMTRKSAVKPETPTMLRIPTKRTANGSMKHKAFSADKEKTIRDIMDQFDYESIDETEFEDELLAWKERARRRRQ
EMNRRDFIHRQSRRSDFAETEALKLQIHANLGKARYSDLHYDEALQEVREQELWAEKERKKDMQRKRRREKSMAATLEQQ
AAALQKASQAEDEAERLKYIREAERANKKVQQTKYILQKGIKGPARNLPPIEPNLEGGTMATFSAENMEPGKVKGKGRGG
RLKKSKEQKQAEKEQAELAQAAIDAGEEPPSKEETKIRIKLSKAKASAKEEAEKDKENKEPKQPKEPEKPVEEPKDPLEL
KFQSKGYNQIYDQIWRDLARKDVSKVFRLATDSYATKASNLKKTAILASKEAKRWQLRTNKGTKDLQARAKRVMRDMMGF
WKRNEREERDLRKAAERLELENARKEEADREAARQRRKLNFLISQTELYSHFISKKIKTHEVERSTDHPDVATDEKDKIP
EPTLNINVPEPTGPIAPKVTDFNSLDFDNEDESALQAAAMANAQNAIAEAQKKAREFNKDETKLDEDGEMNFQHPELTEF
EVAQPKLLNCQLKEYQLKGLNWLVNLYEQGINGILADEMGLGKTVQSISVMAYLAERYDIWGPFLVVAPASTLHNWQQEV
SKFVPDFKVLPYWGTAADRKVLRKFWDRKHTTYKKDSPFHVMITSYQLVVSDVAYFQKMKWQYMILDEAQAIKSSQSSRW
KCLLGFHCRNRLLLTGTPIQNNMQELWALLHFIMPSLFDSHDEFSEWFSKDIESHAQSNTKLNEDQLKRLHMILKPFMLR
RVKKHVQKELGDKIEIDVFCELSYRQRAMYQSLRNQISIMDLIEKATVGDNEDSATLMNLVMQFRKVCNHPDLFERADTS
SPFFCGHFAETGSFLREGTNVALGYSTRSLVEYRLPRLIWCDGGRLDKPGPGNLVAGFRSKYLNHMMNIWTPENIRSSLE
GIENFTWLRFVDTSLQEAYRASHTDVFARAVDLASKQNRLGHMQIVYDEPEDKKWTPVHALFQICERENPKAVAEITTEG
VLRDLMNIARVKYRELGLCRLEKAARPRASAPPIEVVCDSRSAVIERENIMFHPAMRKALFGPTPSEIKEASFGPRPVTL
YPPRALLPAPDHDKQRFTNITVPSMARFVTDSGKLAKLDELLRELKEGGHRVLLYFQMTRMIDLMEEYLTYRNYKYCRLD
GSTKLEDRRDTVADFQTRPEIFIFLLSTRAGGLGINLTTADTVIFYDSDWNPTIDSQAMDRAHRLGQTKQVTVYRLITRG
TIEERIRKRALQKEEVQRVVITGTGSVDFSGRRPPENRNRDIAMWLADDEQAEMIERREKELIESGEYDKIMQQRRKGGK
RKRGAANGDTVPSLEDMYHEGEGHFDDNKGSGAATPVDADSLGRGGKRKKAGGSKKAKTTKQRLAIADGEIDDGEIDIDY
KDDDDKGTDYKDDDDK
;
G
2 'polydeoxyribonucleotide'
;(DC)(DT)(DG)(DG)(DA)(DG)(DA)(DA)(DT)(DC)(DC)(DC)(DG)(DG)(DT)(DG)(DC)(DC)(DG)(DA)
(DG)(DG)(DC)(DC)(DG)(DC)(DT)(DC)(DA)(DA)(DT)(DT)(DG)(DG)(DT)(DC)(DG)(DT)(DA)(DG)
(DA)(DC)(DA)(DG)(DC)(DT)(DC)(DT)(DA)(DG)(DC)(DA)(DC)(DC)(DG)(DC)(DT)(DT)(DA)(DA)
(DA)(DC)(DG)(DC)(DA)(DC)(DG)(DT)(DA)(DC)(DG)(DC)(DG)(DC)(DT)(DG)(DT)(DC)(DC)(DC)
(DC)(DC)(DG)(DC)(DG)(DT)(DT)(DT)(DT)(DA)(DA)(DC)(DC)(DG)(DC)(DC)(DA)(DA)(DG)(DG)
(DG)(DG)(DA)(DT)(DT)(DA)(DC)(DT)(DC)(DC)(DC)(DT)(DA)(DG)(DT)(DC)(DT)(DC)(DC)(DA)
(DG)(DG)(DC)(DA)(DC)(DG)(DT)(DG)(DT)(DC)(DA)(DG)(DA)(DT)(DA)(DT)(DA)(DT)(DA)(DC)
(DA)(DT)(DC)(DC)(DT)(DG)(DT)(DG)(DC)(DA)(DT)(DG)(DT)(DA)(DT)(DT)(DG)(DA)(DA)(DC)
(DA)(DG)(DC)(DG)(DA)(DC)(DC)(DT)(DT)(DG)(DC)(DC)(DG)(DG)(DT)(DG)(DC)(DC)(DA)(DG)
(DT)(DC)(DG)(DG)(DA)(DT)(DA)(DG)(DT)(DG)(DT)(DT)(DC)(DC)(DG)(DA)(DG)(DC)(DT)(DC)
(DC)(DC)(DA)(DC)(DT)(DC)(DT)(DA)(DG)(DA)(DG)(DG)(DA)(DT)(DC)(DC)(DC)(DC)(DG)(DG)
(DG)(DT)(DA)(DC)(DC)(DG)(DA)
;
K
3 'polydeoxyribonucleotide'
;(DT)(DC)(DG)(DG)(DT)(DA)(DC)(DC)(DC)(DG)(DG)(DG)(DG)(DA)(DT)(DC)(DC)(DT)(DC)(DT)
(DA)(DG)(DA)(DG)(DT)(DG)(DG)(DG)(DA)(DG)(DC)(DT)(DC)(DG)(DG)(DA)(DA)(DC)(DA)(DC)
(DT)(DA)(DT)(DC)(DC)(DG)(DA)(DC)(DT)(DG)(DG)(DC)(DA)(DC)(DC)(DG)(DG)(DC)(DA)(DA)
(DG)(DG)(DT)(DC)(DG)(DC)(DT)(DG)(DT)(DT)(DC)(DA)(DA)(DT)(DA)(DC)(DA)(DT)(DG)(DC)
(DA)(DC)(DA)(DG)(DG)(DA)(DT)(DG)(DT)(DA)(DT)(DA)(DT)(DA)(DT)(DC)(DT)(DG)(DA)(DC)
(DA)(DC)(DG)(DT)(DG)(DC)(DC)(DT)(DG)(DG)(DA)(DG)(DA)(DC)(DT)(DA)(DG)(DG)(DG)(DA)
(DG)(DT)(DA)(DA)(DT)(DC)(DC)(DC)(DC)(DT)(DT)(DG)(DG)(DC)(DG)(DG)(DT)(DT)(DA)(DA)
(DA)(DA)(DC)(DG)(DC)(DG)(DG)(DG)(DG)(DG)(DA)(DC)(DA)(DG)(DC)(DG)(DC)(DG)(DT)(DA)
(DC)(DG)(DT)(DG)(DC)(DG)(DT)(DT)(DT)(DA)(DA)(DG)(DC)(DG)(DG)(DT)(DG)(DC)(DT)(DA)
(DG)(DA)(DG)(DC)(DT)(DG)(DT)(DC)(DT)(DA)(DC)(DG)(DA)(DC)(DC)(DA)(DA)(DT)(DT)(DG)
(DA)(DG)(DC)(DG)(DG)(DC)(DC)(DT)(DC)(DG)(DG)(DC)(DA)(DC)(DC)(DG)(DG)(DG)(DA)(DT)
(DT)(DC)(DT)(DC)(DC)(DA)(DG)
;
L
4 'polypeptide(L)'
;MVGKVSERVLAREGLERTDNGMRQTSWPEVQPINQKNYYTDYMKRDDQILSLRLQNEANRERLVKTAQDRDRALNTNTNG
EVPLPLDELQEDAPPAPSAAMDPSKIIVIHPGSQNLRIGFASDALPKTIPMVLGTQYSQTESEMHEALPRRQFEGRTMEQ
QYGEEWVKKYQKMCSDLKVTMRANKLKVLPNSKDLVVNFNRRTEPEIISQHNDPLQVEWTNVNKAPEDGTTQKVFIGQQA
LRIAEDSSPKYKLWWPIQHGWLNEDDYPTRAHLFDDLEMLLDRALRRELGLTKKADWKQYSCVIVIPDLYDKRYVELLLH
LCIEFFDLSRVAFIQESMAATFGAGYTQACVVDVGAQKTSISCVEDGLVIEDSRVNLKYGGYDVTETFIKMMLYDNFPYQ
DINLRRRHDFLLAEELKMKYCTLSQANISVQAFDFHLRAPNQPTRKYQFKFYDEVILAPMGFYDPSIFDNSTKLRGRRKL
IDRSYNAYDVDMPDDPTSSAQLAILAMVQPSLAAPTATASFNGDPTATPSKERTQPFNFLSRPDATGTPGTSKAPSPAPD
GASTPVPGPYIFGASSREANGGSPAPSGRNGGTPAPANGTTVLPATSFDNPTSQQPQQRSAKEIAAERDAVLPIAPLDVA
ILTSIQHAAKGDEKKVRELVGSIMVVGGGAKIPHFAPFLEEKLKIRRPDLADRILVSRSAREMDEQVVVWKGASVFAKLS
TNDSWVTNYEYKMLGSRCIYMKLLWHY
;
U
5 'polypeptide(L)'
;MEEEVAALVIDNGSGMCKAGFAGDDAPRAVFPSIVGRPRHHGIMIGMGQKDSYVGDEAQSKRGILTLRYPIEHGVVTNWD
DMEKIWHHTFYNELRVAPEEHPVLLTEAPINPKSNREKMTQIVFETFNAPAFYVSIQAVLSLYASGRTTGIVLDSGDGVT
HVVPIYEGFSLPHAIARLDMAGRDLTDYLMKILAERGYTFSTTAEREIVRDIKEKLCYVALDFEQEIQTAAQSSHLEKSY
ELPDGQVITIGNERFRAPEALFQPSVLGLESGGIHVTTFNSIMKCDVDVRKDLYGNIVMSGGTTMYPGLSDRMQKEITAL
APSSMKVKIIAPPERKYSVWIGGSILASLSTFQQMWISKQEYDESGPSIVHRKCF
;
V
6 'polypeptide(L)'
;MSQQPLSSSVQPADIYGGDEVSALVLDPGYCNTRAGFAGEEMPKQVIPSFYGHVDGRDLFGDEVIVPRAGFEVRNYMNRD
SMVEDWDAATRVWEYLLVQRLQPPRPTPASKNGLNVSDDGDVQMEDSAPNEDALDALEKPLTENPLLMTEAPWNTPKARE
KAIEVVMENWGTPAFWLSRTPVLAAFAAGKATALVIDVGGANTSVTAIHDGMVLKRSIQRSPAAGVWLSGQIRSMWKSQD
PPVNVVPTFMVENKKPVEAGAPPDCRLRNFGFPIHDSFRAFEEERVLTEFKESVVEVWRGPGKYLNPGNEDFAKTQPGRV
FEFPDGSNQMWREQRYRVAEGMWDETAAYPSLNPDEAAITKAQTIPALIKAALDGVDVDLRPNLLGNVVVTGSTSLLNGF
NDRLNHELTNMYPGLKIKLHAAGLTSERRFGAWIGGSILASLGTFHQMWISRKEYEENGAGIVEKRCK
;
W
7 'polypeptide(L)'
;MAPSSKNATPSNKDRRKSGIAAAGNGNAAASSKIVTLKVTPERLRAIFDPDILMEDAPASKASPAAANSNTENATESNPN
SPSASTPAGQSVMGPPAEGPKKKGVKRGAAALGPNGEPKPRGKPGPKKKQRLEDGTIVEEPSRKLGPKANQGAINAGLRA
LDRSGKPCRKWTRGTFQMKSFTGVVWEIPRWTAPPRPKPETAAPDDAAATVAVNGNGATPASTAADNNSNKENNNPSIAA
AKVEDASSQTAVKSEMSTGSGDIEMQSVAPSIAPSPAPVPIAVA
;
X
#
# COMPACT_ATOMS: atom_id res chain seq x y z
N LEU A 720 -18.55 -52.29 38.31
CA LEU A 720 -17.71 -51.08 38.02
C LEU A 720 -17.98 -50.57 36.61
N LYS A 721 -17.93 -49.23 36.44
CA LYS A 721 -18.20 -48.55 35.17
C LYS A 721 -17.12 -48.85 34.12
N PHE A 722 -17.54 -48.72 32.85
CA PHE A 722 -16.69 -48.62 31.67
C PHE A 722 -15.78 -49.84 31.43
N GLN A 723 -16.17 -51.05 31.86
CA GLN A 723 -15.36 -52.24 31.60
C GLN A 723 -16.16 -53.50 31.22
N SER A 724 -17.51 -53.40 31.14
CA SER A 724 -18.34 -54.53 30.76
C SER A 724 -18.12 -54.86 29.29
N LYS A 725 -18.32 -56.14 28.90
CA LYS A 725 -18.21 -56.58 27.52
C LYS A 725 -19.09 -55.74 26.60
N GLY A 726 -20.31 -55.39 27.06
CA GLY A 726 -21.22 -54.53 26.34
C GLY A 726 -20.67 -53.12 26.10
N TYR A 727 -19.99 -52.54 27.10
CA TYR A 727 -19.40 -51.23 26.94
C TYR A 727 -18.35 -51.26 25.85
N ASN A 728 -17.50 -52.30 25.87
CA ASN A 728 -16.49 -52.48 24.84
C ASN A 728 -17.14 -52.54 23.45
N GLN A 729 -18.17 -53.38 23.30
CA GLN A 729 -18.88 -53.57 22.04
C GLN A 729 -19.49 -52.25 21.53
N ILE A 730 -20.23 -51.51 22.36
CA ILE A 730 -20.91 -50.28 21.93
C ILE A 730 -19.87 -49.24 21.52
N TYR A 731 -18.83 -49.06 22.33
CA TYR A 731 -17.83 -48.08 22.01
C TYR A 731 -17.21 -48.46 20.67
N ASP A 732 -16.81 -49.73 20.51
CA ASP A 732 -16.18 -50.20 19.28
C ASP A 732 -17.08 -49.99 18.06
N GLN A 733 -18.36 -50.36 18.19
CA GLN A 733 -19.30 -50.31 17.08
C GLN A 733 -19.53 -48.86 16.64
N ILE A 734 -19.69 -47.94 17.58
CA ILE A 734 -19.79 -46.51 17.29
C ILE A 734 -18.61 -46.08 16.43
N TRP A 735 -17.37 -46.34 16.87
CA TRP A 735 -16.21 -45.90 16.14
C TRP A 735 -16.07 -46.60 14.78
N ARG A 736 -16.47 -47.87 14.67
CA ARG A 736 -16.38 -48.56 13.40
C ARG A 736 -17.31 -47.90 12.37
N ASP A 737 -18.58 -47.67 12.74
CA ASP A 737 -19.53 -47.01 11.84
C ASP A 737 -19.07 -45.59 11.50
N LEU A 738 -18.66 -44.87 12.53
CA LEU A 738 -18.22 -43.51 12.42
C LEU A 738 -17.08 -43.42 11.43
N ALA A 739 -16.10 -44.33 11.48
CA ALA A 739 -14.95 -44.31 10.58
C ALA A 739 -15.29 -44.78 9.16
N ARG A 740 -15.99 -45.91 9.01
CA ARG A 740 -16.25 -46.49 7.69
C ARG A 740 -17.29 -45.68 6.91
N LYS A 741 -18.40 -45.24 7.54
CA LYS A 741 -19.51 -44.58 6.86
C LYS A 741 -19.39 -43.05 6.92
N ASP A 742 -19.48 -42.47 8.12
CA ASP A 742 -19.64 -41.04 8.31
C ASP A 742 -18.37 -40.26 7.92
N VAL A 743 -17.19 -40.67 8.40
CA VAL A 743 -15.97 -39.98 8.04
C VAL A 743 -15.83 -39.97 6.52
N SER A 744 -16.14 -41.12 5.88
CA SER A 744 -16.02 -41.28 4.43
C SER A 744 -16.89 -40.29 3.65
N LYS A 745 -18.21 -40.22 3.97
CA LYS A 745 -19.13 -39.29 3.33
C LYS A 745 -18.75 -37.84 3.59
N VAL A 746 -18.46 -37.51 4.84
CA VAL A 746 -18.10 -36.14 5.17
C VAL A 746 -16.76 -35.73 4.54
N PHE A 747 -15.80 -36.64 4.33
CA PHE A 747 -14.58 -36.24 3.67
C PHE A 747 -14.88 -35.80 2.22
N ARG A 748 -15.69 -36.60 1.48
CA ARG A 748 -16.08 -36.24 0.12
C ARG A 748 -16.78 -34.89 0.11
N LEU A 749 -17.78 -34.71 0.97
CA LEU A 749 -18.53 -33.47 1.07
C LEU A 749 -17.62 -32.29 1.40
N ALA A 750 -16.71 -32.44 2.36
CA ALA A 750 -15.77 -31.41 2.78
C ALA A 750 -14.87 -30.98 1.62
N THR A 751 -14.30 -31.95 0.89
CA THR A 751 -13.37 -31.66 -0.20
C THR A 751 -14.08 -30.96 -1.35
N ASP A 752 -15.28 -31.44 -1.72
CA ASP A 752 -16.07 -30.83 -2.79
C ASP A 752 -16.55 -29.45 -2.37
N SER A 753 -16.98 -29.30 -1.13
CA SER A 753 -17.44 -28.03 -0.62
C SER A 753 -16.30 -27.02 -0.67
N TYR A 754 -15.12 -27.37 -0.17
CA TYR A 754 -13.96 -26.50 -0.27
C TYR A 754 -13.70 -26.11 -1.72
N ALA A 755 -13.66 -27.09 -2.63
CA ALA A 755 -13.39 -26.82 -4.04
C ALA A 755 -14.38 -25.80 -4.62
N THR A 756 -15.66 -25.97 -4.27
CA THR A 756 -16.72 -25.08 -4.71
C THR A 756 -16.54 -23.67 -4.15
N LYS A 757 -16.32 -23.57 -2.84
CA LYS A 757 -16.14 -22.32 -2.12
C LYS A 757 -14.97 -21.59 -2.75
N ALA A 758 -13.84 -22.26 -2.96
CA ALA A 758 -12.66 -21.63 -3.52
C ALA A 758 -12.95 -21.15 -4.94
N SER A 759 -13.72 -21.92 -5.73
CA SER A 759 -14.10 -21.53 -7.08
C SER A 759 -15.00 -20.28 -7.10
N ASN A 760 -16.07 -20.27 -6.29
CA ASN A 760 -16.93 -19.10 -6.13
C ASN A 760 -16.13 -17.83 -5.82
N LEU A 761 -15.22 -17.92 -4.87
CA LEU A 761 -14.39 -16.81 -4.47
C LEU A 761 -13.43 -16.42 -5.57
N LYS A 762 -12.92 -17.38 -6.35
CA LYS A 762 -12.02 -17.06 -7.45
C LYS A 762 -12.79 -16.26 -8.53
N LYS A 763 -13.96 -16.81 -8.93
CA LYS A 763 -14.82 -16.19 -9.90
C LYS A 763 -15.14 -14.76 -9.48
N THR A 764 -15.63 -14.61 -8.25
CA THR A 764 -16.08 -13.34 -7.71
C THR A 764 -14.96 -12.32 -7.65
N ALA A 765 -13.80 -12.73 -7.18
CA ALA A 765 -12.67 -11.87 -7.15
C ALA A 765 -12.31 -11.37 -8.55
N ILE A 766 -12.45 -12.24 -9.58
CA ILE A 766 -12.15 -11.91 -10.96
C ILE A 766 -13.15 -10.85 -11.46
N LEU A 767 -14.46 -11.03 -11.22
CA LEU A 767 -15.44 -10.05 -11.69
C LEU A 767 -15.18 -8.73 -10.97
N ALA A 768 -15.19 -8.76 -9.65
CA ALA A 768 -15.05 -7.56 -8.84
C ALA A 768 -13.76 -6.80 -9.16
N SER A 769 -12.64 -7.48 -9.32
CA SER A 769 -11.41 -6.83 -9.69
C SER A 769 -11.47 -6.21 -11.08
N LYS A 770 -12.17 -6.82 -12.06
CA LYS A 770 -12.36 -6.20 -13.36
C LYS A 770 -13.14 -4.90 -13.23
N GLU A 771 -14.29 -4.92 -12.50
CA GLU A 771 -15.14 -3.75 -12.35
C GLU A 771 -14.38 -2.60 -11.71
N ALA A 772 -13.59 -2.90 -10.69
CA ALA A 772 -12.84 -1.89 -10.01
C ALA A 772 -11.93 -1.12 -10.97
N LYS A 773 -11.48 -1.76 -12.05
CA LYS A 773 -10.54 -1.15 -12.97
C LYS A 773 -11.26 -0.57 -14.20
N ARG A 774 -12.47 -1.06 -14.48
CA ARG A 774 -13.21 -0.80 -15.71
C ARG A 774 -13.36 0.69 -15.99
N TRP A 775 -13.47 1.55 -14.98
CA TRP A 775 -13.66 2.97 -15.20
C TRP A 775 -12.51 3.65 -15.92
N GLN A 776 -11.34 3.03 -15.90
CA GLN A 776 -10.14 3.64 -16.42
C GLN A 776 -9.91 3.29 -17.90
N LEU A 777 -10.57 2.26 -18.43
CA LEU A 777 -10.46 1.82 -19.82
C LEU A 777 -11.08 2.86 -20.74
N ARG A 778 -10.36 3.23 -21.80
CA ARG A 778 -10.88 4.20 -22.77
C ARG A 778 -11.95 3.55 -23.63
N THR A 779 -12.91 4.37 -24.08
CA THR A 779 -14.01 3.94 -24.95
C THR A 779 -14.24 4.98 -26.05
N ASN A 780 -14.92 4.54 -27.11
CA ASN A 780 -15.30 5.40 -28.21
C ASN A 780 -16.25 6.49 -27.70
N LYS A 781 -17.33 6.07 -27.02
CA LYS A 781 -18.35 6.95 -26.48
C LYS A 781 -17.73 7.99 -25.53
N GLY A 782 -16.92 7.53 -24.55
CA GLY A 782 -16.28 8.41 -23.59
C GLY A 782 -15.36 9.38 -24.30
N THR A 783 -14.63 8.93 -25.32
CA THR A 783 -13.74 9.82 -26.04
C THR A 783 -14.52 10.92 -26.79
N LYS A 784 -15.64 10.56 -27.44
CA LYS A 784 -16.47 11.54 -28.14
C LYS A 784 -17.12 12.54 -27.18
N ASP A 785 -17.65 12.10 -26.03
CA ASP A 785 -18.14 13.01 -25.00
C ASP A 785 -17.05 13.97 -24.52
N LEU A 786 -15.84 13.47 -24.34
CA LEU A 786 -14.76 14.31 -23.88
C LEU A 786 -14.38 15.34 -24.93
N GLN A 787 -14.34 14.93 -26.21
CA GLN A 787 -14.11 15.89 -27.30
C GLN A 787 -15.21 16.96 -27.35
N ALA A 788 -16.47 16.56 -27.10
CA ALA A 788 -17.55 17.52 -27.00
C ALA A 788 -17.37 18.52 -25.84
N ARG A 789 -17.05 18.07 -24.61
CA ARG A 789 -16.78 18.97 -23.48
C ARG A 789 -15.65 19.93 -23.79
N ALA A 790 -14.58 19.43 -24.38
CA ALA A 790 -13.49 20.30 -24.78
C ALA A 790 -13.97 21.34 -25.80
N LYS A 791 -14.80 20.96 -26.78
CA LYS A 791 -15.26 21.89 -27.82
C LYS A 791 -16.26 22.92 -27.26
N ARG A 792 -17.13 22.49 -26.33
CA ARG A 792 -18.05 23.38 -25.61
C ARG A 792 -17.29 24.52 -24.98
N VAL A 793 -16.32 24.16 -24.13
CA VAL A 793 -15.53 25.16 -23.43
C VAL A 793 -14.80 26.04 -24.43
N MET A 794 -14.30 25.49 -25.52
CA MET A 794 -13.54 26.28 -26.47
C MET A 794 -14.44 27.33 -27.14
N ARG A 795 -15.67 26.99 -27.51
CA ARG A 795 -16.60 27.97 -28.05
C ARG A 795 -17.05 29.00 -27.01
N ASP A 796 -17.28 28.59 -25.76
CA ASP A 796 -17.58 29.51 -24.67
C ASP A 796 -16.46 30.56 -24.51
N MET A 797 -15.22 30.12 -24.60
CA MET A 797 -14.07 30.99 -24.52
C MET A 797 -14.12 31.96 -25.69
N MET A 798 -14.45 31.51 -26.92
CA MET A 798 -14.56 32.43 -28.05
C MET A 798 -15.68 33.46 -27.85
N GLY A 799 -16.83 33.03 -27.32
CA GLY A 799 -17.89 33.95 -26.98
C GLY A 799 -17.49 34.98 -25.91
N PHE A 800 -16.72 34.58 -24.91
CA PHE A 800 -16.19 35.50 -23.91
C PHE A 800 -15.35 36.58 -24.60
N TRP A 801 -14.50 36.22 -25.55
CA TRP A 801 -13.73 37.22 -26.26
C TRP A 801 -14.57 38.09 -27.22
N LYS A 802 -15.64 37.57 -27.84
CA LYS A 802 -16.59 38.41 -28.57
C LYS A 802 -17.17 39.53 -27.69
N ARG A 803 -17.71 39.16 -26.51
CA ARG A 803 -18.28 40.12 -25.57
C ARG A 803 -17.25 41.14 -25.07
N ASN A 804 -16.06 40.71 -24.66
CA ASN A 804 -15.04 41.61 -24.15
C ASN A 804 -14.35 42.42 -25.24
N GLU A 805 -14.39 42.01 -26.51
CA GLU A 805 -14.00 42.88 -27.60
C GLU A 805 -15.10 43.93 -27.88
N ARG A 806 -16.37 43.50 -28.00
CA ARG A 806 -17.50 44.37 -28.34
C ARG A 806 -17.83 45.40 -27.24
N GLU A 807 -17.30 45.18 -26.02
CA GLU A 807 -17.39 46.12 -24.91
C GLU A 807 -16.04 46.76 -24.56
N GLU A 808 -14.99 46.49 -25.38
CA GLU A 808 -13.65 47.07 -25.30
C GLU A 808 -13.02 47.01 -23.89
N ARG A 809 -12.62 45.81 -23.47
CA ARG A 809 -11.85 45.58 -22.24
C ARG A 809 -10.49 46.32 -22.26
N ASP A 810 -10.22 47.07 -21.18
CA ASP A 810 -8.92 47.70 -20.90
C ASP A 810 -8.20 46.91 -19.80
N LEU A 811 -6.90 47.21 -19.53
CA LEU A 811 -6.15 46.52 -18.48
C LEU A 811 -5.24 47.42 -17.61
N ARG A 812 -4.21 48.10 -18.17
CA ARG A 812 -2.99 48.41 -17.41
C ARG A 812 -2.65 49.90 -17.28
N LYS A 813 -2.12 50.23 -16.09
CA LYS A 813 -1.29 51.41 -15.82
C LYS A 813 -0.08 50.95 -14.99
N ALA A 814 1.11 51.53 -15.26
CA ALA A 814 2.37 51.02 -14.72
C ALA A 814 3.32 52.13 -14.23
N ALA A 815 2.76 53.20 -13.64
CA ALA A 815 3.57 54.30 -13.11
C ALA A 815 4.25 53.90 -11.80
N GLU A 816 5.48 54.44 -11.57
CA GLU A 816 6.32 54.14 -10.41
C GLU A 816 7.06 55.40 -9.91
N LYS D 4 -20.97 -62.67 21.15
CA LYS D 4 -22.44 -62.57 21.41
C LYS D 4 -22.75 -61.23 22.08
N VAL D 5 -23.82 -60.56 21.59
CA VAL D 5 -24.21 -59.21 21.98
C VAL D 5 -25.74 -59.10 22.00
N SER D 6 -26.30 -58.17 22.79
CA SER D 6 -27.75 -57.93 22.78
C SER D 6 -28.13 -56.53 23.29
N GLU D 7 -29.23 -55.98 22.79
CA GLU D 7 -29.65 -54.62 23.12
C GLU D 7 -30.24 -54.54 24.54
N ARG D 8 -30.93 -55.59 25.00
CA ARG D 8 -31.58 -55.55 26.31
C ARG D 8 -30.57 -55.52 27.45
N VAL D 9 -29.42 -56.19 27.29
CA VAL D 9 -28.34 -56.10 28.27
C VAL D 9 -27.80 -54.66 28.29
N LEU D 10 -27.57 -54.07 27.11
CA LEU D 10 -27.04 -52.72 27.01
C LEU D 10 -28.01 -51.68 27.60
N ALA D 11 -29.31 -51.83 27.37
CA ALA D 11 -30.34 -50.99 27.98
C ALA D 11 -30.26 -51.02 29.50
N ARG D 12 -30.09 -52.21 30.10
CA ARG D 12 -30.00 -52.35 31.55
C ARG D 12 -28.67 -51.83 32.11
N GLU D 13 -27.59 -51.88 31.30
CA GLU D 13 -26.32 -51.26 31.64
C GLU D 13 -26.32 -49.75 31.43
N GLY D 14 -27.39 -49.20 30.80
CA GLY D 14 -27.53 -47.78 30.56
C GLY D 14 -26.78 -47.27 29.33
N LEU D 15 -26.47 -48.19 28.40
CA LEU D 15 -25.70 -47.89 27.19
C LEU D 15 -26.62 -47.90 25.97
N GLU D 16 -26.55 -46.81 25.18
CA GLU D 16 -27.47 -46.66 24.07
C GLU D 16 -26.92 -45.65 23.07
N ARG D 17 -26.63 -46.14 21.86
CA ARG D 17 -26.13 -45.29 20.80
C ARG D 17 -27.23 -44.37 20.31
N THR D 18 -26.89 -43.08 20.09
CA THR D 18 -27.89 -42.02 19.96
C THR D 18 -27.42 -40.93 19.00
N ASP D 19 -28.39 -40.45 18.21
CA ASP D 19 -28.16 -39.49 17.14
C ASP D 19 -28.19 -38.06 17.68
N ASN D 20 -28.69 -37.84 18.91
CA ASN D 20 -28.90 -36.52 19.51
C ASN D 20 -29.76 -35.60 18.63
N GLY D 21 -30.55 -36.15 17.70
CA GLY D 21 -31.38 -35.34 16.81
C GLY D 21 -30.59 -34.49 15.81
N MET D 22 -29.28 -34.69 15.74
CA MET D 22 -28.41 -33.93 14.84
C MET D 22 -28.48 -34.47 13.42
N ARG D 23 -28.11 -33.61 12.45
CA ARG D 23 -27.92 -34.02 11.05
C ARG D 23 -26.73 -34.98 10.95
N GLN D 24 -26.64 -35.75 9.84
CA GLN D 24 -25.53 -36.67 9.62
C GLN D 24 -24.19 -35.92 9.65
N THR D 25 -24.17 -34.68 9.12
CA THR D 25 -23.01 -33.83 9.23
C THR D 25 -23.43 -32.38 9.24
N SER D 26 -22.62 -31.60 9.96
CA SER D 26 -22.79 -30.16 10.10
C SER D 26 -21.65 -29.43 9.37
N TRP D 27 -20.97 -30.13 8.47
CA TRP D 27 -20.08 -29.44 7.55
C TRP D 27 -20.91 -28.54 6.62
N PRO D 28 -20.51 -27.29 6.33
CA PRO D 28 -21.21 -26.45 5.37
C PRO D 28 -21.32 -27.06 3.98
N GLU D 29 -22.54 -27.07 3.42
CA GLU D 29 -22.72 -27.43 2.02
C GLU D 29 -22.89 -26.17 1.17
N VAL D 30 -22.04 -26.02 0.14
CA VAL D 30 -21.90 -24.78 -0.62
C VAL D 30 -22.47 -24.97 -2.04
N GLN D 31 -23.33 -24.04 -2.47
CA GLN D 31 -23.87 -24.04 -3.82
C GLN D 31 -22.98 -23.20 -4.73
N PRO D 32 -22.72 -23.62 -5.99
CA PRO D 32 -21.92 -22.83 -6.92
C PRO D 32 -22.67 -21.62 -7.45
N ILE D 33 -21.94 -20.52 -7.56
CA ILE D 33 -22.40 -19.33 -8.27
C ILE D 33 -22.43 -19.58 -9.78
N ASN D 34 -23.48 -19.05 -10.44
CA ASN D 34 -23.63 -19.09 -11.89
C ASN D 34 -23.37 -17.71 -12.49
N GLN D 35 -22.45 -17.58 -13.44
CA GLN D 35 -22.03 -16.30 -13.96
C GLN D 35 -22.34 -16.10 -15.45
N LYS D 36 -23.10 -17.00 -16.10
CA LYS D 36 -23.31 -16.83 -17.54
C LYS D 36 -24.17 -15.59 -17.75
N ASN D 37 -23.69 -14.72 -18.67
CA ASN D 37 -24.34 -13.47 -19.04
C ASN D 37 -24.41 -12.51 -17.86
N TYR D 38 -23.42 -12.51 -16.95
CA TYR D 38 -23.50 -11.63 -15.77
C TYR D 38 -23.53 -10.17 -16.23
N TYR D 39 -24.06 -9.27 -15.36
CA TYR D 39 -24.07 -7.83 -15.58
C TYR D 39 -23.65 -7.12 -14.30
N THR D 40 -23.36 -5.82 -14.42
CA THR D 40 -22.75 -5.07 -13.34
C THR D 40 -23.38 -3.68 -13.33
N ASP D 41 -23.74 -3.16 -12.16
CA ASP D 41 -24.26 -1.82 -12.02
C ASP D 41 -23.25 -0.82 -11.46
N TYR D 42 -21.96 -1.17 -11.42
CA TYR D 42 -21.00 -0.34 -10.71
C TYR D 42 -20.60 0.84 -11.61
N MET D 43 -20.79 2.08 -11.15
CA MET D 43 -20.48 3.29 -11.91
C MET D 43 -21.05 3.32 -13.34
N LYS D 44 -22.30 2.87 -13.53
CA LYS D 44 -22.93 2.87 -14.83
C LYS D 44 -23.60 4.21 -15.15
N ARG D 45 -24.03 4.98 -14.15
CA ARG D 45 -24.81 6.21 -14.34
C ARG D 45 -24.11 7.42 -13.72
N ASP D 46 -24.29 8.63 -14.25
CA ASP D 46 -23.67 9.81 -13.69
C ASP D 46 -24.07 10.02 -12.22
N ASP D 47 -25.29 9.60 -11.86
CA ASP D 47 -25.83 9.62 -10.50
C ASP D 47 -24.94 8.89 -9.49
N GLN D 48 -24.16 7.91 -9.97
CA GLN D 48 -23.42 6.99 -9.12
C GLN D 48 -21.96 7.43 -8.89
N ILE D 49 -21.48 8.39 -9.69
CA ILE D 49 -20.12 8.82 -9.62
C ILE D 49 -20.05 10.12 -8.84
N LEU D 50 -19.37 10.13 -7.70
CA LEU D 50 -19.39 11.26 -6.78
C LEU D 50 -18.97 12.57 -7.48
N SER D 51 -17.91 12.56 -8.28
CA SER D 51 -17.48 13.80 -8.94
C SER D 51 -18.56 14.40 -9.85
N LEU D 52 -19.40 13.53 -10.43
CA LEU D 52 -20.45 13.95 -11.37
C LEU D 52 -21.75 14.26 -10.64
N ARG D 53 -22.09 13.46 -9.63
CA ARG D 53 -23.24 13.73 -8.76
C ARG D 53 -23.14 15.15 -8.25
N LEU D 54 -21.98 15.53 -7.69
CA LEU D 54 -21.76 16.85 -7.14
C LEU D 54 -21.84 17.92 -8.20
N GLN D 55 -21.42 17.62 -9.44
CA GLN D 55 -21.55 18.61 -10.51
C GLN D 55 -23.01 18.80 -10.95
N ASN D 56 -23.81 17.72 -11.05
CA ASN D 56 -25.23 17.82 -11.33
C ASN D 56 -25.92 18.68 -10.27
N GLU D 57 -25.66 18.41 -9.00
CA GLU D 57 -26.20 19.19 -7.90
C GLU D 57 -25.81 20.67 -8.06
N ALA D 58 -24.56 20.96 -8.43
CA ALA D 58 -24.09 22.33 -8.62
C ALA D 58 -24.77 23.03 -9.79
N ASN D 59 -24.89 22.35 -10.94
CA ASN D 59 -25.58 22.87 -12.11
C ASN D 59 -27.03 23.19 -11.76
N ARG D 60 -27.73 22.24 -11.13
CA ARG D 60 -29.12 22.38 -10.76
C ARG D 60 -29.30 23.56 -9.80
N GLU D 61 -28.43 23.69 -8.81
CA GLU D 61 -28.49 24.81 -7.88
C GLU D 61 -28.33 26.15 -8.63
N ARG D 62 -27.40 26.24 -9.59
CA ARG D 62 -27.22 27.45 -10.38
C ARG D 62 -28.44 27.76 -11.28
N LEU D 63 -29.13 26.73 -11.80
CA LEU D 63 -30.38 26.94 -12.53
C LEU D 63 -31.48 27.45 -11.59
N VAL D 64 -31.60 26.89 -10.38
CA VAL D 64 -32.53 27.41 -9.38
C VAL D 64 -32.18 28.85 -9.02
N LYS D 65 -30.89 29.19 -8.88
CA LYS D 65 -30.43 30.55 -8.64
C LYS D 65 -30.69 31.48 -9.84
N THR D 66 -30.86 30.92 -11.05
CA THR D 66 -31.26 31.65 -12.25
C THR D 66 -32.76 31.95 -12.23
N ALA D 67 -33.58 30.95 -11.82
CA ALA D 67 -35.01 31.12 -11.61
C ALA D 67 -35.32 32.10 -10.46
N GLN D 68 -34.43 32.12 -9.44
CA GLN D 68 -34.37 33.14 -8.41
C GLN D 68 -35.72 33.25 -7.69
N MET D 101 -19.28 32.03 -10.86
CA MET D 101 -19.04 32.47 -9.46
C MET D 101 -18.06 33.65 -9.43
N ASP D 102 -18.03 34.39 -8.31
CA ASP D 102 -17.31 35.64 -8.13
C ASP D 102 -15.81 35.50 -8.42
N PRO D 103 -15.28 36.11 -9.51
CA PRO D 103 -13.87 36.00 -9.84
C PRO D 103 -12.91 36.52 -8.79
N SER D 104 -13.35 37.41 -7.89
CA SER D 104 -12.48 37.93 -6.85
C SER D 104 -12.12 36.87 -5.81
N LYS D 105 -12.86 35.74 -5.81
CA LYS D 105 -12.56 34.64 -4.91
C LYS D 105 -11.84 33.52 -5.65
N ILE D 106 -11.25 33.78 -6.84
CA ILE D 106 -10.45 32.76 -7.53
C ILE D 106 -9.00 33.22 -7.68
N ILE D 107 -8.06 32.36 -7.24
CA ILE D 107 -6.62 32.59 -7.29
C ILE D 107 -6.06 31.80 -8.47
N VAL D 108 -5.21 32.42 -9.29
CA VAL D 108 -4.69 31.79 -10.49
C VAL D 108 -3.19 31.67 -10.36
N ILE D 109 -2.68 30.42 -10.31
CA ILE D 109 -1.29 30.09 -10.01
C ILE D 109 -0.64 29.44 -11.23
N HIS D 110 0.55 29.90 -11.60
CA HIS D 110 1.29 29.32 -12.68
C HIS D 110 2.77 29.22 -12.26
N PRO D 111 3.20 28.05 -11.72
CA PRO D 111 4.57 27.84 -11.29
C PRO D 111 5.60 27.72 -12.41
N GLY D 112 6.89 27.90 -12.05
CA GLY D 112 7.97 28.05 -13.02
C GLY D 112 9.35 28.00 -12.37
N SER D 113 10.33 27.62 -13.18
CA SER D 113 11.68 27.35 -12.72
C SER D 113 12.41 28.60 -12.25
N GLN D 114 11.99 29.77 -12.67
CA GLN D 114 12.51 31.01 -12.11
C GLN D 114 11.37 31.80 -11.51
N ASN D 115 10.19 31.84 -12.13
CA ASN D 115 9.13 32.76 -11.76
C ASN D 115 7.81 32.04 -11.45
N LEU D 116 7.10 32.51 -10.47
CA LEU D 116 5.74 32.13 -10.16
C LEU D 116 4.85 33.32 -10.50
N ARG D 117 3.77 33.11 -11.26
CA ARG D 117 2.76 34.14 -11.43
C ARG D 117 1.57 33.79 -10.56
N ILE D 118 1.08 34.79 -9.80
CA ILE D 118 -0.07 34.55 -8.94
C ILE D 118 -0.86 35.85 -8.84
N GLY D 119 -2.19 35.72 -8.75
CA GLY D 119 -3.11 36.86 -8.78
C GLY D 119 -4.55 36.36 -8.67
N PHE D 120 -5.54 37.27 -8.57
CA PHE D 120 -6.93 36.83 -8.60
C PHE D 120 -7.48 36.85 -10.02
N ALA D 121 -8.46 35.98 -10.30
CA ALA D 121 -9.09 35.90 -11.61
C ALA D 121 -9.79 37.19 -11.98
N SER D 122 -10.18 38.00 -11.00
CA SER D 122 -10.68 39.35 -11.21
C SER D 122 -9.69 40.30 -11.88
N ASP D 123 -8.39 40.03 -11.78
CA ASP D 123 -7.38 41.05 -11.98
C ASP D 123 -6.90 41.14 -13.43
N ALA D 124 -6.35 42.30 -13.77
CA ALA D 124 -5.77 42.58 -15.07
C ALA D 124 -4.56 41.68 -15.34
N LEU D 125 -3.70 41.54 -14.32
CA LEU D 125 -2.36 40.98 -14.43
C LEU D 125 -2.01 40.24 -13.15
N PRO D 126 -1.20 39.18 -13.24
CA PRO D 126 -0.67 38.53 -12.05
C PRO D 126 0.54 39.32 -11.52
N LYS D 127 0.78 39.23 -10.21
CA LYS D 127 2.05 39.62 -9.63
C LYS D 127 3.06 38.51 -9.91
N THR D 128 4.26 38.90 -10.34
CA THR D 128 5.32 37.96 -10.66
C THR D 128 6.40 38.01 -9.58
N ILE D 129 6.75 36.85 -9.00
CA ILE D 129 7.82 36.76 -8.03
C ILE D 129 8.75 35.58 -8.31
N PRO D 130 10.07 35.72 -8.06
CA PRO D 130 10.98 34.58 -8.21
C PRO D 130 10.61 33.41 -7.32
N MET D 131 10.55 32.21 -7.88
CA MET D 131 10.06 31.04 -7.17
C MET D 131 11.22 30.41 -6.42
N VAL D 132 11.69 31.14 -5.39
CA VAL D 132 12.82 30.75 -4.56
C VAL D 132 12.42 30.94 -3.11
N LEU D 133 12.83 30.00 -2.24
CA LEU D 133 12.62 30.09 -0.79
C LEU D 133 13.97 30.21 -0.06
N GLY D 134 14.12 31.21 0.82
CA GLY D 134 15.34 31.44 1.59
C GLY D 134 15.14 31.15 3.09
N THR D 135 16.07 30.39 3.70
CA THR D 135 15.97 29.94 5.09
C THR D 135 17.35 29.99 5.77
N GLN D 136 17.39 29.96 7.10
CA GLN D 136 18.65 29.79 7.80
C GLN D 136 19.23 28.41 7.47
N TYR D 137 20.57 28.35 7.34
CA TYR D 137 21.29 27.10 7.13
C TYR D 137 22.77 27.28 7.43
N SER D 138 23.54 26.18 7.48
CA SER D 138 24.96 26.23 7.81
C SER D 138 25.82 26.80 6.67
N GLN D 139 25.39 26.60 5.40
CA GLN D 139 26.21 26.90 4.22
C GLN D 139 25.35 27.51 3.10
N THR D 140 25.90 28.48 2.35
CA THR D 140 25.21 29.07 1.22
C THR D 140 25.33 28.18 -0.02
N GLU D 141 24.50 28.45 -1.05
CA GLU D 141 24.52 27.77 -2.35
C GLU D 141 25.94 27.69 -2.90
N SER D 142 26.60 28.86 -2.89
CA SER D 142 27.97 29.07 -3.35
C SER D 142 29.00 28.20 -2.64
N GLU D 143 28.73 27.82 -1.38
CA GLU D 143 29.67 27.11 -0.53
C GLU D 143 29.55 25.59 -0.70
N MET D 144 28.47 25.10 -1.33
CA MET D 144 28.20 23.66 -1.40
C MET D 144 28.59 23.05 -2.75
N HIS D 145 28.77 23.86 -3.81
CA HIS D 145 28.97 23.35 -5.16
C HIS D 145 30.02 24.15 -5.92
N GLU D 146 30.54 23.52 -6.99
CA GLU D 146 31.44 24.13 -7.96
C GLU D 146 30.79 25.31 -8.67
N ALA D 147 31.63 26.20 -9.21
CA ALA D 147 31.17 27.44 -9.82
C ALA D 147 30.47 27.19 -11.15
N LEU D 148 29.51 28.07 -11.52
CA LEU D 148 28.87 28.08 -12.83
C LEU D 148 29.19 29.41 -13.53
N PRO D 149 29.54 29.46 -14.83
CA PRO D 149 29.66 28.28 -15.69
C PRO D 149 30.88 27.46 -15.33
N ARG D 150 30.82 26.16 -15.64
CA ARG D 150 31.78 25.16 -15.17
C ARG D 150 33.13 25.34 -15.88
N ARG D 151 34.22 25.36 -15.10
CA ARG D 151 35.60 25.52 -15.58
C ARG D 151 36.55 24.67 -14.74
N GLN D 152 37.51 24.00 -15.39
CA GLN D 152 38.64 23.42 -14.69
C GLN D 152 39.73 24.48 -14.53
N PHE D 153 39.76 25.16 -13.37
CA PHE D 153 40.70 26.25 -13.13
C PHE D 153 42.16 25.79 -13.14
N GLU D 154 42.41 24.48 -12.88
CA GLU D 154 43.71 23.88 -13.15
C GLU D 154 43.57 22.87 -14.30
N GLY D 155 44.39 23.07 -15.35
CA GLY D 155 44.28 22.31 -16.59
C GLY D 155 45.14 22.90 -17.71
N ARG D 156 45.27 22.12 -18.80
CA ARG D 156 46.12 22.45 -19.95
C ARG D 156 45.48 23.54 -20.81
N THR D 157 45.67 24.80 -20.38
CA THR D 157 45.32 26.01 -21.13
C THR D 157 43.81 26.09 -21.34
N MET D 158 43.36 27.13 -22.07
CA MET D 158 41.95 27.39 -22.33
C MET D 158 41.23 26.15 -22.88
N GLU D 159 41.88 25.40 -23.78
CA GLU D 159 41.29 24.21 -24.39
C GLU D 159 40.84 23.19 -23.34
N GLN D 160 41.65 22.88 -22.30
CA GLN D 160 41.16 22.00 -21.24
C GLN D 160 40.26 22.75 -20.25
N GLN D 161 40.62 24.00 -19.93
CA GLN D 161 39.91 24.81 -18.93
C GLN D 161 38.40 24.88 -19.22
N TYR D 162 38.06 25.10 -20.50
CA TYR D 162 36.67 25.16 -20.96
C TYR D 162 36.20 23.84 -21.58
N GLY D 163 37.14 23.02 -22.09
CA GLY D 163 36.83 21.76 -22.77
C GLY D 163 37.01 21.87 -24.29
N GLU D 164 37.64 20.86 -24.90
CA GLU D 164 38.10 20.96 -26.28
C GLU D 164 36.93 21.12 -27.24
N GLU D 165 35.95 20.22 -27.14
CA GLU D 165 34.80 20.19 -28.03
C GLU D 165 34.02 21.50 -27.98
N TRP D 166 33.88 22.06 -26.76
CA TRP D 166 33.16 23.28 -26.53
C TRP D 166 33.87 24.44 -27.24
N VAL D 167 35.19 24.53 -27.09
CA VAL D 167 35.95 25.59 -27.75
C VAL D 167 35.89 25.45 -29.27
N LYS D 168 35.97 24.23 -29.81
CA LYS D 168 35.82 24.03 -31.24
C LYS D 168 34.42 24.39 -31.74
N LYS D 169 33.36 24.04 -31.00
CA LYS D 169 31.99 24.46 -31.33
C LYS D 169 31.89 25.99 -31.44
N TYR D 170 32.38 26.69 -30.41
CA TYR D 170 32.39 28.15 -30.40
C TYR D 170 33.09 28.71 -31.64
N GLN D 171 34.28 28.17 -31.98
CA GLN D 171 35.03 28.60 -33.16
C GLN D 171 34.21 28.40 -34.43
N LYS D 172 33.63 27.22 -34.64
CA LYS D 172 32.92 26.93 -35.87
C LYS D 172 31.70 27.84 -36.00
N MET D 173 30.92 28.03 -34.91
CA MET D 173 29.77 28.92 -34.91
C MET D 173 30.17 30.36 -35.28
N CYS D 174 31.27 30.85 -34.72
CA CYS D 174 31.77 32.17 -35.05
C CYS D 174 32.07 32.29 -36.56
N SER D 175 32.72 31.27 -37.14
CA SER D 175 32.98 31.22 -38.57
C SER D 175 31.68 31.22 -39.38
N ASP D 176 30.69 30.42 -38.96
CA ASP D 176 29.39 30.34 -39.61
C ASP D 176 28.68 31.69 -39.63
N LEU D 177 28.74 32.45 -38.52
CA LEU D 177 28.16 33.76 -38.47
C LEU D 177 28.86 34.70 -39.46
N LYS D 178 30.20 34.72 -39.50
CA LYS D 178 30.93 35.59 -40.43
C LYS D 178 30.54 35.28 -41.88
N VAL D 179 30.54 33.99 -42.24
CA VAL D 179 30.06 33.51 -43.54
C VAL D 179 28.63 33.99 -43.79
N THR D 180 27.74 33.86 -42.79
CA THR D 180 26.34 34.26 -42.91
C THR D 180 26.21 35.76 -43.16
N MET D 181 26.92 36.61 -42.39
CA MET D 181 26.85 38.05 -42.57
C MET D 181 27.33 38.48 -43.96
N ARG D 182 28.44 37.89 -44.44
CA ARG D 182 28.99 38.16 -45.77
C ARG D 182 28.02 37.71 -46.86
N ALA D 183 27.43 36.51 -46.72
CA ALA D 183 26.41 36.02 -47.63
C ALA D 183 25.14 36.90 -47.62
N ASN D 184 24.81 37.45 -46.44
CA ASN D 184 23.71 38.39 -46.24
C ASN D 184 24.09 39.84 -46.63
N LYS D 185 25.30 40.04 -47.20
CA LYS D 185 25.79 41.29 -47.77
C LYS D 185 25.85 42.41 -46.73
N LEU D 186 26.41 42.07 -45.55
CA LEU D 186 26.64 42.98 -44.43
C LEU D 186 28.14 42.99 -44.08
N LYS D 187 28.65 44.14 -43.59
CA LYS D 187 30.08 44.31 -43.32
C LYS D 187 30.57 43.48 -42.12
N VAL D 188 31.79 42.93 -42.26
CA VAL D 188 32.53 42.25 -41.20
C VAL D 188 33.97 42.77 -41.24
N LEU D 189 34.54 43.21 -40.10
CA LEU D 189 35.94 43.60 -40.07
C LEU D 189 36.83 42.36 -40.07
N PRO D 190 37.89 42.27 -40.91
CA PRO D 190 38.69 41.03 -41.03
C PRO D 190 39.26 40.49 -39.72
N ASN D 191 39.56 41.37 -38.77
CA ASN D 191 39.83 41.03 -37.38
C ASN D 191 38.92 41.86 -36.46
N SER D 192 38.36 41.21 -35.44
CA SER D 192 37.38 41.83 -34.55
C SER D 192 37.60 41.42 -33.08
N LYS D 193 37.69 40.10 -32.83
CA LYS D 193 37.93 39.57 -31.50
C LYS D 193 39.13 40.24 -30.82
N ASP D 194 40.24 40.40 -31.57
CA ASP D 194 41.49 40.96 -31.05
C ASP D 194 41.33 42.43 -30.59
N LEU D 195 40.34 43.15 -31.13
CA LEU D 195 40.03 44.51 -30.71
C LEU D 195 39.35 44.52 -29.33
N VAL D 196 38.52 43.48 -29.08
CA VAL D 196 37.73 43.30 -27.86
C VAL D 196 38.57 42.66 -26.75
N VAL D 197 39.21 41.52 -27.03
CA VAL D 197 39.89 40.69 -26.03
C VAL D 197 41.01 41.47 -25.33
N ASN D 198 41.80 42.23 -26.12
CA ASN D 198 42.92 43.00 -25.61
C ASN D 198 42.45 44.24 -24.83
N PHE D 199 41.25 44.75 -25.11
CA PHE D 199 40.64 45.79 -24.27
C PHE D 199 40.19 45.19 -22.93
N ASN D 200 39.42 44.10 -22.97
CA ASN D 200 38.82 43.48 -21.79
C ASN D 200 39.90 43.11 -20.76
N ARG D 201 40.90 42.31 -21.16
CA ARG D 201 41.87 41.73 -20.24
C ARG D 201 42.81 42.78 -19.61
N ARG D 202 42.82 44.03 -20.12
CA ARG D 202 43.72 45.08 -19.67
C ARG D 202 43.00 46.23 -18.95
N THR D 203 41.67 46.18 -18.80
CA THR D 203 40.90 47.34 -18.37
C THR D 203 41.09 47.66 -16.86
N GLU D 204 40.84 46.65 -15.99
CA GLU D 204 40.90 46.74 -14.52
C GLU D 204 39.79 47.64 -13.92
N PRO D 205 39.04 47.17 -12.89
CA PRO D 205 37.89 47.92 -12.34
C PRO D 205 38.21 49.19 -11.54
N GLU D 206 37.15 49.98 -11.31
CA GLU D 206 37.16 51.28 -10.65
C GLU D 206 36.14 51.31 -9.50
N ILE D 207 36.41 52.03 -8.40
CA ILE D 207 35.60 51.96 -7.17
C ILE D 207 35.12 53.36 -6.75
N ILE D 208 33.81 53.52 -6.43
CA ILE D 208 33.15 54.84 -6.39
C ILE D 208 32.15 55.06 -5.24
N SER D 209 31.51 54.00 -4.70
CA SER D 209 30.18 54.12 -4.09
C SER D 209 30.11 54.85 -2.74
N GLN D 210 31.25 55.00 -2.05
CA GLN D 210 31.27 55.70 -0.77
C GLN D 210 31.03 57.20 -0.95
N HIS D 211 31.34 57.73 -2.15
CA HIS D 211 31.40 59.18 -2.38
C HIS D 211 30.56 59.64 -3.57
N ASN D 212 30.55 58.88 -4.68
CA ASN D 212 29.86 59.26 -5.90
C ASN D 212 28.62 58.37 -6.09
N ASP D 213 27.47 59.00 -6.38
CA ASP D 213 26.15 58.44 -6.11
C ASP D 213 25.79 57.28 -7.05
N PRO D 214 25.64 56.02 -6.54
CA PRO D 214 25.10 54.91 -7.32
C PRO D 214 23.59 54.72 -7.12
N LEU D 215 23.02 53.73 -7.81
CA LEU D 215 21.79 53.08 -7.41
C LEU D 215 22.03 52.34 -6.09
N GLN D 216 21.39 52.77 -4.99
CA GLN D 216 21.54 52.11 -3.69
C GLN D 216 20.69 50.84 -3.61
N VAL D 217 21.35 49.67 -3.64
CA VAL D 217 20.72 48.40 -3.34
C VAL D 217 20.47 48.29 -1.83
N GLU D 218 19.49 47.46 -1.44
CA GLU D 218 19.07 47.37 -0.05
C GLU D 218 18.89 45.90 0.33
N TRP D 219 19.92 45.36 0.99
CA TRP D 219 19.97 43.96 1.38
C TRP D 219 18.88 43.68 2.41
N THR D 220 18.35 42.47 2.37
CA THR D 220 17.24 42.11 3.22
C THR D 220 17.65 42.09 4.70
N ASN D 221 16.89 42.79 5.55
CA ASN D 221 17.18 42.84 6.99
C ASN D 221 16.68 41.57 7.69
N VAL D 222 17.47 40.49 7.57
CA VAL D 222 17.05 39.16 7.97
C VAL D 222 16.71 39.05 9.46
N ASN D 223 17.17 40.01 10.28
CA ASN D 223 16.92 39.98 11.73
C ASN D 223 15.49 40.41 12.08
N LYS D 224 14.87 41.24 11.23
CA LYS D 224 13.54 41.81 11.44
C LYS D 224 12.44 40.74 11.37
N ALA D 225 11.47 40.82 12.30
CA ALA D 225 10.36 39.86 12.37
C ALA D 225 9.38 40.04 11.21
N PRO D 226 8.70 38.97 10.73
CA PRO D 226 7.69 39.13 9.68
C PRO D 226 6.43 39.85 10.18
N GLU D 227 5.88 40.73 9.34
CA GLU D 227 4.65 41.45 9.68
C GLU D 227 3.41 40.74 9.10
N ASP D 228 3.59 39.94 8.04
CA ASP D 228 2.49 39.30 7.32
C ASP D 228 2.08 37.97 7.97
N GLY D 229 1.79 38.01 9.28
CA GLY D 229 0.95 37.02 9.94
C GLY D 229 1.62 35.68 10.25
N THR D 230 2.97 35.61 10.41
CA THR D 230 3.65 34.36 10.72
C THR D 230 4.97 34.60 11.47
N THR D 231 5.48 33.57 12.17
CA THR D 231 6.59 33.71 13.12
C THR D 231 7.96 33.41 12.50
N GLN D 232 8.03 32.38 11.64
CA GLN D 232 9.28 31.87 11.07
C GLN D 232 9.95 32.90 10.17
N LYS D 233 11.27 33.13 10.32
CA LYS D 233 11.96 34.18 9.55
C LYS D 233 12.46 33.65 8.20
N VAL D 234 11.53 33.15 7.37
CA VAL D 234 11.81 32.70 6.00
C VAL D 234 11.51 33.82 5.03
N PHE D 235 12.15 33.76 3.86
CA PHE D 235 12.02 34.79 2.85
C PHE D 235 11.69 34.18 1.49
N ILE D 236 10.94 34.90 0.64
CA ILE D 236 10.63 34.42 -0.71
C ILE D 236 10.85 35.51 -1.74
N GLY D 237 10.98 35.14 -3.00
CA GLY D 237 10.94 36.13 -4.06
C GLY D 237 12.13 37.07 -4.03
N GLN D 238 11.92 38.33 -4.40
CA GLN D 238 13.03 39.28 -4.52
C GLN D 238 13.71 39.53 -3.16
N GLN D 239 12.93 39.53 -2.08
CA GLN D 239 13.49 39.64 -0.74
C GLN D 239 14.34 38.43 -0.33
N ALA D 240 14.18 37.25 -0.92
CA ALA D 240 15.12 36.14 -0.71
C ALA D 240 16.41 36.33 -1.52
N LEU D 241 16.33 36.74 -2.78
CA LEU D 241 17.50 36.91 -3.63
C LEU D 241 18.41 38.02 -3.08
N ARG D 242 17.85 39.02 -2.38
CA ARG D 242 18.67 40.13 -1.89
C ARG D 242 19.11 39.91 -0.45
N ILE D 243 19.11 38.67 0.04
CA ILE D 243 19.86 38.34 1.24
C ILE D 243 21.34 38.26 0.89
N ALA D 244 22.18 39.05 1.60
CA ALA D 244 23.62 39.08 1.42
C ALA D 244 24.26 37.71 1.70
N GLU D 245 25.44 37.43 1.13
CA GLU D 245 26.06 36.10 1.27
C GLU D 245 26.54 35.86 2.71
N ASP D 246 27.00 36.95 3.36
CA ASP D 246 27.29 36.93 4.79
C ASP D 246 26.33 37.84 5.56
N SER D 247 25.77 37.21 6.62
CA SER D 247 24.84 37.80 7.57
C SER D 247 24.95 36.98 8.87
N SER D 248 24.60 37.57 10.03
CA SER D 248 24.87 36.94 11.31
C SER D 248 24.20 35.57 11.43
N PRO D 249 22.88 35.41 11.16
CA PRO D 249 22.35 34.13 10.71
C PRO D 249 22.68 33.96 9.23
N LYS D 250 23.28 32.81 8.89
CA LYS D 250 23.65 32.44 7.53
C LYS D 250 22.43 31.87 6.82
N TYR D 251 22.15 32.33 5.57
CA TYR D 251 20.93 31.96 4.85
C TYR D 251 21.22 31.21 3.55
N LYS D 252 20.45 30.15 3.24
CA LYS D 252 20.57 29.43 1.98
C LYS D 252 19.29 29.60 1.15
N LEU D 253 19.42 29.66 -0.20
CA LEU D 253 18.26 29.73 -1.11
C LEU D 253 18.01 28.38 -1.78
N TRP D 254 16.74 28.03 -1.86
CA TRP D 254 16.30 26.78 -2.42
C TRP D 254 15.28 27.02 -3.53
N TRP D 255 15.48 26.36 -4.68
CA TRP D 255 14.54 26.42 -5.79
C TRP D 255 13.80 25.10 -5.91
N PRO D 256 12.48 25.01 -5.70
CA PRO D 256 11.81 23.71 -5.71
C PRO D 256 11.46 23.22 -7.13
N ILE D 257 11.58 24.09 -8.14
CA ILE D 257 11.40 23.72 -9.55
C ILE D 257 12.62 24.14 -10.36
N GLN D 258 13.16 23.24 -11.19
CA GLN D 258 14.20 23.55 -12.17
C GLN D 258 13.99 22.70 -13.44
N HIS D 259 14.35 23.23 -14.62
CA HIS D 259 14.16 22.56 -15.91
C HIS D 259 12.73 22.08 -16.12
N GLY D 260 11.76 22.70 -15.45
CA GLY D 260 10.38 22.34 -15.66
C GLY D 260 9.93 21.14 -14.84
N TRP D 261 10.76 20.65 -13.92
CA TRP D 261 10.32 19.57 -13.03
C TRP D 261 10.81 19.76 -11.59
N LEU D 262 10.22 18.97 -10.68
CA LEU D 262 10.55 19.06 -9.27
C LEU D 262 12.06 18.87 -9.06
N ASN D 263 12.65 19.72 -8.22
CA ASN D 263 14.11 19.85 -8.20
C ASN D 263 14.73 18.88 -7.22
N GLU D 264 14.48 17.57 -7.42
CA GLU D 264 14.98 16.50 -6.59
C GLU D 264 16.52 16.46 -6.47
N ASP D 265 17.27 16.98 -7.43
CA ASP D 265 18.73 16.95 -7.33
C ASP D 265 19.25 17.61 -6.06
N ASP D 266 18.65 18.75 -5.67
CA ASP D 266 19.18 19.59 -4.60
C ASP D 266 18.69 19.20 -3.20
N TYR D 267 17.76 18.26 -3.10
CA TYR D 267 17.05 18.02 -1.85
C TYR D 267 17.52 16.73 -1.17
N PRO D 268 17.71 16.73 0.16
CA PRO D 268 18.06 15.50 0.87
C PRO D 268 16.99 14.42 0.80
N THR D 269 15.71 14.82 0.93
CA THR D 269 14.58 13.91 1.09
C THR D 269 13.33 14.51 0.47
N ARG D 270 12.34 13.63 0.21
CA ARG D 270 11.11 14.02 -0.47
C ARG D 270 10.32 14.97 0.42
N ALA D 271 10.22 14.63 1.71
CA ALA D 271 9.39 15.37 2.64
C ALA D 271 9.86 16.83 2.68
N HIS D 272 11.17 17.03 2.66
CA HIS D 272 11.73 18.36 2.73
C HIS D 272 11.34 19.17 1.49
N LEU D 273 11.37 18.55 0.30
CA LEU D 273 10.96 19.21 -0.94
C LEU D 273 9.48 19.60 -0.94
N PHE D 274 8.59 18.72 -0.49
CA PHE D 274 7.19 19.06 -0.41
C PHE D 274 6.97 20.20 0.58
N ASP D 275 7.64 20.18 1.72
CA ASP D 275 7.53 21.25 2.69
C ASP D 275 8.03 22.58 2.11
N ASP D 276 9.05 22.59 1.25
CA ASP D 276 9.52 23.81 0.63
C ASP D 276 8.54 24.39 -0.40
N LEU D 277 7.96 23.55 -1.25
CA LEU D 277 6.98 24.03 -2.22
C LEU D 277 5.74 24.57 -1.49
N GLU D 278 5.34 23.91 -0.40
CA GLU D 278 4.25 24.40 0.42
C GLU D 278 4.60 25.74 1.09
N MET D 279 5.79 25.87 1.69
CA MET D 279 6.19 27.13 2.31
C MET D 279 6.21 28.28 1.31
N LEU D 280 6.72 28.03 0.10
CA LEU D 280 6.82 29.09 -0.89
C LEU D 280 5.44 29.57 -1.32
N LEU D 281 4.53 28.65 -1.64
CA LEU D 281 3.22 29.05 -2.10
C LEU D 281 2.47 29.71 -0.95
N ASP D 282 2.58 29.21 0.30
CA ASP D 282 1.93 29.81 1.45
C ASP D 282 2.36 31.25 1.63
N ARG D 283 3.65 31.50 1.60
CA ARG D 283 4.15 32.85 1.73
C ARG D 283 3.74 33.72 0.56
N ALA D 284 3.62 33.20 -0.67
CA ALA D 284 3.13 33.98 -1.80
C ALA D 284 1.68 34.42 -1.57
N LEU D 285 0.79 33.55 -1.03
CA LEU D 285 -0.58 33.93 -0.73
C LEU D 285 -0.58 35.06 0.29
N ARG D 286 0.20 34.95 1.37
CA ARG D 286 0.19 35.96 2.40
C ARG D 286 0.88 37.24 1.95
N ARG D 287 2.01 37.16 1.25
CA ARG D 287 2.85 38.35 1.01
C ARG D 287 2.55 39.07 -0.31
N GLU D 288 2.04 38.36 -1.34
CA GLU D 288 1.74 38.98 -2.63
C GLU D 288 0.26 39.29 -2.79
N LEU D 289 -0.62 38.35 -2.43
CA LEU D 289 -2.05 38.61 -2.50
C LEU D 289 -2.57 39.37 -1.28
N GLY D 290 -1.87 39.30 -0.14
CA GLY D 290 -2.33 39.95 1.08
C GLY D 290 -3.40 39.14 1.85
N LEU D 291 -3.58 37.86 1.51
CA LEU D 291 -4.58 37.03 2.19
C LEU D 291 -4.06 36.59 3.56
N THR D 292 -3.91 37.51 4.51
CA THR D 292 -3.08 37.26 5.68
C THR D 292 -3.72 36.27 6.66
N LYS D 293 -5.05 36.25 6.83
CA LYS D 293 -5.67 35.32 7.77
C LYS D 293 -5.89 33.92 7.17
N LYS D 294 -5.14 32.94 7.66
CA LYS D 294 -5.21 31.55 7.22
C LYS D 294 -6.63 30.96 7.31
N ALA D 295 -7.46 31.44 8.22
CA ALA D 295 -8.80 30.90 8.37
C ALA D 295 -9.69 31.20 7.16
N ASP D 296 -9.42 32.32 6.45
CA ASP D 296 -10.31 32.83 5.41
C ASP D 296 -10.11 32.11 4.08
N TRP D 297 -8.99 31.40 3.90
CA TRP D 297 -8.65 30.79 2.63
C TRP D 297 -9.70 29.76 2.17
N LYS D 298 -10.44 29.11 3.08
CA LYS D 298 -11.46 28.17 2.66
C LYS D 298 -12.55 28.78 1.75
N GLN D 299 -12.66 30.11 1.69
CA GLN D 299 -13.61 30.79 0.81
C GLN D 299 -13.11 30.89 -0.63
N TYR D 300 -11.81 30.76 -0.87
CA TYR D 300 -11.22 30.92 -2.20
C TYR D 300 -11.13 29.61 -3.01
N SER D 301 -10.95 29.75 -4.33
CA SER D 301 -10.79 28.65 -5.27
C SER D 301 -9.54 28.89 -6.13
N CYS D 302 -9.04 27.85 -6.80
CA CYS D 302 -7.71 27.89 -7.38
C CYS D 302 -7.67 27.35 -8.80
N VAL D 303 -6.97 28.05 -9.71
CA VAL D 303 -6.65 27.54 -11.03
C VAL D 303 -5.14 27.37 -11.11
N ILE D 304 -4.69 26.14 -11.43
CA ILE D 304 -3.26 25.82 -11.51
C ILE D 304 -2.89 25.44 -12.92
N VAL D 305 -1.97 26.17 -13.52
CA VAL D 305 -1.47 25.84 -14.83
C VAL D 305 -0.36 24.80 -14.73
N ILE D 306 -0.34 23.80 -15.62
CA ILE D 306 0.69 22.75 -15.65
C ILE D 306 1.31 22.61 -17.05
N PRO D 307 2.54 22.07 -17.23
CA PRO D 307 3.07 21.88 -18.58
C PRO D 307 2.30 20.85 -19.41
N ASP D 308 2.51 20.86 -20.73
CA ASP D 308 1.76 19.95 -21.59
C ASP D 308 2.15 18.47 -21.39
N LEU D 309 3.45 18.19 -21.11
CA LEU D 309 3.90 16.88 -20.69
C LEU D 309 4.16 16.85 -19.17
N TYR D 310 3.08 16.74 -18.43
CA TYR D 310 3.19 16.78 -16.98
C TYR D 310 3.73 15.46 -16.46
N ASP D 311 4.44 15.52 -15.32
CA ASP D 311 4.64 14.37 -14.45
C ASP D 311 3.39 14.24 -13.60
N LYS D 312 2.72 13.10 -13.60
CA LYS D 312 1.53 12.99 -12.77
C LYS D 312 1.81 13.11 -11.27
N ARG D 313 3.04 12.86 -10.81
CA ARG D 313 3.40 13.09 -9.41
C ARG D 313 3.38 14.59 -9.07
N TYR D 314 3.69 15.45 -10.04
CA TYR D 314 3.70 16.87 -9.79
C TYR D 314 2.30 17.45 -9.75
N VAL D 315 1.42 17.02 -10.65
CA VAL D 315 0.02 17.40 -10.59
C VAL D 315 -0.60 16.96 -9.27
N GLU D 316 -0.38 15.71 -8.88
CA GLU D 316 -1.02 15.19 -7.69
C GLU D 316 -0.38 15.74 -6.40
N LEU D 317 0.79 16.40 -6.48
CA LEU D 317 1.36 17.18 -5.37
C LEU D 317 0.61 18.51 -5.26
N LEU D 318 0.48 19.23 -6.37
CA LEU D 318 -0.12 20.55 -6.33
C LEU D 318 -1.57 20.48 -5.88
N LEU D 319 -2.29 19.45 -6.28
CA LEU D 319 -3.65 19.32 -5.80
C LEU D 319 -3.62 19.19 -4.29
N HIS D 320 -2.72 18.38 -3.75
CA HIS D 320 -2.67 18.09 -2.31
C HIS D 320 -2.31 19.34 -1.48
N LEU D 321 -1.40 20.19 -1.96
CA LEU D 321 -1.09 21.44 -1.29
C LEU D 321 -2.32 22.32 -1.18
N CYS D 322 -3.02 22.49 -2.29
CA CYS D 322 -4.18 23.36 -2.36
C CYS D 322 -5.38 22.87 -1.56
N ILE D 323 -5.52 21.58 -1.31
CA ILE D 323 -6.66 21.07 -0.60
C ILE D 323 -6.38 20.63 0.83
N GLU D 324 -5.19 20.10 1.16
CA GLU D 324 -4.94 19.70 2.54
C GLU D 324 -4.29 20.82 3.34
N PHE D 325 -3.31 21.49 2.77
CA PHE D 325 -2.57 22.51 3.49
C PHE D 325 -3.27 23.87 3.42
N PHE D 326 -3.72 24.29 2.23
CA PHE D 326 -4.39 25.57 2.09
C PHE D 326 -5.91 25.46 2.29
N ASP D 327 -6.47 24.28 2.12
CA ASP D 327 -7.91 24.04 2.27
C ASP D 327 -8.79 24.95 1.39
N LEU D 328 -8.34 25.25 0.16
CA LEU D 328 -9.15 25.96 -0.81
C LEU D 328 -10.39 25.14 -1.19
N SER D 329 -11.46 25.83 -1.64
CA SER D 329 -12.75 25.17 -1.88
C SER D 329 -12.75 24.29 -3.14
N ARG D 330 -12.02 24.73 -4.17
CA ARG D 330 -11.98 24.05 -5.46
C ARG D 330 -10.63 24.27 -6.13
N VAL D 331 -10.19 23.29 -6.92
CA VAL D 331 -8.96 23.36 -7.69
C VAL D 331 -9.25 22.92 -9.12
N ALA D 332 -8.65 23.62 -10.10
CA ALA D 332 -8.81 23.24 -11.51
C ALA D 332 -7.50 23.37 -12.25
N PHE D 333 -7.34 22.54 -13.28
CA PHE D 333 -6.08 22.50 -14.00
C PHE D 333 -6.29 22.86 -15.48
N ILE D 334 -5.27 23.40 -16.10
CA ILE D 334 -5.25 23.58 -17.53
C ILE D 334 -3.77 23.48 -18.00
N GLN D 335 -3.52 22.92 -19.18
CA GLN D 335 -2.17 22.82 -19.72
C GLN D 335 -1.68 24.17 -20.22
N GLU D 336 -0.39 24.46 -20.12
CA GLU D 336 0.23 25.71 -20.60
C GLU D 336 -0.15 26.03 -22.05
N SER D 337 -0.09 25.09 -23.00
CA SER D 337 -0.43 25.42 -24.38
C SER D 337 -1.93 25.60 -24.55
N MET D 338 -2.74 24.84 -23.82
CA MET D 338 -4.19 25.04 -23.92
C MET D 338 -4.56 26.44 -23.46
N ALA D 339 -4.03 26.80 -22.30
CA ALA D 339 -4.22 28.12 -21.75
C ALA D 339 -3.68 29.20 -22.68
N ALA D 340 -2.57 29.00 -23.36
CA ALA D 340 -2.06 30.02 -24.28
C ALA D 340 -3.08 30.41 -25.35
N THR D 341 -3.77 29.43 -25.92
CA THR D 341 -4.79 29.73 -26.89
C THR D 341 -6.00 30.44 -26.25
N PHE D 342 -6.36 30.11 -25.01
CA PHE D 342 -7.45 30.83 -24.36
C PHE D 342 -7.08 32.30 -24.08
N GLY D 343 -5.82 32.58 -23.85
CA GLY D 343 -5.39 33.94 -23.74
C GLY D 343 -5.54 34.66 -25.06
N ALA D 344 -5.25 33.97 -26.18
CA ALA D 344 -5.28 34.58 -27.51
C ALA D 344 -6.71 34.75 -28.03
N GLY D 345 -7.58 33.76 -27.78
CA GLY D 345 -8.82 33.62 -28.51
C GLY D 345 -8.62 32.92 -29.86
N TYR D 346 -7.83 31.84 -29.81
CA TYR D 346 -7.55 30.99 -30.94
C TYR D 346 -8.28 29.66 -30.78
N THR D 347 -8.84 29.15 -31.89
CA THR D 347 -9.44 27.82 -31.92
C THR D 347 -8.39 26.75 -32.22
N GLN D 348 -7.31 27.16 -32.93
CA GLN D 348 -6.34 26.26 -33.52
C GLN D 348 -5.01 26.99 -33.68
N ALA D 349 -3.93 26.42 -33.11
CA ALA D 349 -2.62 27.06 -33.13
C ALA D 349 -1.53 26.05 -32.78
N CYS D 350 -0.28 26.44 -33.10
CA CYS D 350 0.87 25.69 -32.62
C CYS D 350 1.66 26.58 -31.68
N VAL D 351 1.80 26.12 -30.42
CA VAL D 351 2.23 26.95 -29.30
C VAL D 351 3.64 26.57 -28.88
N VAL D 352 4.56 27.52 -29.01
CA VAL D 352 5.98 27.30 -28.71
C VAL D 352 6.28 28.14 -27.48
N ASP D 353 6.70 27.47 -26.41
CA ASP D 353 6.72 28.00 -25.06
C ASP D 353 8.14 27.96 -24.50
N VAL D 354 8.89 29.05 -24.64
CA VAL D 354 10.31 29.12 -24.38
C VAL D 354 10.49 29.71 -23.00
N GLY D 355 10.73 28.84 -22.01
CA GLY D 355 10.85 29.22 -20.62
C GLY D 355 12.26 29.67 -20.22
N ALA D 356 12.52 29.64 -18.91
CA ALA D 356 13.86 29.86 -18.35
C ALA D 356 14.69 28.62 -18.62
N GLN D 357 14.09 27.45 -18.42
CA GLN D 357 14.88 26.24 -18.43
C GLN D 357 14.21 25.14 -19.25
N LYS D 358 12.88 25.09 -19.30
CA LYS D 358 12.14 24.24 -20.22
C LYS D 358 11.87 25.03 -21.51
N THR D 359 11.80 24.35 -22.64
CA THR D 359 11.06 24.81 -23.80
C THR D 359 10.07 23.73 -24.20
N SER D 360 8.85 24.09 -24.56
CA SER D 360 7.89 23.06 -24.95
C SER D 360 7.07 23.50 -26.17
N ILE D 361 6.72 22.51 -27.00
CA ILE D 361 5.95 22.74 -28.19
C ILE D 361 4.76 21.78 -28.16
N SER D 362 3.56 22.29 -28.46
CA SER D 362 2.47 21.41 -28.83
C SER D 362 1.46 22.11 -29.75
N CYS D 363 0.63 21.30 -30.41
CA CYS D 363 -0.42 21.82 -31.25
C CYS D 363 -1.77 21.71 -30.56
N VAL D 364 -2.54 22.82 -30.60
CA VAL D 364 -3.86 22.88 -30.02
C VAL D 364 -4.89 22.97 -31.13
N GLU D 365 -5.90 22.12 -31.07
CA GLU D 365 -7.02 22.19 -31.98
C GLU D 365 -8.28 21.61 -31.33
N ASP D 366 -9.41 22.27 -31.65
CA ASP D 366 -10.75 21.84 -31.25
C ASP D 366 -10.80 21.59 -29.73
N GLY D 367 -10.07 22.47 -29.02
CA GLY D 367 -10.20 22.55 -27.57
C GLY D 367 -9.35 21.55 -26.79
N LEU D 368 -8.45 20.83 -27.47
CA LEU D 368 -7.49 19.94 -26.85
C LEU D 368 -6.07 20.27 -27.34
N VAL D 369 -5.06 20.05 -26.50
CA VAL D 369 -3.72 19.82 -27.02
C VAL D 369 -3.75 18.45 -27.69
N ILE D 370 -3.21 18.38 -28.91
CA ILE D 370 -3.12 17.12 -29.67
C ILE D 370 -2.11 16.21 -29.00
N GLU D 371 -2.58 15.09 -28.46
CA GLU D 371 -1.86 14.33 -27.45
C GLU D 371 -0.49 13.90 -27.96
N ASP D 372 -0.40 13.48 -29.24
CA ASP D 372 0.85 13.00 -29.81
C ASP D 372 1.81 14.08 -30.29
N SER D 373 1.39 15.34 -30.31
CA SER D 373 2.23 16.43 -30.84
C SER D 373 3.27 16.92 -29.83
N ARG D 374 3.12 16.57 -28.54
CA ARG D 374 3.83 17.22 -27.45
C ARG D 374 5.33 16.95 -27.47
N VAL D 375 6.13 18.02 -27.39
CA VAL D 375 7.58 17.95 -27.34
C VAL D 375 8.05 18.83 -26.20
N ASN D 376 9.11 18.43 -25.50
CA ASN D 376 9.57 19.08 -24.28
C ASN D 376 11.08 19.03 -24.21
N LEU D 377 11.74 20.15 -24.50
CA LEU D 377 13.20 20.23 -24.59
C LEU D 377 13.76 20.87 -23.33
N LYS D 378 14.90 20.42 -22.84
CA LYS D 378 15.40 20.90 -21.56
C LYS D 378 16.40 22.04 -21.78
N TYR D 379 15.96 23.09 -22.46
CA TYR D 379 16.72 24.35 -22.39
C TYR D 379 15.79 25.57 -22.47
N GLY D 380 16.31 26.73 -22.09
CA GLY D 380 15.55 27.96 -22.15
C GLY D 380 16.44 29.18 -21.94
N GLY D 381 15.86 30.29 -21.54
CA GLY D 381 16.62 31.53 -21.53
C GLY D 381 17.74 31.56 -20.52
N TYR D 382 17.74 30.67 -19.52
CA TYR D 382 18.80 30.61 -18.54
C TYR D 382 20.07 30.06 -19.19
N ASP D 383 19.91 29.06 -20.05
CA ASP D 383 21.04 28.49 -20.75
C ASP D 383 21.69 29.53 -21.63
N VAL D 384 20.89 30.40 -22.26
CA VAL D 384 21.46 31.51 -22.96
C VAL D 384 22.27 32.43 -22.03
N THR D 385 21.82 32.68 -20.79
CA THR D 385 22.60 33.46 -19.83
C THR D 385 23.92 32.75 -19.51
N GLU D 386 23.91 31.46 -19.12
CA GLU D 386 25.12 30.73 -18.79
C GLU D 386 26.07 30.73 -19.98
N THR D 387 25.54 30.44 -21.14
CA THR D 387 26.35 30.34 -22.34
C THR D 387 26.93 31.69 -22.70
N PHE D 388 26.15 32.77 -22.58
CA PHE D 388 26.63 34.13 -22.86
C PHE D 388 27.78 34.54 -21.94
N ILE D 389 27.67 34.27 -20.64
CA ILE D 389 28.74 34.49 -19.70
C ILE D 389 29.94 33.62 -20.09
N LYS D 390 29.74 32.32 -20.36
CA LYS D 390 30.85 31.42 -20.66
C LYS D 390 31.59 31.84 -21.94
N MET D 391 30.90 32.27 -22.99
CA MET D 391 31.52 32.77 -24.20
C MET D 391 32.35 34.03 -23.91
N MET D 392 31.81 34.96 -23.12
CA MET D 392 32.59 36.14 -22.81
C MET D 392 33.78 35.79 -21.90
N LEU D 393 33.62 34.84 -20.96
CA LEU D 393 34.74 34.43 -20.10
C LEU D 393 35.90 33.93 -20.92
N TYR D 394 35.64 33.04 -21.89
CA TYR D 394 36.65 32.55 -22.81
C TYR D 394 37.31 33.72 -23.54
N ASP D 395 36.51 34.73 -23.92
CA ASP D 395 37.06 35.96 -24.50
C ASP D 395 37.51 36.98 -23.43
N ASN D 396 38.01 36.51 -22.28
CA ASN D 396 38.64 37.32 -21.22
C ASN D 396 37.77 38.46 -20.70
N PHE D 397 36.47 38.19 -20.50
CA PHE D 397 35.56 39.02 -19.71
C PHE D 397 36.20 39.39 -18.37
N PRO D 398 36.26 40.68 -17.96
CA PRO D 398 37.14 41.10 -16.89
C PRO D 398 36.93 40.38 -15.56
N TYR D 399 35.67 40.11 -15.21
CA TYR D 399 35.33 39.57 -13.90
C TYR D 399 35.42 38.04 -13.95
N GLN D 400 36.64 37.50 -14.12
CA GLN D 400 36.84 36.06 -14.29
C GLN D 400 36.43 35.27 -13.04
N ASP D 401 36.34 35.94 -11.87
CA ASP D 401 35.91 35.28 -10.63
C ASP D 401 34.41 35.00 -10.57
N ILE D 402 33.62 35.50 -11.54
CA ILE D 402 32.16 35.38 -11.53
C ILE D 402 31.71 33.92 -11.42
N ASN D 403 30.64 33.71 -10.64
CA ASN D 403 30.11 32.40 -10.34
C ASN D 403 28.61 32.56 -10.07
N LEU D 404 27.79 32.09 -11.03
CA LEU D 404 26.35 32.29 -11.02
C LEU D 404 25.62 31.57 -9.86
N ARG D 405 26.33 30.88 -8.94
CA ARG D 405 25.70 30.42 -7.70
C ARG D 405 25.70 31.49 -6.60
N ARG D 406 26.48 32.58 -6.78
CA ARG D 406 26.45 33.73 -5.88
C ARG D 406 25.36 34.69 -6.35
N ARG D 407 24.63 35.27 -5.39
CA ARG D 407 23.34 35.88 -5.67
C ARG D 407 23.47 37.12 -6.56
N HIS D 408 24.37 38.02 -6.16
CA HIS D 408 24.67 39.22 -6.94
C HIS D 408 25.20 38.90 -8.35
N ASP D 409 25.98 37.81 -8.49
CA ASP D 409 26.44 37.35 -9.78
C ASP D 409 25.26 36.89 -10.64
N PHE D 410 24.32 36.14 -10.05
CA PHE D 410 23.17 35.65 -10.81
C PHE D 410 22.32 36.79 -11.35
N LEU D 411 22.02 37.75 -10.47
CA LEU D 411 21.26 38.92 -10.88
C LEU D 411 22.00 39.71 -11.96
N LEU D 412 23.32 39.88 -11.82
CA LEU D 412 24.11 40.57 -12.84
C LEU D 412 24.02 39.82 -14.19
N ALA D 413 24.23 38.51 -14.19
CA ALA D 413 24.21 37.72 -15.41
C ALA D 413 22.85 37.83 -16.12
N GLU D 414 21.74 37.68 -15.38
CA GLU D 414 20.41 37.85 -15.94
C GLU D 414 20.19 39.25 -16.51
N GLU D 415 20.59 40.32 -15.80
CA GLU D 415 20.49 41.68 -16.30
C GLU D 415 21.28 41.85 -17.62
N LEU D 416 22.55 41.40 -17.65
CA LEU D 416 23.38 41.52 -18.84
C LEU D 416 22.72 40.79 -20.00
N LYS D 417 22.17 39.59 -19.73
CA LYS D 417 21.49 38.81 -20.76
C LYS D 417 20.35 39.62 -21.38
N MET D 418 19.46 40.13 -20.54
CA MET D 418 18.28 40.83 -21.01
C MET D 418 18.64 42.14 -21.70
N LYS D 419 19.72 42.82 -21.29
CA LYS D 419 20.14 44.07 -21.95
C LYS D 419 20.70 43.88 -23.37
N TYR D 420 21.45 42.79 -23.64
CA TYR D 420 22.28 42.74 -24.84
C TYR D 420 21.95 41.58 -25.78
N CYS D 421 21.50 40.40 -25.30
CA CYS D 421 21.23 39.25 -26.17
C CYS D 421 20.24 39.62 -27.27
N THR D 422 20.54 39.26 -28.54
CA THR D 422 19.85 39.79 -29.70
C THR D 422 19.98 38.85 -30.88
N LEU D 423 18.86 38.34 -31.42
CA LEU D 423 18.90 37.52 -32.63
C LEU D 423 18.80 38.35 -33.93
N SER D 424 18.52 39.66 -33.82
CA SER D 424 18.59 40.60 -34.93
C SER D 424 20.02 40.71 -35.44
N GLN D 425 20.21 40.26 -36.68
CA GLN D 425 21.52 40.06 -37.28
C GLN D 425 22.17 41.38 -37.69
N ALA D 426 21.38 42.39 -38.06
CA ALA D 426 21.86 43.59 -38.75
C ALA D 426 22.55 44.61 -37.82
N ASN D 427 22.20 44.64 -36.53
CA ASN D 427 22.68 45.67 -35.62
C ASN D 427 24.01 45.29 -34.94
N ILE D 428 24.60 44.14 -35.32
CA ILE D 428 25.80 43.61 -34.70
C ILE D 428 27.03 44.43 -35.08
N SER D 429 27.89 44.70 -34.08
CA SER D 429 29.13 45.47 -34.25
C SER D 429 29.99 45.34 -32.99
N VAL D 430 31.24 45.81 -33.04
CA VAL D 430 32.04 45.95 -31.83
C VAL D 430 31.42 47.07 -30.99
N GLN D 431 31.01 46.74 -29.75
CA GLN D 431 30.33 47.69 -28.87
C GLN D 431 30.92 47.63 -27.46
N ALA D 432 30.99 48.80 -26.82
CA ALA D 432 31.54 48.93 -25.48
C ALA D 432 30.43 49.28 -24.48
N PHE D 433 30.47 48.65 -23.29
CA PHE D 433 29.49 48.86 -22.24
C PHE D 433 30.15 48.69 -20.86
N ASP D 434 29.35 48.84 -19.79
CA ASP D 434 29.88 48.73 -18.44
C ASP D 434 28.83 48.20 -17.46
N PHE D 435 29.29 47.62 -16.34
CA PHE D 435 28.41 47.11 -15.30
C PHE D 435 29.00 47.26 -13.90
N HIS D 436 28.11 47.32 -12.90
CA HIS D 436 28.49 47.54 -11.51
C HIS D 436 28.26 46.27 -10.69
N LEU D 437 29.33 45.80 -10.05
CA LEU D 437 29.26 44.66 -9.17
C LEU D 437 29.02 45.19 -7.76
N ARG D 438 27.74 45.34 -7.39
CA ARG D 438 27.35 45.74 -6.05
C ARG D 438 27.31 44.48 -5.17
N ALA D 439 28.52 44.00 -4.84
CA ALA D 439 28.68 42.89 -3.92
C ALA D 439 28.30 43.34 -2.51
N PRO D 440 27.86 42.43 -1.61
CA PRO D 440 27.51 42.80 -0.24
C PRO D 440 28.73 43.24 0.58
N ASN D 441 28.54 44.30 1.38
CA ASN D 441 29.48 44.83 2.37
C ASN D 441 30.90 45.03 1.82
N GLN D 442 30.99 45.41 0.54
CA GLN D 442 32.23 45.78 -0.12
C GLN D 442 31.95 46.96 -1.05
N PRO D 443 32.82 48.00 -1.14
CA PRO D 443 32.61 49.11 -2.07
C PRO D 443 32.39 48.65 -3.51
N THR D 444 31.51 49.36 -4.22
CA THR D 444 31.02 48.95 -5.53
C THR D 444 32.12 49.08 -6.58
N ARG D 445 32.30 48.00 -7.36
CA ARG D 445 33.30 47.91 -8.42
C ARG D 445 32.63 48.05 -9.79
N LYS D 446 33.17 48.96 -10.62
CA LYS D 446 32.70 49.23 -11.96
C LYS D 446 33.68 48.67 -12.98
N TYR D 447 33.16 47.89 -13.94
CA TYR D 447 33.95 47.33 -15.04
C TYR D 447 33.47 47.86 -16.39
N GLN D 448 34.36 48.44 -17.21
CA GLN D 448 34.10 48.51 -18.65
C GLN D 448 34.41 47.16 -19.28
N PHE D 449 33.72 46.87 -20.39
CA PHE D 449 33.98 45.68 -21.20
C PHE D 449 33.47 45.90 -22.64
N LYS D 450 33.92 45.02 -23.55
CA LYS D 450 33.47 45.00 -24.94
C LYS D 450 32.95 43.62 -25.30
N PHE D 451 32.02 43.60 -26.28
CA PHE D 451 31.52 42.39 -26.92
C PHE D 451 31.42 42.60 -28.45
N TYR D 452 31.25 41.49 -29.20
CA TYR D 452 31.10 41.55 -30.65
C TYR D 452 30.03 40.58 -31.16
N ASP D 453 30.06 39.28 -30.76
CA ASP D 453 29.17 38.29 -31.36
C ASP D 453 28.62 37.25 -30.35
N GLU D 454 29.17 37.23 -29.14
CA GLU D 454 28.60 36.48 -28.03
C GLU D 454 27.10 36.79 -27.88
N VAL D 455 26.73 38.05 -28.13
CA VAL D 455 25.36 38.53 -28.01
C VAL D 455 24.40 37.86 -28.98
N ILE D 456 24.89 37.26 -30.08
CA ILE D 456 24.02 36.53 -31.01
C ILE D 456 24.28 35.01 -31.00
N LEU D 457 25.53 34.57 -30.81
CA LEU D 457 25.85 33.15 -30.84
C LEU D 457 25.28 32.44 -29.63
N ALA D 458 25.20 33.11 -28.47
CA ALA D 458 24.64 32.47 -27.28
C ALA D 458 23.13 32.24 -27.48
N PRO D 459 22.31 33.23 -27.91
CA PRO D 459 20.93 32.98 -28.30
C PRO D 459 20.74 31.92 -29.39
N MET D 460 21.62 31.93 -30.41
CA MET D 460 21.49 31.06 -31.57
C MET D 460 21.66 29.58 -31.18
N GLY D 461 22.08 29.32 -29.93
CA GLY D 461 22.16 27.98 -29.36
C GLY D 461 20.85 27.19 -29.43
N PHE D 462 19.71 27.86 -29.58
CA PHE D 462 18.45 27.13 -29.80
C PHE D 462 18.46 26.28 -31.09
N TYR D 463 19.34 26.62 -32.05
CA TYR D 463 19.42 25.93 -33.35
C TYR D 463 20.66 25.01 -33.44
N ASP D 464 21.49 24.94 -32.39
CA ASP D 464 22.42 23.84 -32.16
C ASP D 464 22.70 23.71 -30.67
N PRO D 465 21.86 22.97 -29.91
CA PRO D 465 21.96 22.95 -28.45
C PRO D 465 23.17 22.26 -27.84
N SER D 466 24.10 21.76 -28.67
CA SER D 466 25.32 21.13 -28.18
C SER D 466 26.23 22.09 -27.41
N ILE D 467 26.08 23.42 -27.59
CA ILE D 467 26.88 24.38 -26.85
C ILE D 467 26.36 24.66 -25.45
N PHE D 468 25.11 24.30 -25.16
CA PHE D 468 24.59 24.44 -23.81
C PHE D 468 25.19 23.38 -22.88
N ASP D 469 25.40 23.74 -21.62
CA ASP D 469 26.05 22.88 -20.64
C ASP D 469 25.04 21.87 -20.10
N ASN D 470 24.63 20.93 -20.97
CA ASN D 470 23.60 19.95 -20.67
C ASN D 470 24.10 18.78 -19.83
N SER D 471 25.38 18.84 -19.40
CA SER D 471 26.11 17.73 -18.79
C SER D 471 25.47 17.18 -17.51
N THR D 472 24.78 18.04 -16.74
CA THR D 472 24.25 17.63 -15.44
C THR D 472 22.73 17.82 -15.30
N LYS D 473 22.01 18.11 -16.39
CA LYS D 473 20.57 18.35 -16.31
C LYS D 473 19.83 17.11 -15.85
N LEU D 474 20.35 15.94 -16.21
CA LEU D 474 19.65 14.70 -15.96
C LEU D 474 19.99 14.17 -14.57
N ARG D 475 20.95 14.80 -13.88
CA ARG D 475 21.39 14.28 -12.58
C ARG D 475 20.24 14.32 -11.58
N GLY D 476 20.01 13.21 -10.89
CA GLY D 476 19.00 13.18 -9.85
C GLY D 476 17.57 13.05 -10.36
N ARG D 477 17.34 12.81 -11.67
CA ARG D 477 15.99 12.90 -12.22
C ARG D 477 15.06 11.75 -11.76
N ARG D 478 15.54 10.75 -11.03
CA ARG D 478 14.58 9.95 -10.26
C ARG D 478 15.04 9.68 -8.82
N LYS D 479 15.77 10.65 -8.22
CA LYS D 479 16.45 10.44 -6.95
C LYS D 479 15.50 10.22 -5.77
N LEU D 480 14.38 10.97 -5.72
CA LEU D 480 13.50 11.05 -4.55
C LEU D 480 12.09 10.58 -4.90
N ILE D 481 11.61 10.98 -6.09
CA ILE D 481 10.24 10.76 -6.54
C ILE D 481 10.28 9.83 -7.75
N ASP D 482 9.62 8.69 -7.65
CA ASP D 482 9.64 7.71 -8.71
C ASP D 482 8.84 8.19 -9.92
N ARG D 483 9.03 7.52 -11.05
CA ARG D 483 8.18 7.62 -12.22
C ARG D 483 6.74 7.25 -11.81
N SER D 484 5.73 7.86 -12.43
CA SER D 484 4.35 7.54 -12.07
C SER D 484 3.94 6.20 -12.64
N TYR D 485 3.32 5.35 -11.81
CA TYR D 485 2.78 4.08 -12.29
C TYR D 485 1.27 4.07 -12.10
N ASN D 486 0.60 3.34 -12.97
CA ASN D 486 -0.82 3.11 -12.82
C ASN D 486 -1.13 2.51 -11.43
N ALA D 487 -2.16 3.05 -10.79
CA ALA D 487 -2.57 2.73 -9.43
C ALA D 487 -2.93 1.27 -9.20
N TYR D 488 -3.31 0.53 -10.25
CA TYR D 488 -3.71 -0.86 -10.10
C TYR D 488 -2.65 -1.84 -10.61
N ASP D 489 -1.66 -1.35 -11.38
CA ASP D 489 -0.75 -2.22 -12.11
C ASP D 489 0.63 -1.57 -12.11
N VAL D 490 1.36 -1.75 -11.00
CA VAL D 490 2.42 -0.83 -10.61
C VAL D 490 3.70 -1.01 -11.44
N ASP D 491 3.75 -2.01 -12.34
CA ASP D 491 4.81 -2.13 -13.32
C ASP D 491 4.49 -1.42 -14.65
N MET D 492 3.34 -0.75 -14.77
CA MET D 492 2.98 -0.03 -15.98
C MET D 492 3.08 1.47 -15.74
N PRO D 493 3.97 2.20 -16.43
CA PRO D 493 4.02 3.65 -16.33
C PRO D 493 2.73 4.32 -16.81
N ASP D 494 2.37 5.42 -16.11
CA ASP D 494 1.13 6.15 -16.39
C ASP D 494 1.42 7.61 -16.69
N ASP D 495 2.69 8.00 -16.74
CA ASP D 495 3.00 9.34 -17.22
C ASP D 495 2.65 9.41 -18.70
N PRO D 496 2.18 10.58 -19.19
CA PRO D 496 1.96 10.83 -20.61
C PRO D 496 3.15 10.52 -21.51
N THR D 497 2.82 10.18 -22.77
CA THR D 497 3.85 9.97 -23.78
C THR D 497 3.33 10.47 -25.12
N SER D 498 4.28 10.84 -25.98
CA SER D 498 3.96 11.39 -27.27
C SER D 498 4.94 10.91 -28.32
N SER D 499 4.40 10.61 -29.48
CA SER D 499 5.21 10.20 -30.61
C SER D 499 6.29 11.23 -30.91
N ALA D 500 5.96 12.52 -30.82
CA ALA D 500 6.90 13.58 -31.14
C ALA D 500 8.09 13.58 -30.18
N GLN D 501 7.88 13.27 -28.90
CA GLN D 501 8.97 13.27 -27.93
C GLN D 501 9.87 12.08 -28.19
N LEU D 502 9.27 10.90 -28.45
CA LEU D 502 10.04 9.69 -28.75
C LEU D 502 10.85 9.87 -30.03
N ALA D 503 10.31 10.56 -31.05
CA ALA D 503 11.08 10.88 -32.25
C ALA D 503 12.32 11.72 -31.96
N ILE D 504 12.24 12.62 -30.98
CA ILE D 504 13.38 13.42 -30.55
C ILE D 504 14.34 12.62 -29.66
N LEU D 505 13.87 11.69 -28.83
CA LEU D 505 14.79 10.81 -28.11
C LEU D 505 15.59 9.99 -29.13
N ALA D 506 14.90 9.38 -30.10
CA ALA D 506 15.54 8.60 -31.14
C ALA D 506 16.56 9.42 -31.94
N MET D 507 16.35 10.73 -32.03
CA MET D 507 17.24 11.62 -32.77
C MET D 507 18.58 11.79 -32.01
N VAL D 508 18.57 11.67 -30.68
CA VAL D 508 19.78 11.79 -29.87
C VAL D 508 20.45 10.42 -29.69
N GLN D 509 19.65 9.37 -29.48
CA GLN D 509 20.17 8.03 -29.20
C GLN D 509 19.28 6.96 -29.85
N PRO D 510 19.69 6.37 -31.01
CA PRO D 510 18.88 5.39 -31.73
C PRO D 510 18.37 4.22 -30.88
N SER D 511 17.03 4.08 -30.92
CA SER D 511 16.23 3.32 -29.96
C SER D 511 15.11 2.57 -30.69
N GLN D 618 11.99 -9.83 -25.18
CA GLN D 618 11.20 -8.57 -25.13
C GLN D 618 11.22 -7.98 -23.72
N ARG D 619 11.62 -6.71 -23.61
CA ARG D 619 11.68 -5.97 -22.34
C ARG D 619 10.31 -5.43 -21.92
N SER D 620 10.17 -5.17 -20.62
CA SER D 620 8.97 -4.61 -20.01
C SER D 620 8.83 -3.11 -20.32
N ALA D 621 7.62 -2.57 -20.19
CA ALA D 621 7.41 -1.13 -20.32
C ALA D 621 8.21 -0.34 -19.29
N LYS D 622 8.41 -0.92 -18.09
CA LYS D 622 9.19 -0.32 -17.02
C LYS D 622 10.65 -0.13 -17.45
N GLU D 623 11.24 -1.18 -18.04
CA GLU D 623 12.60 -1.13 -18.55
C GLU D 623 12.74 -0.18 -19.74
N ILE D 624 11.78 -0.18 -20.67
CA ILE D 624 11.81 0.73 -21.80
C ILE D 624 11.74 2.20 -21.35
N ALA D 625 10.83 2.50 -20.42
CA ALA D 625 10.70 3.84 -19.86
C ALA D 625 11.99 4.25 -19.15
N ALA D 626 12.61 3.31 -18.40
CA ALA D 626 13.87 3.55 -17.73
C ALA D 626 15.00 3.84 -18.71
N GLU D 627 14.96 3.24 -19.91
CA GLU D 627 15.96 3.55 -20.93
C GLU D 627 15.72 4.95 -21.50
N ARG D 628 14.48 5.31 -21.83
CA ARG D 628 14.15 6.64 -22.34
C ARG D 628 14.51 7.74 -21.32
N ASP D 629 14.19 7.51 -20.03
CA ASP D 629 14.53 8.39 -18.93
C ASP D 629 16.03 8.69 -18.89
N ALA D 630 16.86 7.78 -19.40
CA ALA D 630 18.31 7.93 -19.33
C ALA D 630 18.88 8.80 -20.46
N VAL D 631 18.04 9.26 -21.40
CA VAL D 631 18.43 10.19 -22.45
C VAL D 631 17.80 11.56 -22.17
N LEU D 632 18.61 12.63 -22.17
CA LEU D 632 18.04 13.97 -22.04
C LEU D 632 17.42 14.42 -23.36
N PRO D 633 16.12 14.81 -23.40
CA PRO D 633 15.51 15.31 -24.63
C PRO D 633 16.07 16.67 -25.00
N ILE D 634 16.78 16.67 -26.14
CA ILE D 634 17.40 17.84 -26.71
C ILE D 634 17.32 17.74 -28.24
N ALA D 635 16.99 18.86 -28.91
CA ALA D 635 16.94 18.94 -30.35
C ALA D 635 16.96 20.40 -30.76
N PRO D 636 17.34 20.72 -32.00
CA PRO D 636 17.18 22.09 -32.52
C PRO D 636 15.72 22.51 -32.45
N LEU D 637 15.49 23.82 -32.28
CA LEU D 637 14.13 24.35 -32.08
C LEU D 637 13.26 24.20 -33.32
N ASP D 638 13.85 24.47 -34.49
CA ASP D 638 13.16 24.36 -35.77
C ASP D 638 12.72 22.90 -36.04
N VAL D 639 13.66 21.97 -35.85
CA VAL D 639 13.40 20.55 -36.04
C VAL D 639 12.34 20.06 -35.07
N ALA D 640 12.34 20.57 -33.84
CA ALA D 640 11.38 20.16 -32.83
C ALA D 640 9.98 20.60 -33.26
N ILE D 641 9.83 21.85 -33.75
CA ILE D 641 8.54 22.33 -34.25
C ILE D 641 8.03 21.44 -35.37
N LEU D 642 8.82 21.20 -36.42
CA LEU D 642 8.34 20.41 -37.54
C LEU D 642 8.01 18.99 -37.10
N THR D 643 8.79 18.41 -36.17
CA THR D 643 8.54 17.09 -35.64
C THR D 643 7.24 17.04 -34.86
N SER D 644 6.92 18.13 -34.16
CA SER D 644 5.67 18.24 -33.42
C SER D 644 4.50 18.30 -34.40
N ILE D 645 4.63 19.14 -35.42
CA ILE D 645 3.59 19.39 -36.41
C ILE D 645 3.34 18.15 -37.29
N GLN D 646 4.36 17.42 -37.74
CA GLN D 646 4.12 16.21 -38.52
C GLN D 646 3.32 15.17 -37.72
N HIS D 647 3.65 14.94 -36.45
CA HIS D 647 2.85 14.06 -35.60
C HIS D 647 1.47 14.65 -35.28
N ALA D 648 1.33 15.99 -35.29
CA ALA D 648 0.06 16.64 -35.04
C ALA D 648 -0.91 16.39 -36.19
N ALA D 649 -0.40 16.57 -37.42
CA ALA D 649 -1.16 16.39 -38.64
C ALA D 649 -1.42 14.90 -38.92
N LYS D 650 -0.44 14.04 -38.59
CA LYS D 650 -0.50 12.59 -38.77
C LYS D 650 -0.63 12.24 -40.26
N GLY D 651 0.25 12.83 -41.09
CA GLY D 651 0.32 12.55 -42.51
C GLY D 651 -0.84 13.17 -43.30
N ASP D 652 -0.97 14.49 -43.20
CA ASP D 652 -2.04 15.23 -43.84
C ASP D 652 -1.52 16.63 -44.16
N GLU D 653 -1.26 16.90 -45.45
CA GLU D 653 -0.61 18.16 -45.82
C GLU D 653 -1.52 19.36 -45.58
N LYS D 654 -2.85 19.18 -45.60
CA LYS D 654 -3.75 20.30 -45.32
C LYS D 654 -3.64 20.71 -43.85
N LYS D 655 -3.65 19.73 -42.92
CA LYS D 655 -3.48 20.01 -41.49
C LYS D 655 -2.13 20.68 -41.21
N VAL D 656 -1.05 20.19 -41.85
CA VAL D 656 0.24 20.86 -41.78
C VAL D 656 0.11 22.31 -42.27
N ARG D 657 -0.47 22.52 -43.44
CA ARG D 657 -0.53 23.84 -44.04
C ARG D 657 -1.38 24.84 -43.25
N GLU D 658 -2.29 24.36 -42.38
CA GLU D 658 -2.98 25.22 -41.43
C GLU D 658 -2.11 25.54 -40.21
N LEU D 659 -1.57 24.50 -39.55
CA LEU D 659 -0.79 24.68 -38.32
C LEU D 659 0.46 25.54 -38.54
N VAL D 660 1.19 25.33 -39.64
CA VAL D 660 2.43 26.05 -39.90
C VAL D 660 2.21 27.54 -40.17
N GLY D 661 0.98 27.91 -40.55
CA GLY D 661 0.62 29.31 -40.66
C GLY D 661 0.09 29.91 -39.36
N SER D 662 0.25 29.17 -38.27
CA SER D 662 -0.43 29.47 -36.99
C SER D 662 0.53 29.31 -35.81
N ILE D 663 1.82 29.66 -35.99
CA ILE D 663 2.81 29.54 -34.93
C ILE D 663 2.65 30.72 -33.99
N MET D 664 2.48 30.37 -32.71
CA MET D 664 2.28 31.30 -31.61
C MET D 664 3.41 31.09 -30.61
N VAL D 665 4.18 32.16 -30.33
CA VAL D 665 5.32 32.05 -29.44
C VAL D 665 5.02 32.74 -28.12
N VAL D 666 5.27 32.04 -27.00
CA VAL D 666 4.99 32.51 -25.64
C VAL D 666 6.15 32.17 -24.70
N GLY D 667 6.12 32.72 -23.49
CA GLY D 667 7.10 32.38 -22.47
C GLY D 667 8.24 33.40 -22.41
N GLY D 668 8.85 33.57 -21.24
CA GLY D 668 9.74 34.70 -21.04
C GLY D 668 11.00 34.59 -21.87
N GLY D 669 11.48 33.35 -22.08
CA GLY D 669 12.67 33.12 -22.87
C GLY D 669 12.57 33.62 -24.30
N ALA D 670 11.34 33.72 -24.80
CA ALA D 670 11.07 34.19 -26.14
C ALA D 670 11.23 35.70 -26.27
N LYS D 671 11.42 36.44 -25.20
CA LYS D 671 11.38 37.89 -25.28
C LYS D 671 12.65 38.52 -25.87
N ILE D 672 13.66 37.70 -26.23
CA ILE D 672 14.87 38.14 -26.91
C ILE D 672 14.51 38.79 -28.25
N PRO D 673 15.04 39.98 -28.60
CA PRO D 673 14.68 40.67 -29.85
C PRO D 673 14.82 39.84 -31.12
N HIS D 674 13.80 39.96 -31.97
CA HIS D 674 13.66 39.32 -33.26
C HIS D 674 13.60 37.81 -33.18
N PHE D 675 13.11 37.28 -32.05
CA PHE D 675 13.04 35.83 -31.90
C PHE D 675 12.07 35.20 -32.93
N ALA D 676 10.87 35.77 -33.03
CA ALA D 676 9.82 35.22 -33.89
C ALA D 676 10.21 35.26 -35.37
N PRO D 677 10.68 36.40 -35.95
CA PRO D 677 11.17 36.41 -37.33
C PRO D 677 12.27 35.38 -37.59
N PHE D 678 13.19 35.21 -36.63
CA PHE D 678 14.32 34.31 -36.82
C PHE D 678 13.85 32.85 -36.87
N LEU D 679 12.89 32.49 -36.02
CA LEU D 679 12.29 31.16 -36.02
C LEU D 679 11.52 30.85 -37.31
N GLU D 680 10.81 31.85 -37.84
CA GLU D 680 10.13 31.72 -39.13
C GLU D 680 11.13 31.45 -40.23
N GLU D 681 12.21 32.26 -40.31
CA GLU D 681 13.23 32.11 -41.34
C GLU D 681 13.85 30.72 -41.26
N LYS D 682 14.17 30.24 -40.06
CA LYS D 682 14.76 28.91 -39.92
C LYS D 682 13.82 27.80 -40.39
N LEU D 683 12.50 27.91 -40.16
CA LEU D 683 11.58 26.92 -40.72
C LEU D 683 11.46 27.03 -42.26
N LYS D 684 11.39 28.26 -42.80
CA LYS D 684 11.31 28.49 -44.23
C LYS D 684 12.49 27.85 -44.97
N ILE D 685 13.72 28.00 -44.47
CA ILE D 685 14.90 27.44 -45.15
C ILE D 685 15.05 25.93 -44.88
N ARG D 686 14.18 25.32 -44.06
CA ARG D 686 14.16 23.88 -43.89
C ARG D 686 13.04 23.19 -44.70
N ARG D 687 11.93 23.89 -45.00
CA ARG D 687 10.78 23.31 -45.71
C ARG D 687 10.27 24.20 -46.85
N PRO D 688 10.91 24.14 -48.04
CA PRO D 688 10.48 24.93 -49.19
C PRO D 688 9.03 24.68 -49.62
N ASP D 689 8.51 23.48 -49.34
CA ASP D 689 7.14 23.06 -49.64
C ASP D 689 6.10 23.81 -48.80
N LEU D 690 6.54 24.53 -47.76
CA LEU D 690 5.67 25.29 -46.87
C LEU D 690 6.06 26.76 -46.77
N ALA D 691 7.15 27.18 -47.44
CA ALA D 691 7.86 28.42 -47.15
C ALA D 691 7.00 29.68 -47.33
N ASP D 692 6.05 29.65 -48.28
CA ASP D 692 5.21 30.80 -48.54
C ASP D 692 4.06 30.91 -47.52
N ARG D 693 3.73 29.81 -46.82
CA ARG D 693 2.63 29.78 -45.85
C ARG D 693 3.09 30.01 -44.41
N ILE D 694 4.39 29.88 -44.10
CA ILE D 694 4.87 29.95 -42.73
C ILE D 694 4.67 31.34 -42.16
N LEU D 695 4.07 31.40 -40.95
CA LEU D 695 3.85 32.65 -40.25
C LEU D 695 4.02 32.44 -38.75
N VAL D 696 4.93 33.21 -38.14
CA VAL D 696 5.19 33.15 -36.71
C VAL D 696 4.81 34.49 -36.07
N SER D 697 3.95 34.40 -35.05
CA SER D 697 3.42 35.52 -34.29
C SER D 697 3.86 35.42 -32.82
N ARG D 698 4.39 36.52 -32.27
CA ARG D 698 4.70 36.58 -30.85
C ARG D 698 3.45 36.99 -30.06
N SER D 699 3.26 36.36 -28.88
CA SER D 699 2.20 36.73 -27.98
C SER D 699 0.82 36.60 -28.62
N ALA D 700 -0.18 37.27 -28.03
CA ALA D 700 -1.49 37.50 -28.62
C ALA D 700 -2.07 38.81 -28.08
N ARG D 701 -2.88 39.52 -28.90
CA ARG D 701 -3.69 40.65 -28.46
C ARG D 701 -2.97 41.61 -27.49
N GLU D 702 -1.75 42.02 -27.89
CA GLU D 702 -0.93 43.05 -27.26
C GLU D 702 -0.59 42.75 -25.80
N MET D 703 -0.75 41.50 -25.36
CA MET D 703 -0.24 41.07 -24.06
C MET D 703 1.28 40.92 -24.11
N ASP D 704 1.85 40.87 -22.90
CA ASP D 704 3.25 40.51 -22.74
C ASP D 704 3.40 38.99 -22.75
N GLU D 705 4.48 38.48 -23.38
CA GLU D 705 4.60 37.06 -23.70
C GLU D 705 4.61 36.18 -22.46
N GLN D 706 4.95 36.77 -21.31
CA GLN D 706 5.03 36.08 -20.04
C GLN D 706 3.65 35.78 -19.45
N VAL D 707 2.66 36.64 -19.75
CA VAL D 707 1.39 36.63 -19.05
C VAL D 707 0.27 35.99 -19.89
N VAL D 708 0.48 35.68 -21.17
CA VAL D 708 -0.58 35.17 -22.03
C VAL D 708 -1.14 33.90 -21.43
N VAL D 709 -0.26 33.05 -20.89
CA VAL D 709 -0.71 31.78 -20.34
C VAL D 709 -1.59 32.04 -19.12
N TRP D 710 -1.17 33.00 -18.29
CA TRP D 710 -1.91 33.34 -17.08
C TRP D 710 -3.28 33.92 -17.43
N LYS D 711 -3.33 34.88 -18.36
CA LYS D 711 -4.59 35.46 -18.78
C LYS D 711 -5.56 34.37 -19.21
N GLY D 712 -5.10 33.42 -20.02
CA GLY D 712 -5.87 32.29 -20.48
C GLY D 712 -6.46 31.51 -19.32
N ALA D 713 -5.64 31.24 -18.32
CA ALA D 713 -6.09 30.46 -17.18
C ALA D 713 -7.17 31.24 -16.42
N SER D 714 -7.07 32.60 -16.39
CA SER D 714 -8.08 33.43 -15.75
C SER D 714 -9.40 33.36 -16.54
N VAL D 715 -9.37 33.42 -17.88
CA VAL D 715 -10.59 33.30 -18.67
C VAL D 715 -11.24 31.94 -18.40
N PHE D 716 -10.44 30.89 -18.29
CA PHE D 716 -10.95 29.58 -17.97
C PHE D 716 -11.60 29.55 -16.59
N ALA D 717 -11.13 30.36 -15.65
CA ALA D 717 -11.74 30.46 -14.34
C ALA D 717 -13.14 31.05 -14.47
N LYS D 718 -13.21 32.20 -15.16
CA LYS D 718 -14.42 33.02 -15.24
C LYS D 718 -15.54 32.36 -16.04
N LEU D 719 -15.24 31.62 -17.10
CA LEU D 719 -16.28 31.17 -18.03
C LEU D 719 -17.19 30.05 -17.50
N SER D 720 -18.46 30.11 -17.92
CA SER D 720 -19.62 29.52 -17.26
C SER D 720 -19.65 28.00 -17.39
N THR D 721 -19.04 27.49 -18.47
CA THR D 721 -19.21 26.13 -18.97
C THR D 721 -18.20 25.15 -18.36
N ASN D 722 -17.18 25.70 -17.69
CA ASN D 722 -16.13 24.94 -17.05
C ASN D 722 -16.68 24.19 -15.83
N ASP D 723 -16.79 22.87 -15.98
CA ASP D 723 -17.11 21.96 -14.89
C ASP D 723 -15.89 21.18 -14.42
N SER D 724 -14.67 21.65 -14.77
CA SER D 724 -13.41 20.96 -14.58
C SER D 724 -12.90 21.02 -13.13
N TRP D 725 -13.64 21.65 -12.23
CA TRP D 725 -13.22 21.86 -10.85
C TRP D 725 -13.30 20.59 -10.03
N VAL D 726 -12.19 20.24 -9.37
CA VAL D 726 -12.22 19.27 -8.29
C VAL D 726 -12.59 20.04 -7.03
N THR D 727 -13.70 19.66 -6.40
CA THR D 727 -14.08 20.27 -5.15
C THR D 727 -13.29 19.66 -4.01
N ASN D 728 -13.24 20.41 -2.91
CA ASN D 728 -12.59 19.97 -1.68
C ASN D 728 -13.19 18.66 -1.19
N TYR D 729 -14.50 18.53 -1.21
CA TYR D 729 -15.16 17.31 -0.76
C TYR D 729 -14.81 16.11 -1.64
N GLU D 730 -14.66 16.29 -2.96
CA GLU D 730 -14.22 15.18 -3.78
C GLU D 730 -12.83 14.70 -3.33
N TYR D 731 -11.86 15.60 -3.22
CA TYR D 731 -10.49 15.19 -2.99
C TYR D 731 -10.31 14.57 -1.60
N LYS D 732 -11.03 15.06 -0.60
CA LYS D 732 -11.03 14.41 0.70
C LYS D 732 -11.50 12.98 0.60
N MET D 733 -12.46 12.69 -0.29
CA MET D 733 -13.06 11.36 -0.41
C MET D 733 -12.21 10.42 -1.26
N LEU D 734 -11.76 10.92 -2.41
CA LEU D 734 -11.26 10.04 -3.45
C LEU D 734 -9.88 10.45 -3.97
N GLY D 735 -9.23 11.43 -3.37
CA GLY D 735 -7.86 11.77 -3.72
C GLY D 735 -7.70 12.01 -5.21
N SER D 736 -6.54 11.64 -5.79
CA SER D 736 -6.27 11.98 -7.17
C SER D 736 -7.17 11.22 -8.16
N ARG D 737 -7.97 10.25 -7.70
CA ARG D 737 -8.87 9.50 -8.58
C ARG D 737 -9.87 10.44 -9.26
N CYS D 738 -10.30 11.49 -8.60
CA CYS D 738 -11.28 12.39 -9.17
C CYS D 738 -10.71 13.26 -10.30
N ILE D 739 -9.38 13.47 -10.41
CA ILE D 739 -8.83 14.19 -11.56
C ILE D 739 -9.23 13.52 -12.89
N TYR D 740 -9.10 12.19 -12.99
CA TYR D 740 -9.49 11.39 -14.13
C TYR D 740 -10.98 11.56 -14.50
N MET D 741 -11.84 11.86 -13.53
CA MET D 741 -13.26 12.07 -13.77
C MET D 741 -13.56 13.47 -14.32
N LYS D 742 -12.67 14.45 -14.08
CA LYS D 742 -13.07 15.83 -14.13
C LYS D 742 -12.32 16.62 -15.19
N LEU D 743 -11.05 16.32 -15.51
CA LEU D 743 -10.35 17.14 -16.47
C LEU D 743 -11.00 17.13 -17.86
N LEU D 744 -10.54 18.08 -18.68
CA LEU D 744 -10.96 18.23 -20.07
C LEU D 744 -9.94 17.57 -21.01
N TRP D 745 -9.27 16.51 -20.53
CA TRP D 745 -8.47 15.62 -21.36
C TRP D 745 -8.25 14.29 -20.67
N HIS D 746 -7.81 13.29 -21.45
CA HIS D 746 -7.47 11.98 -20.92
C HIS D 746 -6.22 12.08 -20.09
N TYR D 747 -6.35 11.99 -18.76
CA TYR D 747 -5.25 12.33 -17.86
C TYR D 747 -4.13 11.27 -17.89
N GLU E 4 -35.64 -0.31 -10.17
CA GLU E 4 -35.63 -1.00 -8.85
C GLU E 4 -34.39 -0.58 -8.06
N VAL E 5 -34.51 -0.58 -6.72
CA VAL E 5 -33.56 0.09 -5.84
C VAL E 5 -32.32 -0.76 -5.54
N ALA E 6 -31.20 -0.06 -5.28
CA ALA E 6 -29.92 -0.67 -4.98
C ALA E 6 -29.84 -1.16 -3.53
N ALA E 7 -28.92 -2.10 -3.24
CA ALA E 7 -28.60 -2.50 -1.87
C ALA E 7 -27.84 -1.40 -1.13
N LEU E 8 -27.87 -1.44 0.22
CA LEU E 8 -27.15 -0.47 1.03
C LEU E 8 -25.82 -1.07 1.50
N VAL E 9 -24.77 -0.26 1.53
CA VAL E 9 -23.46 -0.71 1.96
C VAL E 9 -23.02 0.04 3.22
N ILE E 10 -22.80 -0.69 4.32
CA ILE E 10 -22.46 -0.15 5.63
C ILE E 10 -21.06 -0.65 6.03
N ASP E 11 -20.11 0.28 6.20
CA ASP E 11 -18.78 -0.04 6.69
C ASP E 11 -18.56 0.59 8.06
N ASN E 12 -18.75 -0.17 9.15
CA ASN E 12 -18.76 0.41 10.48
C ASN E 12 -17.49 0.02 11.23
N GLY E 13 -16.87 1.03 11.87
CA GLY E 13 -15.58 0.84 12.51
C GLY E 13 -15.43 1.55 13.85
N SER E 14 -14.22 1.38 14.40
CA SER E 14 -13.76 1.89 15.67
C SER E 14 -13.76 3.41 15.73
N GLY E 15 -13.66 4.07 14.57
CA GLY E 15 -13.64 5.51 14.50
C GLY E 15 -14.88 6.06 13.79
N MET E 16 -14.92 5.95 12.46
CA MET E 16 -15.92 6.56 11.60
C MET E 16 -16.69 5.47 10.89
N CYS E 17 -18.02 5.49 11.02
CA CYS E 17 -18.92 4.65 10.25
C CYS E 17 -19.18 5.28 8.87
N LYS E 18 -19.26 4.45 7.80
CA LYS E 18 -19.52 4.94 6.44
C LYS E 18 -20.69 4.19 5.83
N ALA E 19 -21.58 4.90 5.13
CA ALA E 19 -22.78 4.29 4.56
C ALA E 19 -23.18 4.94 3.24
N GLY E 20 -23.84 4.15 2.37
CA GLY E 20 -24.12 4.60 1.02
C GLY E 20 -24.80 3.52 0.19
N PHE E 21 -24.97 3.80 -1.11
CA PHE E 21 -25.72 2.90 -1.97
C PHE E 21 -24.75 2.07 -2.83
N ALA E 22 -25.09 0.78 -3.00
CA ALA E 22 -24.29 -0.08 -3.85
C ALA E 22 -24.24 0.46 -5.27
N GLY E 23 -23.04 0.47 -5.85
CA GLY E 23 -22.93 0.98 -7.20
C GLY E 23 -22.29 2.34 -7.22
N ASP E 24 -22.46 3.13 -6.14
CA ASP E 24 -21.83 4.44 -6.10
C ASP E 24 -20.34 4.26 -5.81
N ASP E 25 -19.54 5.23 -6.23
CA ASP E 25 -18.11 5.09 -6.01
C ASP E 25 -17.62 5.74 -4.69
N ALA E 26 -18.50 6.40 -3.91
CA ALA E 26 -18.12 6.87 -2.57
C ALA E 26 -19.32 6.90 -1.61
N PRO E 27 -19.14 6.84 -0.26
CA PRO E 27 -20.28 6.85 0.66
C PRO E 27 -21.02 8.20 0.69
N ARG E 28 -22.29 8.14 1.10
CA ARG E 28 -23.11 9.33 1.30
C ARG E 28 -22.93 9.90 2.70
N ALA E 29 -22.62 9.02 3.66
CA ALA E 29 -22.57 9.35 5.08
C ALA E 29 -21.26 8.89 5.71
N VAL E 30 -20.60 9.78 6.44
CA VAL E 30 -19.38 9.46 7.16
C VAL E 30 -19.42 10.20 8.50
N PHE E 31 -19.53 9.46 9.59
CA PHE E 31 -19.79 10.06 10.88
C PHE E 31 -19.19 9.24 12.04
N PRO E 32 -18.77 9.90 13.14
CA PRO E 32 -18.11 9.23 14.26
C PRO E 32 -18.97 8.19 14.93
N SER E 33 -18.37 7.02 15.22
CA SER E 33 -19.11 5.91 15.80
C SER E 33 -19.26 6.15 17.30
N ILE E 34 -19.70 7.36 17.70
CA ILE E 34 -19.91 7.71 19.07
C ILE E 34 -21.39 7.66 19.44
N VAL E 35 -21.74 7.01 20.55
CA VAL E 35 -23.06 7.11 21.15
C VAL E 35 -22.98 7.81 22.50
N GLY E 36 -23.77 8.88 22.63
CA GLY E 36 -23.90 9.66 23.85
C GLY E 36 -25.22 9.37 24.56
N ARG E 37 -25.13 9.21 25.88
CA ARG E 37 -26.29 9.01 26.72
C ARG E 37 -26.31 10.04 27.83
N PRO E 38 -27.51 10.48 28.30
CA PRO E 38 -27.60 11.40 29.44
C PRO E 38 -27.20 10.66 30.72
N ARG E 39 -26.40 11.33 31.56
CA ARG E 39 -25.69 10.65 32.65
C ARG E 39 -26.56 10.63 33.92
N HIS E 40 -27.19 11.77 34.24
CA HIS E 40 -28.13 11.88 35.35
C HIS E 40 -28.98 13.17 35.24
N ASP E 51 -33.89 9.20 25.56
CA ASP E 51 -33.08 10.06 24.65
C ASP E 51 -31.67 9.50 24.56
N SER E 52 -31.06 9.68 23.37
CA SER E 52 -29.66 9.37 23.07
C SER E 52 -29.24 10.13 21.82
N TYR E 53 -27.92 10.26 21.58
CA TYR E 53 -27.40 11.08 20.52
C TYR E 53 -26.22 10.39 19.84
N VAL E 54 -25.97 10.70 18.55
CA VAL E 54 -25.00 9.94 17.76
C VAL E 54 -24.15 10.91 16.94
N GLY E 55 -22.87 10.58 16.71
CA GLY E 55 -22.08 11.33 15.76
C GLY E 55 -21.78 12.75 16.22
N ASP E 56 -21.70 13.70 15.26
CA ASP E 56 -21.31 15.07 15.57
C ASP E 56 -22.27 15.73 16.58
N GLU E 57 -23.56 15.37 16.54
CA GLU E 57 -24.55 15.85 17.49
C GLU E 57 -24.17 15.49 18.93
N ALA E 58 -23.76 14.26 19.19
CA ALA E 58 -23.28 13.84 20.50
C ALA E 58 -22.02 14.59 20.96
N GLN E 59 -21.06 14.83 20.05
CA GLN E 59 -19.90 15.66 20.38
C GLN E 59 -20.27 17.12 20.66
N SER E 60 -21.30 17.67 19.98
CA SER E 60 -21.66 19.08 20.12
C SER E 60 -22.24 19.40 21.50
N LYS E 61 -22.91 18.42 22.14
CA LYS E 61 -23.56 18.64 23.43
C LYS E 61 -22.99 17.72 24.52
N ARG E 62 -21.69 17.42 24.44
CA ARG E 62 -21.00 16.44 25.27
C ARG E 62 -21.15 16.74 26.76
N GLY E 63 -21.36 18.01 27.14
CA GLY E 63 -21.41 18.43 28.54
C GLY E 63 -22.49 17.73 29.38
N ILE E 64 -23.64 17.37 28.77
CA ILE E 64 -24.72 16.70 29.48
C ILE E 64 -24.73 15.17 29.28
N LEU E 65 -23.67 14.61 28.67
CA LEU E 65 -23.64 13.24 28.17
C LEU E 65 -22.41 12.48 28.68
N THR E 66 -22.55 11.17 28.85
CA THR E 66 -21.41 10.25 28.82
C THR E 66 -21.30 9.65 27.43
N LEU E 67 -20.09 9.68 26.84
CA LEU E 67 -19.87 9.12 25.51
C LEU E 67 -19.23 7.72 25.57
N ARG E 68 -19.65 6.80 24.70
CA ARG E 68 -18.91 5.57 24.46
C ARG E 68 -18.71 5.31 22.95
N TYR E 69 -17.76 4.45 22.62
CA TYR E 69 -17.68 3.78 21.34
C TYR E 69 -18.24 2.37 21.45
N PRO E 70 -19.18 1.92 20.61
CA PRO E 70 -19.69 0.56 20.66
C PRO E 70 -18.77 -0.44 19.96
N ILE E 71 -17.80 0.07 19.17
CA ILE E 71 -16.79 -0.76 18.52
C ILE E 71 -15.42 -0.44 19.12
N GLU E 72 -14.72 -1.46 19.60
CA GLU E 72 -13.41 -1.31 20.19
C GLU E 72 -12.45 -2.34 19.59
N HIS E 73 -11.26 -1.91 19.17
CA HIS E 73 -10.30 -2.72 18.43
C HIS E 73 -10.96 -3.46 17.24
N GLY E 74 -11.76 -2.75 16.47
CA GLY E 74 -12.39 -3.31 15.29
C GLY E 74 -13.65 -4.16 15.56
N VAL E 75 -13.92 -4.49 16.82
CA VAL E 75 -14.96 -5.46 17.15
C VAL E 75 -16.08 -4.80 17.97
N VAL E 76 -17.34 -5.03 17.60
CA VAL E 76 -18.49 -4.56 18.37
C VAL E 76 -18.50 -5.21 19.74
N THR E 77 -18.64 -4.37 20.79
CA THR E 77 -18.58 -4.78 22.19
C THR E 77 -19.79 -4.32 23.02
N ASN E 78 -20.58 -3.33 22.55
CA ASN E 78 -21.86 -3.01 23.15
C ASN E 78 -22.96 -2.98 22.07
N TRP E 79 -23.85 -3.99 22.06
CA TRP E 79 -24.84 -4.09 20.99
C TRP E 79 -25.99 -3.08 21.10
N ASP E 80 -26.40 -2.75 22.33
CA ASP E 80 -27.48 -1.79 22.54
C ASP E 80 -27.09 -0.43 21.96
N ASP E 81 -25.83 -0.01 22.14
CA ASP E 81 -25.30 1.21 21.56
C ASP E 81 -25.09 1.03 20.06
N MET E 82 -24.62 -0.13 19.60
CA MET E 82 -24.37 -0.31 18.18
C MET E 82 -25.66 -0.18 17.34
N GLU E 83 -26.77 -0.70 17.85
CA GLU E 83 -28.04 -0.61 17.18
C GLU E 83 -28.53 0.84 17.02
N LYS E 84 -28.17 1.74 17.92
CA LYS E 84 -28.45 3.18 17.76
C LYS E 84 -27.64 3.81 16.61
N ILE E 85 -26.44 3.31 16.35
CA ILE E 85 -25.70 3.77 15.19
C ILE E 85 -26.39 3.34 13.90
N TRP E 86 -26.82 2.08 13.75
CA TRP E 86 -27.48 1.70 12.51
C TRP E 86 -28.81 2.42 12.32
N HIS E 87 -29.55 2.62 13.42
CA HIS E 87 -30.77 3.41 13.33
C HIS E 87 -30.49 4.81 12.78
N HIS E 88 -29.49 5.49 13.33
CA HIS E 88 -29.09 6.79 12.85
C HIS E 88 -28.66 6.72 11.41
N THR E 89 -27.95 5.66 11.01
CA THR E 89 -27.43 5.53 9.65
C THR E 89 -28.54 5.47 8.59
N PHE E 90 -29.56 4.64 8.80
CA PHE E 90 -30.64 4.52 7.86
C PHE E 90 -31.57 5.74 7.89
N TYR E 91 -32.06 6.17 9.05
CA TYR E 91 -33.12 7.16 9.10
C TYR E 91 -32.65 8.62 9.17
N ASN E 92 -31.43 8.92 9.64
CA ASN E 92 -30.97 10.31 9.78
C ASN E 92 -29.87 10.65 8.76
N GLU E 93 -29.08 9.68 8.31
CA GLU E 93 -27.96 9.94 7.41
C GLU E 93 -28.34 9.64 5.96
N LEU E 94 -28.86 8.42 5.69
CA LEU E 94 -29.20 8.03 4.32
C LEU E 94 -30.64 8.40 3.91
N ARG E 95 -31.53 8.61 4.89
CA ARG E 95 -32.95 8.92 4.69
C ARG E 95 -33.67 7.83 3.89
N VAL E 96 -33.49 6.54 4.26
CA VAL E 96 -34.13 5.42 3.57
C VAL E 96 -34.63 4.37 4.55
N ALA E 97 -35.67 3.63 4.14
CA ALA E 97 -36.28 2.61 4.98
C ALA E 97 -35.65 1.26 4.68
N PRO E 98 -34.94 0.57 5.59
CA PRO E 98 -34.18 -0.64 5.24
C PRO E 98 -35.05 -1.76 4.68
N GLU E 99 -36.34 -1.80 5.04
CA GLU E 99 -37.22 -2.85 4.58
C GLU E 99 -37.39 -2.84 3.06
N GLU E 100 -36.94 -1.78 2.35
CA GLU E 100 -36.98 -1.76 0.90
C GLU E 100 -35.72 -2.33 0.22
N HIS E 101 -34.60 -2.53 0.96
CA HIS E 101 -33.28 -2.74 0.38
C HIS E 101 -32.55 -3.95 0.98
N PRO E 102 -31.82 -4.75 0.20
CA PRO E 102 -30.80 -5.62 0.77
C PRO E 102 -29.66 -4.81 1.42
N VAL E 103 -28.93 -5.42 2.37
CA VAL E 103 -27.86 -4.76 3.09
C VAL E 103 -26.53 -5.54 3.04
N LEU E 104 -25.42 -4.83 2.79
CA LEU E 104 -24.08 -5.35 2.99
C LEU E 104 -23.36 -4.76 4.19
N LEU E 105 -23.01 -5.59 5.20
CA LEU E 105 -22.27 -5.17 6.38
C LEU E 105 -20.82 -5.67 6.30
N THR E 106 -19.86 -4.79 6.61
CA THR E 106 -18.47 -5.24 6.71
C THR E 106 -18.13 -5.67 8.14
N GLU E 107 -17.14 -6.56 8.23
CA GLU E 107 -16.79 -7.35 9.41
C GLU E 107 -15.25 -7.40 9.50
N ALA E 108 -14.71 -7.24 10.71
CA ALA E 108 -13.27 -7.25 10.95
C ALA E 108 -12.67 -8.65 10.75
N PRO E 109 -11.37 -8.74 10.31
CA PRO E 109 -10.71 -10.04 10.17
C PRO E 109 -10.67 -10.77 11.50
N ILE E 110 -11.06 -12.04 11.44
CA ILE E 110 -11.15 -12.95 12.60
C ILE E 110 -11.85 -12.30 13.78
N ASN E 111 -12.99 -11.62 13.55
CA ASN E 111 -13.88 -11.27 14.64
C ASN E 111 -14.65 -12.52 15.04
N PRO E 112 -15.10 -12.61 16.32
CA PRO E 112 -15.68 -13.84 16.84
C PRO E 112 -16.91 -14.29 16.09
N LYS E 113 -17.12 -15.61 15.98
CA LYS E 113 -18.34 -16.17 15.41
C LYS E 113 -19.60 -15.52 15.99
N SER E 114 -19.68 -15.34 17.32
CA SER E 114 -20.89 -14.86 17.96
C SER E 114 -21.30 -13.46 17.45
N ASN E 115 -20.33 -12.63 17.12
CA ASN E 115 -20.64 -11.31 16.58
C ASN E 115 -21.37 -11.39 15.23
N ARG E 116 -21.03 -12.33 14.34
CA ARG E 116 -21.69 -12.48 13.07
C ARG E 116 -23.16 -12.84 13.29
N GLU E 117 -23.43 -13.69 14.27
CA GLU E 117 -24.81 -14.04 14.57
C GLU E 117 -25.57 -12.82 15.09
N LYS E 118 -25.00 -12.05 16.02
CA LYS E 118 -25.72 -10.89 16.55
C LYS E 118 -25.97 -9.80 15.50
N MET E 119 -25.03 -9.45 14.64
CA MET E 119 -25.36 -8.47 13.61
C MET E 119 -26.36 -9.00 12.59
N THR E 120 -26.34 -10.31 12.32
CA THR E 120 -27.38 -10.92 11.50
C THR E 120 -28.73 -10.74 12.16
N GLN E 121 -28.82 -11.01 13.46
CA GLN E 121 -30.07 -10.98 14.19
C GLN E 121 -30.65 -9.59 14.09
N ILE E 122 -29.83 -8.60 14.30
CA ILE E 122 -30.35 -7.24 14.39
C ILE E 122 -30.89 -6.75 13.04
N VAL E 123 -30.18 -6.85 11.92
CA VAL E 123 -30.69 -6.27 10.67
C VAL E 123 -31.99 -6.97 10.19
N PHE E 124 -32.22 -8.23 10.49
CA PHE E 124 -33.53 -8.84 10.21
C PHE E 124 -34.57 -8.47 11.27
N GLU E 125 -34.33 -8.72 12.55
CA GLU E 125 -35.40 -8.62 13.52
C GLU E 125 -35.73 -7.17 13.91
N THR E 126 -34.76 -6.26 13.89
CA THR E 126 -34.99 -4.87 14.24
C THR E 126 -35.37 -4.04 13.02
N PHE E 127 -34.71 -4.26 11.88
CA PHE E 127 -34.84 -3.38 10.74
C PHE E 127 -35.58 -4.04 9.54
N ASN E 128 -35.99 -5.32 9.66
CA ASN E 128 -36.81 -6.03 8.68
C ASN E 128 -36.20 -6.07 7.27
N ALA E 129 -34.88 -5.91 7.10
CA ALA E 129 -34.25 -5.89 5.79
C ALA E 129 -34.56 -7.20 5.03
N PRO E 130 -34.91 -7.16 3.74
CA PRO E 130 -35.34 -8.34 3.02
C PRO E 130 -34.25 -9.35 2.71
N ALA E 131 -32.98 -8.91 2.59
CA ALA E 131 -31.85 -9.82 2.39
C ALA E 131 -30.55 -9.12 2.75
N PHE E 132 -29.54 -9.89 3.18
CA PHE E 132 -28.31 -9.29 3.71
C PHE E 132 -27.08 -10.18 3.62
N TYR E 133 -25.89 -9.57 3.70
CA TYR E 133 -24.63 -10.30 3.61
C TYR E 133 -23.54 -9.63 4.45
N VAL E 134 -22.72 -10.46 5.09
CA VAL E 134 -21.60 -10.03 5.94
C VAL E 134 -20.29 -10.26 5.19
N SER E 135 -19.39 -9.31 5.24
CA SER E 135 -18.23 -9.37 4.37
C SER E 135 -16.92 -8.96 5.05
N ILE E 136 -15.85 -9.73 4.79
CA ILE E 136 -14.56 -9.49 5.43
C ILE E 136 -13.89 -8.25 4.84
N GLN E 137 -13.63 -7.28 5.71
CA GLN E 137 -13.12 -6.00 5.29
C GLN E 137 -11.88 -6.14 4.41
N ALA E 138 -10.90 -6.99 4.75
CA ALA E 138 -9.66 -7.04 4.01
C ALA E 138 -9.89 -7.50 2.58
N VAL E 139 -10.74 -8.54 2.41
CA VAL E 139 -11.07 -8.98 1.06
C VAL E 139 -11.68 -7.87 0.18
N LEU E 140 -12.68 -7.14 0.68
CA LEU E 140 -13.24 -5.99 -0.04
C LEU E 140 -12.11 -5.00 -0.40
N SER E 141 -11.23 -4.66 0.53
CA SER E 141 -10.21 -3.68 0.23
C SER E 141 -9.29 -4.19 -0.89
N LEU E 142 -9.19 -5.53 -1.02
CA LEU E 142 -8.37 -6.11 -2.09
C LEU E 142 -9.07 -5.93 -3.43
N TYR E 143 -10.36 -6.35 -3.57
CA TYR E 143 -11.15 -6.06 -4.76
C TYR E 143 -11.00 -4.58 -5.23
N ALA E 144 -11.17 -3.61 -4.35
CA ALA E 144 -11.08 -2.23 -4.69
C ALA E 144 -9.71 -1.83 -5.24
N SER E 145 -8.67 -2.66 -5.04
CA SER E 145 -7.34 -2.37 -5.59
C SER E 145 -7.14 -3.06 -6.93
N GLY E 146 -8.13 -3.87 -7.36
CA GLY E 146 -8.17 -4.45 -8.70
C GLY E 146 -7.43 -5.76 -8.83
N ARG E 147 -7.38 -6.58 -7.75
CA ARG E 147 -6.65 -7.85 -7.85
C ARG E 147 -7.20 -8.98 -7.00
N THR E 148 -6.80 -10.23 -7.33
CA THR E 148 -7.41 -11.43 -6.73
C THR E 148 -6.57 -12.00 -5.58
N THR E 149 -5.28 -11.66 -5.59
CA THR E 149 -4.27 -12.24 -4.72
C THR E 149 -3.36 -11.13 -4.22
N GLY E 150 -3.05 -11.19 -2.92
CA GLY E 150 -2.18 -10.20 -2.31
C GLY E 150 -2.26 -10.31 -0.78
N ILE E 151 -1.48 -9.47 -0.13
CA ILE E 151 -1.53 -9.36 1.32
C ILE E 151 -1.92 -7.94 1.66
N VAL E 152 -2.98 -7.81 2.48
CA VAL E 152 -3.49 -6.50 2.83
C VAL E 152 -2.96 -6.09 4.19
N LEU E 153 -2.21 -5.00 4.29
CA LEU E 153 -2.04 -4.31 5.56
C LEU E 153 -3.18 -3.31 5.72
N ASP E 154 -4.12 -3.64 6.63
CA ASP E 154 -5.29 -2.81 6.86
C ASP E 154 -5.13 -2.15 8.22
N SER E 155 -5.15 -0.82 8.28
CA SER E 155 -4.84 -0.11 9.52
C SER E 155 -5.78 1.07 9.72
N GLY E 156 -6.68 0.92 10.71
CA GLY E 156 -7.73 1.89 10.97
C GLY E 156 -7.42 2.82 12.14
N ASP E 157 -8.46 3.15 12.91
CA ASP E 157 -8.32 3.98 14.08
C ASP E 157 -7.97 3.12 15.30
N GLY E 158 -8.57 1.93 15.40
CA GLY E 158 -8.53 1.14 16.62
C GLY E 158 -7.72 -0.18 16.54
N VAL E 159 -7.35 -0.62 15.34
CA VAL E 159 -6.64 -1.88 15.17
C VAL E 159 -5.88 -1.89 13.85
N THR E 160 -4.84 -2.72 13.75
CA THR E 160 -4.15 -2.96 12.48
C THR E 160 -4.03 -4.45 12.21
N HIS E 161 -4.36 -4.90 11.00
CA HIS E 161 -4.29 -6.30 10.64
C HIS E 161 -3.40 -6.49 9.44
N VAL E 162 -2.78 -7.68 9.33
CA VAL E 162 -2.18 -8.11 8.07
C VAL E 162 -2.85 -9.39 7.65
N VAL E 163 -3.41 -9.41 6.42
CA VAL E 163 -4.25 -10.50 5.97
C VAL E 163 -3.75 -10.98 4.61
N PRO E 164 -3.19 -12.21 4.48
CA PRO E 164 -2.94 -12.81 3.19
C PRO E 164 -4.22 -13.40 2.56
N ILE E 165 -4.37 -13.13 1.25
CA ILE E 165 -5.50 -13.60 0.47
C ILE E 165 -4.97 -14.13 -0.85
N TYR E 166 -5.42 -15.34 -1.19
CA TYR E 166 -4.99 -15.99 -2.41
C TYR E 166 -6.22 -16.49 -3.17
N GLU E 167 -6.33 -16.12 -4.46
CA GLU E 167 -7.49 -16.42 -5.30
C GLU E 167 -8.79 -16.08 -4.55
N GLY E 168 -8.82 -14.87 -3.94
CA GLY E 168 -10.00 -14.34 -3.28
C GLY E 168 -10.36 -14.98 -1.94
N PHE E 169 -9.61 -16.01 -1.51
CA PHE E 169 -9.81 -16.66 -0.22
C PHE E 169 -8.78 -16.16 0.78
N SER E 170 -9.21 -15.59 1.92
CA SER E 170 -8.28 -15.16 2.98
C SER E 170 -7.81 -16.40 3.74
N LEU E 171 -6.62 -16.29 4.37
CA LEU E 171 -6.00 -17.42 5.05
C LEU E 171 -5.99 -17.12 6.55
N PRO E 172 -6.97 -17.62 7.33
CA PRO E 172 -7.14 -17.15 8.70
C PRO E 172 -5.90 -17.39 9.56
N HIS E 173 -5.30 -18.60 9.49
CA HIS E 173 -4.14 -18.95 10.28
C HIS E 173 -2.96 -17.97 10.11
N ALA E 174 -2.90 -17.29 8.97
CA ALA E 174 -1.79 -16.43 8.69
C ALA E 174 -2.04 -14.98 9.09
N ILE E 175 -3.25 -14.64 9.59
CA ILE E 175 -3.56 -13.24 9.91
C ILE E 175 -2.88 -12.85 11.20
N ALA E 176 -2.19 -11.70 11.20
CA ALA E 176 -1.45 -11.22 12.36
C ALA E 176 -1.92 -9.79 12.66
N ARG E 177 -2.39 -9.61 13.90
CA ARG E 177 -3.07 -8.39 14.35
C ARG E 177 -2.13 -7.54 15.20
N LEU E 178 -1.59 -6.47 14.62
CA LEU E 178 -0.85 -5.49 15.39
C LEU E 178 -1.86 -4.62 16.14
N ASP E 179 -1.96 -4.79 17.46
CA ASP E 179 -3.01 -4.13 18.22
C ASP E 179 -2.56 -2.72 18.62
N MET E 180 -2.36 -1.88 17.59
CA MET E 180 -1.97 -0.49 17.72
C MET E 180 -2.23 0.21 16.38
N ALA E 181 -2.76 1.45 16.42
CA ALA E 181 -3.38 2.08 15.25
C ALA E 181 -3.52 3.58 15.42
N GLY E 182 -4.46 4.17 14.69
CA GLY E 182 -4.60 5.62 14.59
C GLY E 182 -4.88 6.38 15.90
N ARG E 183 -5.58 5.80 16.89
CA ARG E 183 -5.77 6.49 18.16
C ARG E 183 -4.47 6.52 18.92
N ASP E 184 -3.77 5.39 18.98
CA ASP E 184 -2.50 5.34 19.70
C ASP E 184 -1.54 6.39 19.15
N LEU E 185 -1.50 6.59 17.85
CA LEU E 185 -0.61 7.59 17.29
C LEU E 185 -1.09 9.01 17.58
N THR E 186 -2.37 9.18 17.95
CA THR E 186 -2.89 10.48 18.35
C THR E 186 -2.51 10.74 19.81
N ASP E 187 -2.74 9.75 20.68
CA ASP E 187 -2.37 9.81 22.08
C ASP E 187 -0.88 10.09 22.19
N TYR E 188 -0.06 9.31 21.46
CA TYR E 188 1.37 9.49 21.46
C TYR E 188 1.75 10.91 21.02
N LEU E 189 1.08 11.47 20.02
CA LEU E 189 1.37 12.85 19.60
C LEU E 189 0.94 13.86 20.67
N MET E 190 -0.12 13.60 21.47
CA MET E 190 -0.43 14.46 22.61
C MET E 190 0.75 14.43 23.59
N LYS E 191 1.24 13.23 23.91
CA LYS E 191 2.28 13.07 24.90
C LYS E 191 3.51 13.85 24.47
N ILE E 192 4.00 13.67 23.25
CA ILE E 192 5.24 14.34 22.87
C ILE E 192 5.01 15.84 22.65
N LEU E 193 3.80 16.31 22.35
CA LEU E 193 3.54 17.74 22.30
C LEU E 193 3.50 18.37 23.70
N ALA E 194 3.02 17.65 24.72
CA ALA E 194 3.13 18.09 26.11
C ALA E 194 4.60 18.26 26.50
N GLU E 195 5.48 17.38 26.04
CA GLU E 195 6.92 17.54 26.30
C GLU E 195 7.52 18.79 25.63
N ARG E 196 6.88 19.32 24.58
CA ARG E 196 7.34 20.56 23.95
C ARG E 196 6.78 21.82 24.64
N GLY E 197 5.99 21.64 25.71
CA GLY E 197 5.50 22.76 26.52
C GLY E 197 4.04 23.15 26.32
N TYR E 198 3.32 22.51 25.39
CA TYR E 198 1.87 22.71 25.23
C TYR E 198 1.09 21.83 26.23
N THR E 199 -0.24 21.83 26.12
CA THR E 199 -1.09 20.96 26.95
C THR E 199 -2.34 20.60 26.16
N PHE E 200 -2.67 19.30 26.12
CA PHE E 200 -3.78 18.82 25.30
C PHE E 200 -4.55 17.67 25.99
N SER E 201 -4.86 17.82 27.28
CA SER E 201 -5.29 16.68 28.11
C SER E 201 -6.77 16.29 27.92
N THR E 202 -7.68 17.23 27.60
CA THR E 202 -9.12 16.94 27.58
C THR E 202 -9.59 16.52 26.18
N THR E 203 -10.82 15.99 26.09
CA THR E 203 -11.38 15.56 24.80
C THR E 203 -11.42 16.70 23.77
N ALA E 204 -11.79 17.91 24.20
CA ALA E 204 -11.83 19.08 23.33
C ALA E 204 -10.46 19.43 22.72
N GLU E 205 -9.37 19.02 23.38
CA GLU E 205 -8.03 19.12 22.82
C GLU E 205 -7.67 17.89 22.00
N ARG E 206 -8.06 16.68 22.42
CA ARG E 206 -7.74 15.45 21.70
C ARG E 206 -8.24 15.51 20.25
N GLU E 207 -9.43 16.07 20.02
CA GLU E 207 -9.94 16.25 18.66
C GLU E 207 -9.15 17.29 17.85
N ILE E 208 -8.48 18.23 18.49
CA ILE E 208 -7.54 19.09 17.79
C ILE E 208 -6.31 18.28 17.39
N VAL E 209 -5.80 17.47 18.31
CA VAL E 209 -4.58 16.73 18.04
C VAL E 209 -4.82 15.67 16.96
N ARG E 210 -6.02 15.09 16.86
CA ARG E 210 -6.32 14.23 15.73
C ARG E 210 -6.19 14.96 14.39
N ASP E 211 -6.70 16.19 14.28
CA ASP E 211 -6.53 16.99 13.08
C ASP E 211 -5.05 17.32 12.80
N ILE E 212 -4.26 17.51 13.86
CA ILE E 212 -2.86 17.82 13.69
C ILE E 212 -2.13 16.66 13.01
N LYS E 213 -2.42 15.40 13.35
CA LYS E 213 -1.84 14.28 12.61
C LYS E 213 -2.12 14.43 11.12
N GLU E 214 -3.41 14.54 10.79
CA GLU E 214 -3.91 14.38 9.44
C GLU E 214 -3.32 15.40 8.49
N LYS E 215 -2.96 16.58 8.98
CA LYS E 215 -2.38 17.63 8.16
C LYS E 215 -0.85 17.58 8.19
N LEU E 216 -0.22 17.29 9.32
CA LEU E 216 1.20 17.65 9.50
C LEU E 216 2.17 16.47 9.60
N CYS E 217 1.73 15.31 10.08
CA CYS E 217 2.61 14.17 10.26
C CYS E 217 2.95 13.48 8.94
N TYR E 218 4.13 12.83 8.88
CA TYR E 218 4.58 12.06 7.74
C TYR E 218 5.55 10.96 8.13
N VAL E 219 5.79 9.98 7.28
CA VAL E 219 6.65 8.85 7.63
C VAL E 219 8.05 9.11 7.09
N ALA E 220 9.03 8.99 7.99
CA ALA E 220 10.42 9.24 7.61
C ALA E 220 10.91 8.11 6.72
N LEU E 221 11.72 8.43 5.70
CA LEU E 221 12.31 7.37 4.89
C LEU E 221 13.48 6.70 5.63
N ASP E 222 14.28 7.52 6.32
CA ASP E 222 15.36 7.04 7.16
C ASP E 222 15.31 7.79 8.49
N PHE E 223 14.87 7.11 9.55
CA PHE E 223 14.54 7.78 10.79
C PHE E 223 15.79 8.36 11.44
N GLU E 224 16.93 7.64 11.38
CA GLU E 224 18.17 8.13 11.95
C GLU E 224 18.60 9.44 11.28
N GLN E 225 18.57 9.52 9.94
CA GLN E 225 18.94 10.73 9.23
C GLN E 225 18.01 11.89 9.60
N GLU E 226 16.70 11.64 9.70
CA GLU E 226 15.73 12.65 10.08
C GLU E 226 15.98 13.15 11.50
N ILE E 227 16.04 12.26 12.48
CA ILE E 227 16.13 12.69 13.87
C ILE E 227 17.49 13.33 14.18
N GLN E 228 18.53 13.05 13.39
CA GLN E 228 19.76 13.83 13.45
C GLN E 228 19.60 15.22 12.81
N THR E 229 19.07 15.30 11.58
CA THR E 229 19.01 16.56 10.83
C THR E 229 17.91 17.51 11.31
N ALA E 230 16.97 17.01 12.11
CA ALA E 230 15.91 17.80 12.73
C ALA E 230 16.43 18.92 13.65
N ALA E 231 17.66 18.77 14.16
CA ALA E 231 18.31 19.80 14.96
C ALA E 231 18.50 21.11 14.18
N GLN E 232 18.83 21.02 12.87
CA GLN E 232 19.13 22.18 12.03
C GLN E 232 17.93 22.65 11.18
N SER E 233 17.05 21.72 10.76
CA SER E 233 16.03 22.01 9.76
C SER E 233 15.01 23.05 10.22
N SER E 234 14.93 24.18 9.50
CA SER E 234 13.86 25.18 9.65
C SER E 234 12.55 24.69 9.03
N HIS E 235 12.69 24.02 7.88
CA HIS E 235 11.60 23.55 7.03
C HIS E 235 10.66 22.59 7.74
N LEU E 236 11.22 21.78 8.64
CA LEU E 236 10.50 20.79 9.44
C LEU E 236 9.44 21.41 10.36
N GLU E 237 9.66 22.64 10.86
CA GLU E 237 8.89 23.22 11.96
C GLU E 237 7.59 23.87 11.47
N LYS E 238 6.57 23.05 11.16
CA LYS E 238 5.28 23.54 10.68
C LYS E 238 4.53 24.23 11.82
N SER E 239 3.76 25.27 11.48
CA SER E 239 2.91 25.95 12.44
C SER E 239 1.43 25.70 12.13
N TYR E 240 0.61 25.79 13.16
CA TYR E 240 -0.79 25.44 13.07
C TYR E 240 -1.62 26.33 14.02
N GLU E 241 -2.83 26.70 13.58
CA GLU E 241 -3.68 27.63 14.31
C GLU E 241 -4.83 26.87 14.97
N LEU E 242 -4.88 26.94 16.30
CA LEU E 242 -5.93 26.31 17.08
C LEU E 242 -7.28 27.02 16.83
N PRO E 243 -8.44 26.42 17.23
CA PRO E 243 -9.71 27.14 17.27
C PRO E 243 -9.70 28.46 18.05
N ASP E 244 -8.83 28.56 19.07
CA ASP E 244 -8.69 29.75 19.90
C ASP E 244 -7.83 30.83 19.24
N GLY E 245 -7.28 30.57 18.04
CA GLY E 245 -6.45 31.54 17.33
C GLY E 245 -4.99 31.54 17.76
N GLN E 246 -4.66 30.81 18.85
CA GLN E 246 -3.28 30.57 19.27
C GLN E 246 -2.57 29.67 18.25
N VAL E 247 -1.28 29.96 18.01
CA VAL E 247 -0.48 29.23 17.03
C VAL E 247 0.52 28.35 17.75
N ILE E 248 0.47 27.04 17.46
CA ILE E 248 1.50 26.11 17.89
C ILE E 248 2.51 25.90 16.77
N THR E 249 3.69 25.41 17.14
CA THR E 249 4.69 24.95 16.18
C THR E 249 5.18 23.58 16.60
N ILE E 250 5.27 22.66 15.61
CA ILE E 250 5.70 21.29 15.83
C ILE E 250 6.85 20.91 14.86
N GLY E 251 7.85 20.19 15.36
CA GLY E 251 9.11 19.89 14.67
C GLY E 251 9.31 18.39 14.47
N ASN E 252 10.29 17.76 15.15
CA ASN E 252 10.50 16.33 15.00
C ASN E 252 9.30 15.49 15.49
N GLU E 253 8.33 16.10 16.16
CA GLU E 253 7.06 15.46 16.52
C GLU E 253 6.37 14.98 15.26
N ARG E 254 6.58 15.64 14.11
CA ARG E 254 5.92 15.29 12.86
C ARG E 254 6.17 13.85 12.44
N PHE E 255 7.43 13.40 12.47
CA PHE E 255 7.77 12.04 12.07
C PHE E 255 7.91 11.09 13.25
N ARG E 256 8.20 11.57 14.46
CA ARG E 256 8.21 10.69 15.62
C ARG E 256 6.84 10.07 15.86
N ALA E 257 5.75 10.77 15.56
CA ALA E 257 4.44 10.16 15.78
C ALA E 257 4.26 8.96 14.84
N PRO E 258 4.34 9.07 13.49
CA PRO E 258 4.18 7.91 12.62
C PRO E 258 5.23 6.82 12.79
N GLU E 259 6.47 7.17 13.20
CA GLU E 259 7.52 6.19 13.38
C GLU E 259 7.09 5.06 14.31
N ALA E 260 6.15 5.29 15.22
CA ALA E 260 5.67 4.27 16.12
C ALA E 260 5.00 3.10 15.39
N LEU E 261 4.55 3.25 14.16
CA LEU E 261 4.10 2.10 13.36
C LEU E 261 5.25 1.12 13.11
N PHE E 262 6.45 1.69 12.90
CA PHE E 262 7.65 0.95 12.56
C PHE E 262 8.41 0.53 13.83
N GLN E 263 8.24 1.26 14.95
CA GLN E 263 8.89 0.96 16.20
C GLN E 263 7.91 1.10 17.36
N PRO E 264 7.02 0.12 17.64
CA PRO E 264 6.07 0.20 18.76
C PRO E 264 6.71 0.32 20.16
N SER E 265 8.02 0.11 20.30
CA SER E 265 8.75 0.49 21.49
C SER E 265 8.69 1.99 21.79
N VAL E 266 8.63 2.83 20.73
CA VAL E 266 8.65 4.27 20.84
C VAL E 266 7.40 4.73 21.61
N LEU E 267 6.27 4.03 21.49
CA LEU E 267 5.09 4.35 22.31
C LEU E 267 4.82 3.31 23.39
N GLY E 268 5.79 2.41 23.65
CA GLY E 268 5.81 1.56 24.85
C GLY E 268 4.86 0.35 24.81
N LEU E 269 5.04 -0.52 23.80
CA LEU E 269 4.52 -1.88 23.87
C LEU E 269 5.44 -2.88 23.14
N GLU E 270 5.39 -4.16 23.54
CA GLU E 270 6.08 -5.21 22.80
C GLU E 270 5.24 -5.64 21.60
N SER E 271 5.70 -5.21 20.40
CA SER E 271 5.29 -5.80 19.13
C SER E 271 6.28 -5.44 18.03
N GLY E 272 6.27 -6.26 16.96
CA GLY E 272 6.96 -5.94 15.72
C GLY E 272 6.26 -4.76 15.04
N GLY E 273 7.02 -3.93 14.31
CA GLY E 273 6.44 -2.90 13.46
C GLY E 273 5.72 -3.48 12.25
N ILE E 274 4.98 -2.65 11.50
CA ILE E 274 4.11 -3.13 10.44
C ILE E 274 4.88 -3.87 9.34
N HIS E 275 6.15 -3.49 9.10
CA HIS E 275 6.98 -4.19 8.16
C HIS E 275 7.30 -5.63 8.61
N VAL E 276 7.63 -5.83 9.88
CA VAL E 276 7.90 -7.15 10.41
C VAL E 276 6.62 -7.99 10.47
N THR E 277 5.48 -7.43 10.90
CA THR E 277 4.27 -8.25 10.96
C THR E 277 3.81 -8.66 9.56
N THR E 278 4.06 -7.80 8.55
CA THR E 278 3.80 -8.16 7.17
C THR E 278 4.63 -9.36 6.74
N PHE E 279 5.95 -9.23 6.94
CA PHE E 279 6.93 -10.26 6.59
C PHE E 279 6.56 -11.57 7.25
N ASN E 280 6.30 -11.58 8.56
CA ASN E 280 5.96 -12.79 9.28
C ASN E 280 4.71 -13.43 8.71
N SER E 281 3.70 -12.63 8.39
CA SER E 281 2.44 -13.18 7.89
C SER E 281 2.62 -13.84 6.51
N ILE E 282 3.38 -13.22 5.60
CA ILE E 282 3.77 -13.83 4.33
C ILE E 282 4.47 -15.15 4.60
N MET E 283 5.42 -15.17 5.53
CA MET E 283 6.21 -16.36 5.76
C MET E 283 5.45 -17.49 6.46
N LYS E 284 4.26 -17.24 7.02
CA LYS E 284 3.39 -18.30 7.51
C LYS E 284 2.61 -18.98 6.39
N CYS E 285 2.64 -18.46 5.16
CA CYS E 285 1.93 -19.04 4.03
C CYS E 285 2.69 -20.19 3.37
N ASP E 286 1.97 -20.93 2.52
CA ASP E 286 2.51 -21.98 1.67
C ASP E 286 3.58 -21.42 0.72
N VAL E 287 4.64 -22.20 0.49
CA VAL E 287 5.90 -21.70 -0.05
C VAL E 287 5.72 -21.12 -1.46
N ASP E 288 4.82 -21.75 -2.23
CA ASP E 288 4.59 -21.42 -3.64
C ASP E 288 3.86 -20.08 -3.80
N VAL E 289 3.04 -19.73 -2.80
CA VAL E 289 2.16 -18.57 -2.80
C VAL E 289 2.95 -17.30 -2.51
N ARG E 290 4.05 -17.38 -1.77
CA ARG E 290 4.75 -16.21 -1.25
C ARG E 290 5.23 -15.29 -2.37
N LYS E 291 5.67 -15.85 -3.50
CA LYS E 291 6.17 -15.02 -4.57
C LYS E 291 5.09 -14.06 -5.08
N ASP E 292 3.82 -14.52 -5.09
CA ASP E 292 2.67 -13.73 -5.51
C ASP E 292 2.35 -12.65 -4.48
N LEU E 293 2.48 -12.94 -3.18
CA LEU E 293 2.14 -11.98 -2.13
C LEU E 293 3.17 -10.85 -2.07
N TYR E 294 4.46 -11.12 -2.18
CA TYR E 294 5.42 -10.03 -2.27
C TYR E 294 5.13 -9.10 -3.44
N GLY E 295 4.62 -9.63 -4.57
CA GLY E 295 4.28 -8.86 -5.76
C GLY E 295 2.97 -8.07 -5.62
N ASN E 296 2.27 -8.20 -4.47
CA ASN E 296 0.93 -7.66 -4.27
C ASN E 296 0.66 -7.28 -2.81
N ILE E 297 1.48 -6.39 -2.24
CA ILE E 297 1.25 -5.88 -0.89
C ILE E 297 0.33 -4.67 -1.01
N VAL E 298 -0.87 -4.74 -0.42
CA VAL E 298 -1.92 -3.73 -0.58
C VAL E 298 -2.14 -2.99 0.73
N MET E 299 -2.28 -1.67 0.68
CA MET E 299 -2.51 -0.89 1.90
C MET E 299 -3.94 -0.37 1.99
N SER E 300 -4.53 -0.43 3.17
CA SER E 300 -5.93 -0.10 3.37
C SER E 300 -6.14 0.62 4.70
N GLY E 301 -7.20 1.42 4.80
CA GLY E 301 -7.59 2.01 6.07
C GLY E 301 -6.90 3.35 6.31
N GLY E 302 -7.52 4.17 7.17
CA GLY E 302 -7.14 5.55 7.34
C GLY E 302 -5.68 5.73 7.79
N THR E 303 -5.17 4.86 8.67
CA THR E 303 -3.83 5.06 9.22
C THR E 303 -2.76 4.88 8.15
N THR E 304 -3.10 4.28 7.00
CA THR E 304 -2.13 4.12 5.92
C THR E 304 -1.98 5.35 5.01
N MET E 305 -2.55 6.48 5.45
CA MET E 305 -2.64 7.63 4.60
C MET E 305 -1.48 8.60 4.74
N TYR E 306 -0.57 8.45 5.71
CA TYR E 306 0.52 9.43 5.89
C TYR E 306 1.42 9.49 4.67
N PRO E 307 1.90 10.66 4.27
CA PRO E 307 2.86 10.76 3.19
C PRO E 307 4.07 9.89 3.48
N GLY E 308 4.61 9.25 2.44
CA GLY E 308 5.84 8.50 2.61
C GLY E 308 5.66 7.04 3.04
N LEU E 309 4.48 6.63 3.46
CA LEU E 309 4.34 5.32 4.08
C LEU E 309 4.59 4.20 3.08
N SER E 310 4.20 4.43 1.82
CA SER E 310 4.38 3.46 0.74
C SER E 310 5.86 3.14 0.57
N ASP E 311 6.67 4.20 0.56
CA ASP E 311 8.11 4.10 0.29
C ASP E 311 8.83 3.40 1.43
N ARG E 312 8.51 3.77 2.66
CA ARG E 312 9.11 3.15 3.82
C ARG E 312 8.70 1.69 3.90
N MET E 313 7.47 1.30 3.56
CA MET E 313 7.08 -0.10 3.49
C MET E 313 7.81 -0.86 2.37
N GLN E 314 8.02 -0.25 1.21
CA GLN E 314 8.80 -0.83 0.13
C GLN E 314 10.22 -1.12 0.62
N LYS E 315 10.84 -0.14 1.28
CA LYS E 315 12.20 -0.26 1.74
C LYS E 315 12.30 -1.33 2.82
N GLU E 316 11.48 -1.22 3.86
CA GLU E 316 11.61 -2.07 5.04
C GLU E 316 11.35 -3.52 4.72
N ILE E 317 10.35 -3.83 3.90
CA ILE E 317 10.13 -5.22 3.49
C ILE E 317 11.20 -5.72 2.51
N THR E 318 11.72 -4.88 1.62
CA THR E 318 12.85 -5.27 0.79
C THR E 318 14.05 -5.65 1.65
N ALA E 319 14.27 -4.98 2.79
CA ALA E 319 15.40 -5.29 3.65
C ALA E 319 15.22 -6.66 4.32
N LEU E 320 13.99 -7.14 4.48
CA LEU E 320 13.75 -8.43 5.14
C LEU E 320 13.73 -9.57 4.10
N ALA E 321 13.21 -9.31 2.90
CA ALA E 321 13.00 -10.33 1.88
C ALA E 321 14.30 -10.78 1.22
N PRO E 322 14.33 -11.99 0.59
CA PRO E 322 15.48 -12.40 -0.22
C PRO E 322 15.70 -11.47 -1.42
N SER E 323 16.97 -11.34 -1.84
CA SER E 323 17.32 -10.47 -2.95
C SER E 323 16.70 -10.88 -4.28
N SER E 324 16.24 -12.14 -4.39
CA SER E 324 15.63 -12.67 -5.59
C SER E 324 14.14 -12.33 -5.71
N MET E 325 13.49 -11.90 -4.60
CA MET E 325 12.08 -11.50 -4.64
C MET E 325 11.94 -10.12 -5.28
N LYS E 326 10.79 -9.93 -5.97
CA LYS E 326 10.38 -8.60 -6.39
C LYS E 326 9.26 -8.14 -5.47
N VAL E 327 9.46 -7.02 -4.75
CA VAL E 327 8.52 -6.53 -3.75
C VAL E 327 7.82 -5.29 -4.28
N LYS E 328 6.47 -5.27 -4.17
CA LYS E 328 5.64 -4.22 -4.75
C LYS E 328 4.57 -3.74 -3.77
N ILE E 329 4.51 -2.41 -3.54
CA ILE E 329 3.48 -1.84 -2.68
C ILE E 329 2.41 -1.16 -3.55
N ILE E 330 1.16 -1.58 -3.34
CA ILE E 330 -0.02 -1.10 -4.03
C ILE E 330 -0.76 -0.23 -3.02
N ALA E 331 -0.91 1.05 -3.31
CA ALA E 331 -1.55 1.96 -2.37
C ALA E 331 -2.36 2.96 -3.18
N PRO E 332 -3.60 2.59 -3.56
CA PRO E 332 -4.37 3.38 -4.53
C PRO E 332 -4.95 4.63 -3.88
N PRO E 333 -5.30 5.71 -4.61
CA PRO E 333 -5.50 7.00 -3.94
C PRO E 333 -6.71 7.04 -2.99
N GLU E 334 -7.69 6.21 -3.27
CA GLU E 334 -8.95 6.08 -2.57
C GLU E 334 -8.84 5.24 -1.29
N ARG E 335 -7.63 4.88 -0.84
CA ARG E 335 -7.45 3.74 0.07
C ARG E 335 -8.09 3.94 1.44
N LYS E 336 -8.41 5.18 1.84
CA LYS E 336 -9.09 5.39 3.11
C LYS E 336 -10.48 4.73 3.13
N TYR E 337 -11.13 4.59 1.96
CA TYR E 337 -12.48 4.04 1.86
C TYR E 337 -12.51 2.74 1.05
N SER E 338 -11.36 2.13 0.79
CA SER E 338 -11.31 0.93 -0.02
C SER E 338 -12.23 -0.15 0.52
N VAL E 339 -12.39 -0.26 1.81
CA VAL E 339 -13.25 -1.34 2.32
C VAL E 339 -14.71 -1.14 1.94
N TRP E 340 -15.17 0.09 1.96
CA TRP E 340 -16.50 0.44 1.51
C TRP E 340 -16.59 0.32 -0.01
N ILE E 341 -15.62 0.89 -0.79
CA ILE E 341 -15.64 0.78 -2.25
C ILE E 341 -15.74 -0.67 -2.70
N GLY E 342 -14.97 -1.56 -2.12
CA GLY E 342 -15.07 -2.94 -2.49
C GLY E 342 -16.46 -3.50 -2.20
N GLY E 343 -17.08 -3.06 -1.11
CA GLY E 343 -18.44 -3.51 -0.82
C GLY E 343 -19.44 -3.00 -1.84
N SER E 344 -19.25 -1.76 -2.29
CA SER E 344 -20.10 -1.20 -3.31
C SER E 344 -20.00 -2.05 -4.56
N ILE E 345 -18.78 -2.40 -5.00
CA ILE E 345 -18.59 -3.27 -6.14
C ILE E 345 -19.30 -4.59 -5.92
N LEU E 346 -18.99 -5.29 -4.85
CA LEU E 346 -19.55 -6.59 -4.64
C LEU E 346 -21.09 -6.57 -4.63
N ALA E 347 -21.70 -5.57 -4.02
CA ALA E 347 -23.14 -5.50 -3.87
C ALA E 347 -23.83 -5.04 -5.14
N SER E 348 -23.08 -4.61 -6.17
CA SER E 348 -23.63 -4.13 -7.43
C SER E 348 -23.39 -5.05 -8.64
N LEU E 349 -22.79 -6.21 -8.42
CA LEU E 349 -22.72 -7.26 -9.43
C LEU E 349 -24.05 -7.98 -9.49
N SER E 350 -24.40 -8.54 -10.66
CA SER E 350 -25.61 -9.34 -10.79
C SER E 350 -25.60 -10.57 -9.90
N THR E 351 -24.39 -11.11 -9.58
CA THR E 351 -24.21 -12.37 -8.86
C THR E 351 -24.49 -12.26 -7.37
N PHE E 352 -24.54 -11.03 -6.85
CA PHE E 352 -24.78 -10.78 -5.44
C PHE E 352 -26.10 -11.42 -5.02
N GLN E 353 -27.08 -11.42 -5.90
CA GLN E 353 -28.38 -12.03 -5.68
C GLN E 353 -28.31 -13.51 -5.28
N GLN E 354 -27.26 -14.24 -5.71
CA GLN E 354 -27.12 -15.65 -5.36
C GLN E 354 -26.37 -15.84 -4.03
N MET E 355 -25.65 -14.79 -3.57
CA MET E 355 -24.80 -14.80 -2.37
C MET E 355 -25.60 -14.59 -1.08
N TRP E 356 -26.51 -13.61 -1.07
CA TRP E 356 -27.07 -13.03 0.14
C TRP E 356 -27.98 -13.99 0.91
N ILE E 357 -28.12 -13.70 2.22
CA ILE E 357 -29.11 -14.40 3.02
C ILE E 357 -30.44 -13.71 2.77
N SER E 358 -31.45 -14.42 2.29
CA SER E 358 -32.79 -13.87 2.19
C SER E 358 -33.49 -13.95 3.54
N LYS E 359 -34.44 -13.07 3.80
CA LYS E 359 -35.25 -13.13 5.02
C LYS E 359 -35.96 -14.47 5.09
N GLN E 360 -36.32 -15.08 3.96
CA GLN E 360 -36.90 -16.42 3.96
C GLN E 360 -35.95 -17.51 4.47
N GLU E 361 -34.62 -17.37 4.29
CA GLU E 361 -33.64 -18.27 4.88
C GLU E 361 -33.45 -18.02 6.38
N TYR E 362 -33.48 -16.74 6.76
CA TYR E 362 -33.37 -16.37 8.15
C TYR E 362 -34.54 -16.96 8.92
N ASP E 363 -35.77 -16.80 8.43
CA ASP E 363 -36.95 -17.37 9.04
C ASP E 363 -36.79 -18.88 9.22
N GLU E 364 -36.12 -19.54 8.28
CA GLU E 364 -36.02 -20.99 8.30
C GLU E 364 -34.93 -21.51 9.23
N SER E 365 -33.90 -20.67 9.53
CA SER E 365 -32.59 -21.16 9.96
C SER E 365 -31.98 -20.41 11.16
N GLY E 366 -32.51 -19.24 11.49
CA GLY E 366 -31.98 -18.41 12.56
C GLY E 366 -30.61 -17.82 12.19
N PRO E 367 -30.03 -17.06 13.13
CA PRO E 367 -28.77 -16.35 12.88
C PRO E 367 -27.59 -17.21 12.44
N SER E 368 -27.59 -18.52 12.74
CA SER E 368 -26.50 -19.42 12.37
C SER E 368 -26.30 -19.51 10.85
N ILE E 369 -27.30 -19.10 10.06
CA ILE E 369 -27.20 -19.13 8.60
C ILE E 369 -26.00 -18.32 8.09
N VAL E 370 -25.53 -17.36 8.86
CA VAL E 370 -24.40 -16.55 8.45
C VAL E 370 -23.11 -17.39 8.36
N HIS E 371 -23.04 -18.53 9.06
CA HIS E 371 -21.87 -19.42 8.95
C HIS E 371 -21.89 -20.29 7.68
N ARG E 372 -23.08 -20.55 7.14
CA ARG E 372 -23.22 -21.31 5.92
C ARG E 372 -22.98 -20.44 4.68
N LYS E 373 -23.47 -19.20 4.63
CA LYS E 373 -23.52 -18.42 3.39
C LYS E 373 -22.43 -17.36 3.28
N CYS E 374 -22.06 -16.70 4.37
CA CYS E 374 -21.05 -15.65 4.33
C CYS E 374 -19.67 -16.24 4.57
N PHE E 375 -19.33 -17.30 3.81
CA PHE E 375 -18.12 -18.10 3.98
C PHE E 375 -16.86 -17.28 3.64
N ALA F 13 -40.78 -30.65 16.62
CA ALA F 13 -40.15 -29.44 17.21
C ALA F 13 -40.21 -28.24 16.26
N ASP F 14 -39.27 -28.17 15.30
CA ASP F 14 -39.10 -27.08 14.33
C ASP F 14 -38.81 -25.74 15.00
N ILE F 15 -38.42 -25.76 16.28
CA ILE F 15 -38.06 -24.57 17.03
C ILE F 15 -36.58 -24.21 16.87
N TYR F 16 -35.73 -25.15 16.40
CA TYR F 16 -34.28 -24.90 16.32
C TYR F 16 -33.87 -24.47 14.91
N GLY F 17 -32.70 -23.83 14.80
CA GLY F 17 -32.24 -23.36 13.50
C GLY F 17 -31.23 -24.29 12.83
N GLY F 18 -30.32 -23.68 12.04
CA GLY F 18 -29.16 -24.36 11.47
C GLY F 18 -28.03 -24.64 12.48
N ASP F 19 -28.12 -24.07 13.70
CA ASP F 19 -27.18 -24.30 14.80
C ASP F 19 -27.20 -25.75 15.29
N GLU F 20 -26.02 -26.35 15.60
CA GLU F 20 -25.99 -27.67 16.25
C GLU F 20 -25.07 -27.68 17.49
N VAL F 21 -23.75 -27.88 17.31
CA VAL F 21 -22.77 -27.84 18.38
C VAL F 21 -21.45 -27.23 17.90
N SER F 22 -21.10 -26.06 18.41
CA SER F 22 -19.85 -25.39 18.06
C SER F 22 -18.71 -25.90 18.92
N ALA F 23 -18.12 -27.06 18.59
CA ALA F 23 -16.87 -27.49 19.24
C ALA F 23 -15.67 -26.58 18.95
N LEU F 24 -14.83 -26.38 19.99
CA LEU F 24 -13.45 -25.96 19.81
C LEU F 24 -12.55 -27.19 19.64
N VAL F 25 -11.53 -27.07 18.80
CA VAL F 25 -10.61 -28.17 18.56
C VAL F 25 -9.22 -27.62 18.77
N LEU F 26 -8.48 -28.27 19.70
CA LEU F 26 -7.19 -27.76 20.16
C LEU F 26 -6.09 -28.79 20.00
N ASP F 27 -4.98 -28.39 19.38
CA ASP F 27 -3.90 -29.30 19.00
C ASP F 27 -2.54 -28.72 19.42
N PRO F 28 -2.04 -29.03 20.65
CA PRO F 28 -0.72 -28.63 21.06
C PRO F 28 0.32 -29.56 20.47
N GLY F 29 1.46 -28.95 20.11
CA GLY F 29 2.62 -29.67 19.57
C GLY F 29 3.91 -28.93 19.88
N TYR F 30 5.04 -29.62 19.82
CA TYR F 30 6.28 -29.07 20.34
C TYR F 30 6.66 -27.78 19.61
N CYS F 31 6.49 -27.71 18.29
CA CYS F 31 6.83 -26.49 17.57
C CYS F 31 5.65 -25.53 17.55
N ASN F 32 4.45 -25.98 17.14
CA ASN F 32 3.29 -25.11 16.99
C ASN F 32 2.05 -25.64 17.71
N THR F 33 1.18 -24.73 18.19
CA THR F 33 -0.10 -25.08 18.80
C THR F 33 -1.21 -24.52 17.93
N ARG F 34 -2.27 -25.31 17.68
CA ARG F 34 -3.32 -24.98 16.71
C ARG F 34 -4.68 -25.00 17.38
N ALA F 35 -5.54 -24.00 17.12
CA ALA F 35 -6.88 -23.95 17.68
C ALA F 35 -7.86 -23.29 16.69
N GLY F 36 -9.13 -23.68 16.85
CA GLY F 36 -10.21 -23.11 16.07
C GLY F 36 -11.48 -23.93 16.28
N PHE F 37 -12.53 -23.59 15.51
CA PHE F 37 -13.80 -24.27 15.67
C PHE F 37 -13.89 -25.45 14.71
N ALA F 38 -14.75 -26.40 15.03
CA ALA F 38 -15.03 -27.48 14.11
C ALA F 38 -15.82 -26.95 12.91
N GLY F 39 -15.88 -27.75 11.84
CA GLY F 39 -16.62 -27.34 10.65
C GLY F 39 -15.91 -26.25 9.87
N GLU F 40 -14.56 -26.27 9.87
CA GLU F 40 -13.80 -25.36 9.04
C GLU F 40 -12.60 -26.10 8.46
N GLU F 41 -12.14 -25.70 7.29
CA GLU F 41 -11.09 -26.43 6.59
C GLU F 41 -9.71 -26.18 7.23
N MET F 42 -9.57 -25.15 8.08
CA MET F 42 -8.28 -24.83 8.70
C MET F 42 -8.48 -24.24 10.09
N PRO F 43 -7.48 -24.37 10.99
CA PRO F 43 -7.56 -23.69 12.28
C PRO F 43 -7.48 -22.17 12.15
N LYS F 44 -8.20 -21.44 13.03
CA LYS F 44 -8.20 -19.98 12.97
C LYS F 44 -6.86 -19.45 13.46
N GLN F 45 -6.34 -20.10 14.52
CA GLN F 45 -5.19 -19.59 15.25
C GLN F 45 -4.15 -20.69 15.36
N VAL F 46 -2.93 -20.33 14.95
CA VAL F 46 -1.78 -21.19 15.10
C VAL F 46 -0.65 -20.30 15.57
N ILE F 47 -0.04 -20.68 16.72
CA ILE F 47 1.04 -19.89 17.32
C ILE F 47 2.21 -20.82 17.68
N PRO F 48 3.45 -20.28 17.70
CA PRO F 48 4.60 -21.02 18.21
C PRO F 48 4.38 -21.43 19.65
N SER F 49 4.73 -22.68 19.96
CA SER F 49 4.62 -23.20 21.33
C SER F 49 5.64 -22.51 22.25
N PHE F 50 6.64 -21.92 21.63
CA PHE F 50 7.63 -21.11 22.32
C PHE F 50 7.05 -19.78 22.77
N TYR F 51 6.67 -19.63 24.05
CA TYR F 51 6.22 -18.35 24.60
C TYR F 51 7.36 -17.50 25.09
N GLY F 52 7.15 -16.18 25.13
CA GLY F 52 8.13 -15.25 25.68
C GLY F 52 7.88 -14.96 27.17
N HIS F 53 8.95 -14.56 27.87
CA HIS F 53 8.88 -14.22 29.29
C HIS F 53 9.75 -13.00 29.55
N VAL F 54 9.12 -11.95 30.12
CA VAL F 54 9.79 -10.69 30.44
C VAL F 54 9.16 -10.17 31.72
N ASP F 55 9.99 -9.61 32.62
CA ASP F 55 9.59 -8.92 33.84
C ASP F 55 8.48 -9.67 34.61
N GLY F 56 8.46 -11.01 34.52
CA GLY F 56 7.58 -11.84 35.34
C GLY F 56 6.20 -12.13 34.71
N ARG F 57 5.99 -11.69 33.46
CA ARG F 57 4.76 -11.96 32.70
C ARG F 57 5.10 -12.70 31.40
N ASP F 58 4.16 -13.56 31.01
CA ASP F 58 4.27 -14.35 29.80
C ASP F 58 3.63 -13.61 28.64
N LEU F 59 4.16 -13.89 27.44
CA LEU F 59 3.79 -13.21 26.20
C LEU F 59 3.60 -14.28 25.11
N PHE F 60 2.57 -14.14 24.26
CA PHE F 60 2.22 -15.21 23.31
C PHE F 60 2.09 -14.67 21.88
N GLY F 61 2.43 -15.49 20.88
CA GLY F 61 2.22 -15.09 19.49
C GLY F 61 3.46 -14.60 18.77
N ASP F 62 3.57 -14.89 17.47
CA ASP F 62 4.80 -14.64 16.71
C ASP F 62 4.98 -13.12 16.48
N GLU F 63 3.92 -12.34 16.73
CA GLU F 63 3.96 -10.88 16.61
C GLU F 63 4.58 -10.25 17.85
N VAL F 64 4.72 -11.02 18.96
CA VAL F 64 5.15 -10.50 20.26
C VAL F 64 6.61 -10.84 20.57
N ILE F 65 7.12 -11.99 20.09
CA ILE F 65 8.52 -12.34 20.23
C ILE F 65 9.39 -11.29 19.50
N VAL F 66 10.12 -10.48 20.29
CA VAL F 66 10.88 -9.33 19.78
C VAL F 66 12.04 -9.00 20.74
N PRO F 67 13.18 -8.43 20.30
CA PRO F 67 14.29 -8.11 21.21
C PRO F 67 13.95 -7.09 22.28
N ARG F 68 14.09 -7.49 23.56
CA ARG F 68 13.94 -6.61 24.69
C ARG F 68 14.94 -7.03 25.77
N ALA F 69 15.26 -6.09 26.67
CA ALA F 69 16.15 -6.39 27.77
C ALA F 69 15.64 -7.57 28.59
N GLY F 70 16.42 -8.66 28.65
CA GLY F 70 16.12 -9.81 29.50
C GLY F 70 15.03 -10.72 28.94
N PHE F 71 14.73 -10.63 27.63
CA PHE F 71 13.70 -11.47 27.01
C PHE F 71 14.12 -12.94 26.96
N GLU F 72 13.36 -13.81 27.62
CA GLU F 72 13.70 -15.22 27.70
C GLU F 72 12.59 -16.05 27.04
N VAL F 73 12.96 -16.96 26.13
CA VAL F 73 12.00 -17.75 25.36
C VAL F 73 11.94 -19.16 25.92
N ARG F 74 10.72 -19.64 26.10
CA ARG F 74 10.43 -20.84 26.85
C ARG F 74 9.44 -21.67 26.05
N ASN F 75 9.27 -22.96 26.36
CA ASN F 75 8.30 -23.75 25.66
C ASN F 75 7.54 -24.57 26.67
N TYR F 76 6.21 -24.65 26.59
CA TYR F 76 5.46 -25.44 27.56
C TYR F 76 5.43 -26.94 27.24
N MET F 77 6.04 -27.33 26.12
CA MET F 77 6.08 -28.71 25.66
C MET F 77 7.52 -29.22 25.73
N ASN F 78 7.69 -30.49 26.13
CA ASN F 78 8.98 -31.17 26.09
C ASN F 78 9.13 -31.94 24.78
N ARG F 79 10.31 -32.51 24.48
CA ARG F 79 10.49 -33.24 23.22
C ARG F 79 9.86 -34.64 23.22
N ASP F 80 9.12 -35.03 24.25
CA ASP F 80 8.17 -36.12 24.07
C ASP F 80 6.89 -35.62 23.43
N SER F 81 6.82 -34.36 22.99
CA SER F 81 5.58 -33.73 22.52
C SER F 81 4.46 -33.82 23.56
N MET F 82 4.81 -33.64 24.85
CA MET F 82 3.89 -33.67 25.96
C MET F 82 4.02 -32.37 26.75
N VAL F 83 3.00 -32.04 27.56
CA VAL F 83 3.05 -30.84 28.38
C VAL F 83 3.98 -31.08 29.58
N GLU F 84 4.86 -30.10 29.86
CA GLU F 84 5.78 -30.17 30.99
C GLU F 84 5.71 -28.92 31.88
N ASP F 85 4.69 -28.06 31.67
CA ASP F 85 4.62 -26.73 32.27
C ASP F 85 3.15 -26.31 32.34
N TRP F 86 2.33 -27.06 33.08
CA TRP F 86 0.88 -26.88 33.04
C TRP F 86 0.39 -25.47 33.40
N ASP F 87 1.13 -24.72 34.21
CA ASP F 87 0.80 -23.34 34.50
C ASP F 87 0.86 -22.47 33.25
N ALA F 88 1.97 -22.58 32.51
CA ALA F 88 2.10 -21.88 31.24
C ALA F 88 1.14 -22.45 30.20
N ALA F 89 0.95 -23.77 30.19
CA ALA F 89 -0.02 -24.37 29.29
C ALA F 89 -1.39 -23.74 29.51
N THR F 90 -1.80 -23.61 30.78
CA THR F 90 -3.06 -22.97 31.11
C THR F 90 -3.14 -21.56 30.50
N ARG F 91 -2.12 -20.74 30.69
CA ARG F 91 -2.16 -19.40 30.18
C ARG F 91 -2.16 -19.34 28.65
N VAL F 92 -1.44 -20.24 27.98
CA VAL F 92 -1.43 -20.26 26.51
C VAL F 92 -2.78 -20.71 25.94
N TRP F 93 -3.37 -21.75 26.51
CA TRP F 93 -4.67 -22.19 26.06
C TRP F 93 -5.80 -21.23 26.43
N GLU F 94 -5.71 -20.51 27.55
CA GLU F 94 -6.62 -19.38 27.81
C GLU F 94 -6.47 -18.27 26.76
N TYR F 95 -5.24 -17.93 26.37
CA TYR F 95 -5.07 -16.93 25.34
C TYR F 95 -5.76 -17.36 24.05
N LEU F 96 -5.60 -18.61 23.62
CA LEU F 96 -6.22 -19.07 22.37
C LEU F 96 -7.73 -19.21 22.50
N LEU F 97 -8.19 -20.05 23.42
CA LEU F 97 -9.59 -20.43 23.47
C LEU F 97 -10.47 -19.33 24.04
N VAL F 98 -9.91 -18.39 24.83
CA VAL F 98 -10.69 -17.26 25.35
C VAL F 98 -10.31 -15.95 24.66
N GLN F 99 -9.13 -15.39 24.88
CA GLN F 99 -8.87 -14.01 24.49
C GLN F 99 -8.96 -13.73 22.98
N ARG F 100 -8.71 -14.71 22.10
CA ARG F 100 -8.67 -14.50 20.65
C ARG F 100 -9.88 -15.09 19.94
N LEU F 101 -10.72 -15.91 20.61
CA LEU F 101 -11.87 -16.54 19.97
C LEU F 101 -13.20 -16.29 20.67
N GLN F 102 -13.30 -15.31 21.59
CA GLN F 102 -14.56 -14.97 22.23
C GLN F 102 -14.81 -13.45 22.14
N PRO F 103 -16.09 -12.99 22.23
CA PRO F 103 -16.41 -11.57 22.33
C PRO F 103 -15.68 -10.86 23.47
N PRO F 104 -14.94 -9.75 23.17
CA PRO F 104 -14.32 -8.95 24.22
C PRO F 104 -15.31 -8.22 25.13
N ARG F 105 -14.99 -8.13 26.43
CA ARG F 105 -15.70 -7.25 27.36
C ARG F 105 -15.30 -5.79 27.09
N PRO F 106 -16.22 -4.81 27.12
CA PRO F 106 -15.87 -3.41 26.77
C PRO F 106 -15.07 -2.68 27.85
N THR F 107 -14.28 -1.68 27.45
CA THR F 107 -13.62 -0.78 28.40
C THR F 107 -14.64 -0.09 29.33
N PRO F 108 -14.27 0.23 30.59
CA PRO F 108 -14.99 1.24 31.36
C PRO F 108 -15.00 2.57 30.59
N ALA F 109 -16.14 3.25 30.71
CA ALA F 109 -16.45 4.48 29.98
C ALA F 109 -15.57 5.67 30.39
N SER F 110 -15.02 5.63 31.62
CA SER F 110 -14.19 6.72 32.15
C SER F 110 -12.82 6.79 31.46
N LYS F 111 -12.36 5.67 30.87
CA LYS F 111 -10.98 5.51 30.43
C LYS F 111 -10.77 5.87 28.95
N ASN F 112 -11.85 6.00 28.18
CA ASN F 112 -11.79 6.01 26.72
C ASN F 112 -11.35 7.35 26.13
N GLY F 113 -11.23 8.40 26.94
CA GLY F 113 -10.74 9.68 26.44
C GLY F 113 -11.81 10.53 25.73
N LEU F 114 -13.09 10.11 25.87
CA LEU F 114 -14.22 10.92 25.45
C LEU F 114 -14.78 11.69 26.66
N ASN F 115 -14.79 11.05 27.84
CA ASN F 115 -15.52 11.56 28.98
C ASN F 115 -14.56 12.24 29.95
N VAL F 116 -13.79 13.21 29.43
CA VAL F 116 -12.85 14.01 30.22
C VAL F 116 -11.97 13.06 31.03
N LYS F 139 -17.94 -18.24 33.95
CA LYS F 139 -16.67 -18.71 33.32
C LYS F 139 -16.77 -18.61 31.80
N PRO F 140 -15.62 -18.55 31.08
CA PRO F 140 -15.62 -18.13 29.67
C PRO F 140 -16.17 -19.06 28.58
N LEU F 141 -16.06 -20.41 28.70
CA LEU F 141 -16.32 -21.27 27.54
C LEU F 141 -17.65 -22.04 27.61
N THR F 142 -18.69 -21.44 28.20
CA THR F 142 -19.87 -22.17 28.64
C THR F 142 -20.75 -22.69 27.50
N GLU F 143 -20.37 -22.45 26.23
CA GLU F 143 -21.20 -22.88 25.11
C GLU F 143 -20.42 -23.67 24.05
N ASN F 144 -19.10 -23.88 24.23
CA ASN F 144 -18.28 -24.58 23.25
C ASN F 144 -17.64 -25.80 23.87
N PRO F 145 -17.96 -27.06 23.49
CA PRO F 145 -17.22 -28.23 23.93
C PRO F 145 -15.79 -28.18 23.40
N LEU F 146 -14.85 -28.89 24.06
CA LEU F 146 -13.44 -28.84 23.66
C LEU F 146 -12.90 -30.21 23.32
N LEU F 147 -12.40 -30.38 22.10
CA LEU F 147 -11.70 -31.58 21.68
C LEU F 147 -10.21 -31.28 21.61
N MET F 148 -9.39 -32.10 22.28
CA MET F 148 -7.98 -31.78 22.46
C MET F 148 -7.14 -32.93 21.89
N THR F 149 -5.96 -32.59 21.36
CA THR F 149 -5.13 -33.55 20.63
C THR F 149 -3.91 -33.92 21.44
N GLU F 150 -3.64 -35.24 21.61
CA GLU F 150 -2.51 -35.75 22.37
C GLU F 150 -1.59 -36.56 21.45
N ALA F 151 -0.27 -36.58 21.74
CA ALA F 151 0.64 -37.50 21.05
C ALA F 151 0.35 -38.94 21.46
N PRO F 152 0.55 -39.98 20.63
CA PRO F 152 -0.03 -41.31 20.91
C PRO F 152 0.58 -42.10 22.07
N TRP F 153 1.78 -41.67 22.52
CA TRP F 153 2.43 -42.24 23.68
C TRP F 153 2.19 -41.45 24.96
N ASN F 154 1.29 -40.46 24.94
CA ASN F 154 0.99 -39.60 26.09
C ASN F 154 0.45 -40.44 27.24
N THR F 155 1.05 -40.30 28.43
CA THR F 155 0.86 -41.26 29.53
C THR F 155 -0.38 -40.95 30.35
N PRO F 156 -0.96 -41.94 31.09
CA PRO F 156 -2.20 -41.73 31.85
C PRO F 156 -2.21 -40.51 32.77
N LYS F 157 -1.14 -40.25 33.53
CA LYS F 157 -1.13 -39.12 34.45
C LYS F 157 -1.19 -37.77 33.72
N ALA F 158 -0.58 -37.67 32.54
CA ALA F 158 -0.66 -36.47 31.73
C ALA F 158 -2.07 -36.29 31.14
N ARG F 159 -2.73 -37.40 30.76
CA ARG F 159 -4.08 -37.33 30.22
C ARG F 159 -5.04 -36.87 31.33
N GLU F 160 -4.89 -37.43 32.53
CA GLU F 160 -5.70 -37.06 33.67
C GLU F 160 -5.57 -35.55 33.90
N LYS F 161 -4.35 -35.02 33.90
CA LYS F 161 -4.22 -33.61 34.24
C LYS F 161 -4.76 -32.70 33.14
N ALA F 162 -4.84 -33.13 31.88
CA ALA F 162 -5.44 -32.33 30.83
C ALA F 162 -6.94 -32.08 31.12
N ILE F 163 -7.73 -33.11 31.45
CA ILE F 163 -9.12 -32.87 31.81
C ILE F 163 -9.23 -32.10 33.13
N GLU F 164 -8.35 -32.34 34.10
CA GLU F 164 -8.40 -31.64 35.37
C GLU F 164 -8.19 -30.13 35.16
N VAL F 165 -7.25 -29.73 34.31
CA VAL F 165 -7.06 -28.34 33.96
C VAL F 165 -8.30 -27.78 33.27
N VAL F 166 -8.85 -28.50 32.30
CA VAL F 166 -9.98 -28.00 31.52
C VAL F 166 -11.21 -27.79 32.40
N MET F 167 -11.56 -28.78 33.22
CA MET F 167 -12.81 -28.72 33.97
C MET F 167 -12.77 -27.71 35.11
N GLU F 168 -11.59 -27.41 35.68
CA GLU F 168 -11.47 -26.32 36.63
C GLU F 168 -11.50 -24.93 35.98
N ASN F 169 -10.70 -24.69 34.94
CA ASN F 169 -10.36 -23.33 34.56
C ASN F 169 -11.42 -22.61 33.73
N TRP F 170 -12.15 -23.28 32.81
CA TRP F 170 -12.87 -22.53 31.77
C TRP F 170 -14.38 -22.77 31.72
N GLY F 171 -14.89 -23.70 32.54
CA GLY F 171 -16.33 -23.94 32.60
C GLY F 171 -16.91 -24.60 31.35
N THR F 172 -16.03 -25.27 30.59
CA THR F 172 -16.37 -25.95 29.35
C THR F 172 -17.48 -26.98 29.57
N PRO F 173 -18.46 -27.15 28.66
CA PRO F 173 -19.55 -28.08 28.92
C PRO F 173 -19.16 -29.56 28.86
N ALA F 174 -18.23 -29.92 27.98
CA ALA F 174 -17.85 -31.31 27.77
C ALA F 174 -16.51 -31.36 27.04
N PHE F 175 -15.84 -32.53 27.09
CA PHE F 175 -14.42 -32.64 26.73
C PHE F 175 -14.15 -33.94 26.02
N TRP F 176 -13.20 -33.91 25.06
CA TRP F 176 -12.69 -35.13 24.44
C TRP F 176 -11.21 -34.99 24.12
N LEU F 177 -10.45 -36.10 24.22
CA LEU F 177 -9.01 -36.09 23.99
C LEU F 177 -8.72 -37.25 23.05
N SER F 178 -7.96 -37.00 21.97
CA SER F 178 -7.72 -38.01 20.94
C SER F 178 -6.34 -37.89 20.34
N ARG F 179 -5.86 -39.00 19.78
CA ARG F 179 -4.48 -39.13 19.38
C ARG F 179 -4.29 -38.66 17.94
N THR F 180 -3.26 -37.84 17.73
CA THR F 180 -2.85 -37.34 16.41
C THR F 180 -2.93 -38.38 15.27
N PRO F 181 -2.40 -39.63 15.35
CA PRO F 181 -2.59 -40.61 14.28
C PRO F 181 -4.03 -40.82 13.82
N VAL F 182 -4.99 -40.87 14.75
CA VAL F 182 -6.38 -41.08 14.38
C VAL F 182 -6.90 -39.90 13.59
N LEU F 183 -6.59 -38.70 14.05
CA LEU F 183 -7.08 -37.53 13.35
C LEU F 183 -6.37 -37.34 12.02
N ALA F 184 -5.10 -37.72 11.89
CA ALA F 184 -4.43 -37.63 10.61
C ALA F 184 -5.09 -38.57 9.60
N ALA F 185 -5.44 -39.79 10.02
CA ALA F 185 -6.14 -40.73 9.15
C ALA F 185 -7.49 -40.16 8.68
N PHE F 186 -8.27 -39.57 9.60
CA PHE F 186 -9.55 -38.94 9.23
C PHE F 186 -9.35 -37.77 8.27
N ALA F 187 -8.26 -37.01 8.42
CA ALA F 187 -7.98 -35.90 7.53
C ALA F 187 -7.64 -36.35 6.13
N ALA F 188 -7.35 -37.64 5.90
CA ALA F 188 -7.18 -38.22 4.56
C ALA F 188 -8.41 -39.04 4.17
N GLY F 189 -9.44 -39.07 5.01
CA GLY F 189 -10.64 -39.77 4.62
C GLY F 189 -10.56 -41.27 4.79
N LYS F 190 -9.59 -41.79 5.58
CA LYS F 190 -9.37 -43.23 5.70
C LYS F 190 -9.84 -43.73 7.06
N ALA F 191 -10.59 -44.84 7.09
CA ALA F 191 -10.97 -45.51 8.34
C ALA F 191 -9.86 -46.43 8.86
N THR F 192 -9.08 -47.03 7.95
CA THR F 192 -7.96 -47.91 8.29
C THR F 192 -6.76 -47.50 7.45
N ALA F 193 -5.62 -47.26 8.10
CA ALA F 193 -4.48 -46.63 7.47
C ALA F 193 -3.20 -46.87 8.27
N LEU F 194 -2.06 -46.78 7.62
CA LEU F 194 -0.78 -46.65 8.30
C LEU F 194 -0.36 -45.18 8.19
N VAL F 195 -0.17 -44.54 9.35
CA VAL F 195 0.21 -43.14 9.37
C VAL F 195 1.70 -43.01 9.62
N ILE F 196 2.42 -42.32 8.73
CA ILE F 196 3.78 -41.88 8.96
C ILE F 196 3.72 -40.38 9.21
N ASP F 197 4.28 -39.94 10.32
CA ASP F 197 3.99 -38.65 10.90
C ASP F 197 5.31 -38.03 11.30
N VAL F 198 5.88 -37.20 10.41
CA VAL F 198 7.24 -36.73 10.59
C VAL F 198 7.15 -35.29 11.10
N GLY F 199 6.91 -35.21 12.40
CA GLY F 199 6.73 -33.97 13.10
C GLY F 199 8.04 -33.27 13.40
N GLY F 200 8.04 -32.49 14.49
CA GLY F 200 9.16 -31.66 14.87
C GLY F 200 10.09 -32.36 15.83
N ALA F 201 9.58 -32.63 17.00
CA ALA F 201 10.37 -33.28 18.00
C ALA F 201 10.44 -34.79 17.74
N ASN F 202 9.44 -35.36 17.06
CA ASN F 202 9.35 -36.79 16.89
C ASN F 202 8.85 -37.16 15.49
N THR F 203 9.35 -38.29 15.00
CA THR F 203 8.77 -39.02 13.88
C THR F 203 8.05 -40.23 14.46
N SER F 204 6.85 -40.44 14.00
CA SER F 204 5.99 -41.47 14.53
C SER F 204 5.47 -42.32 13.38
N VAL F 205 5.28 -43.61 13.63
CA VAL F 205 4.55 -44.47 12.73
C VAL F 205 3.54 -45.22 13.57
N THR F 206 2.31 -45.36 13.06
CA THR F 206 1.27 -46.05 13.80
C THR F 206 0.26 -46.65 12.82
N ALA F 207 -0.31 -47.80 13.16
CA ALA F 207 -1.41 -48.35 12.38
C ALA F 207 -2.76 -48.03 13.03
N ILE F 208 -3.67 -47.43 12.24
CA ILE F 208 -5.03 -47.09 12.64
C ILE F 208 -5.96 -48.11 11.99
N HIS F 209 -6.83 -48.76 12.74
CA HIS F 209 -7.81 -49.66 12.17
C HIS F 209 -9.17 -49.41 12.80
N ASP F 210 -10.19 -49.24 11.93
CA ASP F 210 -11.53 -48.79 12.32
C ASP F 210 -11.47 -47.58 13.26
N GLY F 211 -10.62 -46.61 12.89
CA GLY F 211 -10.50 -45.35 13.60
C GLY F 211 -9.83 -45.44 14.98
N MET F 212 -9.32 -46.61 15.43
CA MET F 212 -8.61 -46.71 16.70
C MET F 212 -7.16 -47.18 16.48
N VAL F 213 -6.23 -46.74 17.35
CA VAL F 213 -4.82 -47.09 17.21
C VAL F 213 -4.61 -48.53 17.67
N LEU F 214 -3.84 -49.30 16.87
CA LEU F 214 -3.38 -50.61 17.31
C LEU F 214 -2.14 -50.42 18.19
N LYS F 215 -2.25 -50.65 19.50
CA LYS F 215 -1.24 -50.22 20.46
C LYS F 215 0.16 -50.77 20.15
N ARG F 216 0.26 -52.07 19.81
CA ARG F 216 1.54 -52.72 19.57
C ARG F 216 2.33 -52.08 18.41
N SER F 217 1.64 -51.34 17.53
CA SER F 217 2.22 -50.81 16.30
C SER F 217 2.95 -49.50 16.54
N ILE F 218 2.75 -48.81 17.67
CA ILE F 218 3.27 -47.47 17.86
C ILE F 218 4.80 -47.51 17.91
N GLN F 219 5.46 -46.75 16.99
CA GLN F 219 6.91 -46.65 16.94
C GLN F 219 7.32 -45.19 16.80
N ARG F 220 8.37 -44.76 17.51
CA ARG F 220 8.72 -43.35 17.59
C ARG F 220 10.23 -43.11 17.50
N SER F 221 10.66 -41.91 17.09
CA SER F 221 12.06 -41.66 16.77
C SER F 221 12.40 -40.19 16.84
N PRO F 222 13.60 -39.77 17.31
CA PRO F 222 14.02 -38.38 17.21
C PRO F 222 14.30 -37.88 15.79
N ALA F 223 14.44 -38.78 14.81
CA ALA F 223 14.88 -38.39 13.47
C ALA F 223 13.75 -37.68 12.70
N ALA F 224 13.60 -36.38 13.00
CA ALA F 224 12.43 -35.58 12.67
C ALA F 224 12.90 -34.14 12.46
N GLY F 225 11.98 -33.20 12.42
CA GLY F 225 12.29 -31.85 12.06
C GLY F 225 13.36 -31.20 12.92
N VAL F 226 13.40 -31.49 14.23
CA VAL F 226 14.36 -30.81 15.11
C VAL F 226 15.75 -31.42 14.92
N TRP F 227 15.82 -32.77 14.93
CA TRP F 227 17.06 -33.46 14.60
C TRP F 227 17.66 -32.97 13.29
N LEU F 228 16.82 -32.80 12.25
CA LEU F 228 17.23 -32.36 10.94
C LEU F 228 17.80 -30.95 11.00
N SER F 229 17.33 -30.08 11.91
CA SER F 229 17.99 -28.80 12.09
C SER F 229 19.39 -28.97 12.71
N GLY F 230 19.56 -29.94 13.61
CA GLY F 230 20.88 -30.24 14.14
C GLY F 230 21.87 -30.73 13.09
N GLN F 231 21.39 -31.58 12.18
CA GLN F 231 22.17 -31.99 11.03
C GLN F 231 22.59 -30.79 10.18
N ILE F 232 21.68 -29.86 9.96
CA ILE F 232 21.98 -28.73 9.11
C ILE F 232 23.01 -27.84 9.79
N ARG F 233 22.87 -27.61 11.09
CA ARG F 233 23.82 -26.76 11.81
C ARG F 233 25.22 -27.38 11.79
N SER F 234 25.29 -28.69 11.98
CA SER F 234 26.55 -29.42 11.96
C SER F 234 27.22 -29.30 10.59
N MET F 235 26.43 -29.51 9.55
CA MET F 235 26.92 -29.40 8.18
C MET F 235 27.43 -27.98 7.87
N TRP F 236 26.76 -26.92 8.35
CA TRP F 236 27.21 -25.55 8.19
C TRP F 236 28.53 -25.30 8.93
N LYS F 237 28.68 -25.82 10.16
CA LYS F 237 29.92 -25.66 10.93
C LYS F 237 31.05 -26.55 10.42
N SER F 238 30.86 -27.23 9.27
CA SER F 238 31.88 -28.13 8.74
C SER F 238 32.09 -28.00 7.22
N GLN F 239 31.60 -26.93 6.60
CA GLN F 239 32.07 -26.56 5.26
C GLN F 239 33.53 -26.08 5.34
N ASP F 240 34.19 -25.91 4.18
CA ASP F 240 35.61 -25.54 4.13
C ASP F 240 35.82 -24.16 4.74
N PRO F 241 35.23 -23.04 4.23
CA PRO F 241 34.96 -21.88 5.06
C PRO F 241 33.72 -22.21 5.91
N PRO F 242 33.76 -22.08 7.25
CA PRO F 242 32.56 -22.33 8.06
C PRO F 242 31.44 -21.36 7.72
N VAL F 243 30.20 -21.87 7.78
CA VAL F 243 29.01 -21.10 7.48
C VAL F 243 28.33 -20.66 8.78
N ASN F 244 28.23 -19.34 8.96
CA ASN F 244 27.65 -18.75 10.15
C ASN F 244 26.25 -18.23 9.84
N VAL F 245 25.31 -18.56 10.74
CA VAL F 245 23.94 -18.09 10.66
C VAL F 245 23.75 -16.97 11.68
N VAL F 246 23.30 -15.83 11.17
CA VAL F 246 22.95 -14.67 11.95
C VAL F 246 21.45 -14.46 11.71
N PRO F 247 20.61 -14.46 12.77
CA PRO F 247 19.17 -14.51 12.60
C PRO F 247 18.65 -13.15 12.16
N THR F 248 17.41 -13.13 11.65
CA THR F 248 16.85 -12.01 10.89
C THR F 248 16.90 -10.70 11.68
N PHE F 249 16.63 -10.76 12.99
CA PHE F 249 16.53 -9.56 13.81
C PHE F 249 17.87 -8.83 13.99
N MET F 250 19.01 -9.49 13.76
CA MET F 250 20.31 -8.87 14.03
C MET F 250 20.83 -8.04 12.86
N VAL F 251 20.20 -8.13 11.67
CA VAL F 251 20.64 -7.34 10.52
C VAL F 251 19.68 -6.17 10.29
N GLU F 252 20.19 -4.93 10.25
CA GLU F 252 19.36 -3.78 9.91
C GLU F 252 19.15 -3.71 8.40
N ASN F 253 20.26 -3.71 7.65
CA ASN F 253 20.23 -3.52 6.21
C ASN F 253 21.30 -4.39 5.57
N LYS F 254 21.05 -4.79 4.31
CA LYS F 254 21.98 -5.59 3.55
C LYS F 254 22.01 -5.15 2.09
N LYS F 255 23.09 -5.54 1.39
CA LYS F 255 23.22 -5.39 -0.06
C LYS F 255 23.43 -6.76 -0.67
N PRO F 256 22.93 -7.01 -1.90
CA PRO F 256 23.14 -8.30 -2.55
C PRO F 256 24.61 -8.51 -2.90
N VAL F 257 25.07 -9.77 -2.79
CA VAL F 257 26.45 -10.15 -3.09
C VAL F 257 26.47 -11.49 -3.82
N GLU F 258 27.60 -11.74 -4.51
CA GLU F 258 27.77 -12.85 -5.42
C GLU F 258 27.87 -14.16 -4.64
N ALA F 259 27.60 -15.28 -5.31
CA ALA F 259 27.71 -16.61 -4.71
C ALA F 259 29.09 -16.85 -4.11
N GLY F 260 29.15 -17.10 -2.79
CA GLY F 260 30.39 -17.43 -2.09
C GLY F 260 31.18 -16.20 -1.64
N ALA F 261 30.67 -14.99 -1.91
CA ALA F 261 31.38 -13.77 -1.56
C ALA F 261 31.25 -13.47 -0.06
N PRO F 262 32.11 -12.61 0.55
CA PRO F 262 31.91 -12.15 1.92
C PRO F 262 30.64 -11.30 2.05
N PRO F 263 29.91 -11.41 3.18
CA PRO F 263 28.66 -10.66 3.38
C PRO F 263 28.83 -9.14 3.48
N ASP F 264 27.75 -8.41 3.18
CA ASP F 264 27.76 -6.95 3.12
C ASP F 264 26.48 -6.37 3.71
N CYS F 265 26.58 -5.98 4.98
CA CYS F 265 25.43 -5.65 5.81
C CYS F 265 25.90 -4.84 7.02
N ARG F 266 24.95 -4.25 7.77
CA ARG F 266 25.26 -3.66 9.05
C ARG F 266 24.26 -4.13 10.11
N LEU F 267 24.81 -4.42 11.30
CA LEU F 267 24.08 -5.12 12.35
C LEU F 267 23.43 -4.15 13.32
N ARG F 268 22.35 -4.63 13.97
CA ARG F 268 21.78 -3.97 15.12
C ARG F 268 22.77 -4.00 16.29
N ASN F 269 22.64 -2.98 17.15
CA ASN F 269 23.32 -2.98 18.44
C ASN F 269 22.28 -2.67 19.52
N PHE F 270 22.38 -3.40 20.64
CA PHE F 270 21.38 -3.34 21.70
C PHE F 270 22.00 -2.92 23.04
N GLY F 271 21.23 -2.13 23.82
CA GLY F 271 21.67 -1.69 25.14
C GLY F 271 21.54 -2.76 26.21
N PHE F 272 21.51 -4.04 25.80
CA PHE F 272 21.28 -5.17 26.68
C PHE F 272 21.85 -6.44 26.04
N PRO F 273 22.17 -7.48 26.83
CA PRO F 273 22.52 -8.79 26.28
C PRO F 273 21.31 -9.52 25.71
N ILE F 274 21.45 -10.05 24.49
CA ILE F 274 20.45 -10.93 23.92
C ILE F 274 20.59 -12.28 24.60
N HIS F 275 19.48 -12.86 25.05
CA HIS F 275 19.56 -14.17 25.69
C HIS F 275 19.86 -15.27 24.65
N ASP F 276 20.68 -16.25 25.04
CA ASP F 276 21.00 -17.40 24.20
C ASP F 276 19.75 -18.13 23.70
N SER F 277 18.70 -18.21 24.54
CA SER F 277 17.42 -18.85 24.22
C SER F 277 16.71 -18.14 23.06
N PHE F 278 16.77 -16.82 23.07
CA PHE F 278 16.11 -16.01 22.06
C PHE F 278 16.83 -16.18 20.74
N ARG F 279 18.17 -16.07 20.71
CA ARG F 279 18.91 -16.25 19.46
C ARG F 279 18.67 -17.66 18.90
N ALA F 280 18.58 -18.67 19.73
CA ALA F 280 18.31 -20.03 19.28
C ALA F 280 16.91 -20.19 18.69
N PHE F 281 15.91 -19.47 19.17
CA PHE F 281 14.58 -19.51 18.56
C PHE F 281 14.54 -18.71 17.24
N GLU F 282 15.17 -17.54 17.20
CA GLU F 282 15.19 -16.72 16.00
C GLU F 282 16.08 -17.27 14.88
N GLU F 283 17.03 -18.14 15.17
CA GLU F 283 17.76 -18.90 14.16
C GLU F 283 16.91 -20.02 13.56
N GLU F 284 15.91 -20.51 14.29
CA GLU F 284 15.12 -21.63 13.82
C GLU F 284 14.34 -21.27 12.55
N ARG F 285 13.97 -19.99 12.37
CA ARG F 285 13.26 -19.58 11.17
C ARG F 285 14.17 -19.78 9.97
N VAL F 286 15.45 -19.37 10.06
CA VAL F 286 16.39 -19.55 8.98
C VAL F 286 16.60 -21.03 8.61
N LEU F 287 16.71 -21.89 9.61
CA LEU F 287 16.73 -23.33 9.38
C LEU F 287 15.44 -23.87 8.76
N THR F 288 14.30 -23.25 9.06
CA THR F 288 13.06 -23.67 8.44
C THR F 288 13.01 -23.28 6.97
N GLU F 289 13.53 -22.13 6.60
CA GLU F 289 13.64 -21.77 5.19
C GLU F 289 14.56 -22.72 4.43
N PHE F 290 15.69 -23.10 5.01
CA PHE F 290 16.61 -24.04 4.37
C PHE F 290 15.94 -25.40 4.20
N LYS F 291 15.21 -25.88 5.21
CA LYS F 291 14.47 -27.12 5.08
C LYS F 291 13.44 -27.07 3.96
N GLU F 292 12.65 -25.99 3.88
CA GLU F 292 11.51 -26.00 2.99
C GLU F 292 11.94 -25.75 1.54
N SER F 293 13.13 -25.19 1.30
CA SER F 293 13.50 -24.71 -0.02
C SER F 293 14.82 -25.26 -0.60
N VAL F 294 15.69 -25.87 0.22
CA VAL F 294 16.98 -26.38 -0.26
C VAL F 294 17.08 -27.88 -0.03
N VAL F 295 16.83 -28.34 1.20
CA VAL F 295 17.03 -29.74 1.50
C VAL F 295 16.17 -30.62 0.60
N GLU F 296 16.73 -31.76 0.17
CA GLU F 296 16.01 -32.70 -0.70
C GLU F 296 16.33 -34.11 -0.25
N VAL F 297 15.32 -34.96 -0.12
CA VAL F 297 15.58 -36.37 0.11
C VAL F 297 16.16 -36.98 -1.17
N TRP F 298 17.18 -37.84 -1.04
CA TRP F 298 17.64 -38.62 -2.17
C TRP F 298 16.55 -39.61 -2.58
N ARG F 299 16.04 -39.46 -3.81
CA ARG F 299 14.88 -40.21 -4.27
C ARG F 299 15.25 -41.32 -5.25
N GLY F 300 16.54 -41.40 -5.64
CA GLY F 300 17.03 -42.23 -6.72
C GLY F 300 17.08 -43.72 -6.36
N PRO F 301 17.62 -44.57 -7.26
CA PRO F 301 17.72 -46.00 -7.00
C PRO F 301 18.74 -46.32 -5.91
N GLY F 302 18.26 -46.91 -4.80
CA GLY F 302 19.10 -47.22 -3.65
C GLY F 302 19.56 -45.99 -2.86
N LYS F 303 20.17 -46.23 -1.69
CA LYS F 303 20.65 -45.21 -0.77
C LYS F 303 21.63 -44.26 -1.46
N TYR F 304 21.77 -43.05 -0.91
CA TYR F 304 22.66 -42.03 -1.45
C TYR F 304 24.12 -42.43 -1.39
N LEU F 305 24.52 -43.25 -0.42
CA LEU F 305 25.92 -43.64 -0.26
C LEU F 305 26.34 -44.82 -1.16
N ASN F 306 25.41 -45.48 -1.87
CA ASN F 306 25.74 -46.54 -2.82
C ASN F 306 26.69 -46.00 -3.89
N PRO F 307 27.65 -46.81 -4.41
CA PRO F 307 28.87 -46.29 -5.03
C PRO F 307 28.72 -45.21 -6.10
N GLY F 308 27.73 -45.34 -7.00
CA GLY F 308 27.53 -44.39 -8.09
C GLY F 308 26.79 -43.11 -7.67
N ASN F 309 25.92 -43.20 -6.66
CA ASN F 309 24.93 -42.18 -6.36
C ASN F 309 25.59 -40.90 -5.87
N GLU F 310 26.45 -40.98 -4.85
CA GLU F 310 27.12 -39.81 -4.29
C GLU F 310 27.96 -39.09 -5.36
N ASP F 311 28.69 -39.87 -6.18
CA ASP F 311 29.56 -39.34 -7.21
C ASP F 311 28.74 -38.58 -8.26
N PHE F 312 27.61 -39.15 -8.66
CA PHE F 312 26.70 -38.50 -9.59
C PHE F 312 26.12 -37.21 -8.98
N ALA F 313 25.68 -37.26 -7.72
CA ALA F 313 24.99 -36.14 -7.08
C ALA F 313 25.82 -34.85 -7.10
N LYS F 314 27.14 -34.95 -6.96
CA LYS F 314 28.06 -33.82 -7.04
C LYS F 314 28.06 -33.13 -8.43
N THR F 315 27.58 -33.79 -9.50
CA THR F 315 27.64 -33.26 -10.86
C THR F 315 26.38 -32.47 -11.25
N GLN F 316 25.30 -32.61 -10.47
CA GLN F 316 24.00 -32.06 -10.82
C GLN F 316 23.98 -30.53 -10.71
N PRO F 317 22.95 -29.87 -11.31
CA PRO F 317 22.61 -28.49 -10.94
C PRO F 317 22.18 -28.47 -9.47
N GLY F 318 22.66 -27.45 -8.73
CA GLY F 318 22.42 -27.34 -7.29
C GLY F 318 21.12 -26.61 -6.92
N ARG F 319 21.12 -25.98 -5.73
CA ARG F 319 20.07 -25.08 -5.25
C ARG F 319 20.72 -23.82 -4.65
N VAL F 320 20.16 -22.64 -4.94
CA VAL F 320 20.69 -21.39 -4.39
C VAL F 320 19.96 -21.08 -3.09
N PHE F 321 20.64 -20.41 -2.15
CA PHE F 321 20.02 -19.98 -0.89
C PHE F 321 20.67 -18.71 -0.35
N GLU F 322 19.89 -17.94 0.43
CA GLU F 322 20.45 -16.77 1.10
C GLU F 322 20.10 -16.75 2.59
N PHE F 323 21.12 -16.41 3.39
CA PHE F 323 20.93 -16.10 4.78
C PHE F 323 20.43 -14.65 4.93
N PRO F 324 19.75 -14.30 6.04
CA PRO F 324 19.39 -12.92 6.32
C PRO F 324 20.56 -11.98 6.24
N ASP F 325 21.77 -12.48 6.47
CA ASP F 325 23.02 -11.76 6.33
C ASP F 325 23.19 -11.11 4.95
N GLY F 326 22.45 -11.57 3.94
CA GLY F 326 22.75 -11.25 2.55
C GLY F 326 23.69 -12.26 1.87
N SER F 327 24.42 -13.04 2.66
CA SER F 327 25.33 -14.07 2.17
C SER F 327 24.59 -15.16 1.38
N ASN F 328 25.17 -15.50 0.22
CA ASN F 328 24.53 -16.28 -0.83
C ASN F 328 25.46 -17.42 -1.23
N GLN F 329 24.94 -18.64 -1.45
CA GLN F 329 25.78 -19.76 -1.89
C GLN F 329 24.96 -20.79 -2.66
N MET F 330 25.65 -21.62 -3.45
CA MET F 330 25.04 -22.72 -4.20
C MET F 330 25.35 -24.04 -3.50
N TRP F 331 24.31 -24.84 -3.25
CA TRP F 331 24.44 -26.10 -2.51
C TRP F 331 24.21 -27.30 -3.44
N ARG F 332 25.09 -28.31 -3.36
CA ARG F 332 25.06 -29.45 -4.27
C ARG F 332 24.86 -30.75 -3.51
N GLU F 333 25.92 -31.43 -3.07
CA GLU F 333 25.81 -32.81 -2.60
C GLU F 333 25.35 -32.87 -1.14
N GLN F 334 25.53 -31.75 -0.41
CA GLN F 334 25.22 -31.67 1.02
C GLN F 334 23.70 -31.74 1.23
N ARG F 335 22.92 -31.19 0.28
CA ARG F 335 21.49 -31.06 0.41
C ARG F 335 20.81 -32.41 0.57
N TYR F 336 21.47 -33.48 0.06
CA TYR F 336 20.98 -34.85 0.23
C TYR F 336 21.42 -35.43 1.57
N ARG F 337 22.67 -35.17 1.94
CA ARG F 337 23.27 -35.86 3.07
C ARG F 337 22.62 -35.46 4.39
N VAL F 338 22.20 -34.18 4.51
CA VAL F 338 21.54 -33.76 5.75
C VAL F 338 20.23 -34.52 5.98
N ALA F 339 19.55 -34.91 4.91
CA ALA F 339 18.31 -35.64 5.03
C ALA F 339 18.57 -37.14 5.12
N GLU F 340 19.61 -37.65 4.44
CA GLU F 340 19.80 -39.08 4.24
C GLU F 340 19.89 -39.84 5.57
N GLY F 341 20.40 -39.17 6.61
CA GLY F 341 20.56 -39.80 7.92
C GLY F 341 19.31 -40.47 8.48
N MET F 342 18.10 -39.97 8.18
CA MET F 342 16.90 -40.61 8.73
C MET F 342 16.51 -41.86 7.93
N TRP F 343 17.13 -42.10 6.78
CA TRP F 343 16.92 -43.31 5.97
C TRP F 343 18.06 -44.32 6.16
N ASP F 344 19.30 -43.82 6.28
CA ASP F 344 20.47 -44.62 6.59
C ASP F 344 21.34 -43.88 7.59
N GLU F 345 21.36 -44.41 8.83
CA GLU F 345 22.05 -43.81 9.96
C GLU F 345 23.55 -43.60 9.69
N THR F 346 24.12 -44.37 8.76
CA THR F 346 25.54 -44.29 8.42
C THR F 346 25.93 -42.93 7.84
N ALA F 347 24.96 -42.20 7.25
CA ALA F 347 25.23 -40.98 6.50
C ALA F 347 25.35 -39.73 7.37
N ALA F 348 24.79 -39.79 8.61
CA ALA F 348 24.53 -38.61 9.44
C ALA F 348 25.82 -37.90 9.87
N TYR F 349 25.78 -36.55 9.87
CA TYR F 349 26.85 -35.74 10.42
C TYR F 349 26.93 -35.89 11.95
N PRO F 350 28.12 -35.62 12.57
CA PRO F 350 28.27 -35.59 14.03
C PRO F 350 27.37 -34.55 14.68
N SER F 351 26.73 -34.90 15.81
CA SER F 351 25.87 -33.95 16.49
C SER F 351 26.71 -32.76 16.99
N LEU F 352 26.19 -31.54 16.82
CA LEU F 352 26.95 -30.35 17.17
C LEU F 352 26.98 -30.19 18.68
N ASN F 353 25.89 -30.57 19.36
CA ASN F 353 25.89 -30.80 20.80
C ASN F 353 26.62 -32.10 21.10
N PRO F 354 27.74 -32.11 21.90
CA PRO F 354 28.48 -33.35 22.15
C PRO F 354 27.80 -34.37 23.07
N ASP F 355 26.74 -33.98 23.81
CA ASP F 355 26.07 -34.90 24.73
C ASP F 355 24.82 -35.55 24.12
N GLU F 356 24.44 -35.16 22.89
CA GLU F 356 23.33 -35.78 22.15
C GLU F 356 23.74 -37.16 21.64
N ALA F 357 22.87 -38.16 21.82
CA ALA F 357 23.10 -39.50 21.31
C ALA F 357 22.84 -39.53 19.80
N ALA F 358 23.77 -40.14 19.04
CA ALA F 358 23.61 -40.31 17.60
C ALA F 358 22.53 -41.37 17.28
N ILE F 359 21.87 -41.22 16.12
CA ILE F 359 20.75 -42.09 15.79
C ILE F 359 21.23 -43.49 15.39
N THR F 360 20.50 -44.49 15.93
CA THR F 360 20.76 -45.90 15.68
C THR F 360 19.94 -46.39 14.48
N LYS F 361 20.27 -47.59 13.97
CA LYS F 361 19.52 -48.18 12.87
C LYS F 361 18.03 -48.26 13.21
N ALA F 362 17.70 -48.71 14.43
CA ALA F 362 16.33 -48.86 14.88
C ALA F 362 15.53 -47.55 14.92
N GLN F 363 16.17 -46.39 14.75
CA GLN F 363 15.47 -45.12 14.74
C GLN F 363 15.31 -44.54 13.32
N THR F 364 15.74 -45.26 12.27
CA THR F 364 15.58 -44.79 10.90
C THR F 364 14.17 -45.10 10.39
N ILE F 365 13.69 -44.36 9.36
CA ILE F 365 12.31 -44.48 8.92
C ILE F 365 12.00 -45.90 8.45
N PRO F 366 12.83 -46.56 7.60
CA PRO F 366 12.55 -47.95 7.22
C PRO F 366 12.48 -48.91 8.40
N ALA F 367 13.35 -48.77 9.41
CA ALA F 367 13.28 -49.62 10.59
C ALA F 367 11.97 -49.40 11.38
N LEU F 368 11.54 -48.14 11.54
CA LEU F 368 10.26 -47.84 12.17
C LEU F 368 9.11 -48.51 11.43
N ILE F 369 9.05 -48.36 10.11
CA ILE F 369 7.99 -48.92 9.30
C ILE F 369 7.97 -50.44 9.42
N LYS F 370 9.14 -51.07 9.33
CA LYS F 370 9.24 -52.53 9.35
C LYS F 370 8.82 -53.07 10.72
N ALA F 371 9.25 -52.41 11.80
CA ALA F 371 8.88 -52.79 13.15
C ALA F 371 7.40 -52.51 13.43
N ALA F 372 6.87 -51.39 12.92
CA ALA F 372 5.47 -51.01 13.11
C ALA F 372 4.53 -52.05 12.52
N LEU F 373 4.78 -52.45 11.27
CA LEU F 373 3.98 -53.47 10.63
C LEU F 373 4.20 -54.83 11.30
N ASP F 374 5.42 -55.15 11.75
CA ASP F 374 5.62 -56.36 12.53
C ASP F 374 4.93 -56.31 13.91
N GLY F 375 4.29 -55.20 14.28
CA GLY F 375 3.39 -55.12 15.43
C GLY F 375 1.95 -55.54 15.12
N VAL F 376 1.63 -55.88 13.85
CA VAL F 376 0.26 -56.04 13.37
C VAL F 376 0.06 -57.40 12.68
N ASP F 377 -1.17 -57.94 12.78
CA ASP F 377 -1.54 -59.21 12.15
C ASP F 377 -1.25 -59.23 10.65
N VAL F 378 -0.74 -60.37 10.18
CA VAL F 378 -0.20 -60.52 8.83
C VAL F 378 -1.30 -60.30 7.78
N ASP F 379 -2.53 -60.75 8.09
CA ASP F 379 -3.67 -60.64 7.17
C ASP F 379 -4.06 -59.18 6.88
N LEU F 380 -3.69 -58.26 7.78
CA LEU F 380 -4.13 -56.88 7.75
C LEU F 380 -3.11 -55.98 7.04
N ARG F 381 -1.89 -56.48 6.78
CA ARG F 381 -0.78 -55.67 6.27
C ARG F 381 -1.06 -55.11 4.86
N PRO F 382 -1.62 -55.88 3.89
CA PRO F 382 -1.90 -55.36 2.56
C PRO F 382 -2.85 -54.15 2.56
N ASN F 383 -3.88 -54.22 3.42
CA ASN F 383 -4.88 -53.19 3.58
C ASN F 383 -4.25 -51.89 4.08
N LEU F 384 -3.38 -52.01 5.10
CA LEU F 384 -2.67 -50.87 5.67
C LEU F 384 -1.75 -50.28 4.62
N LEU F 385 -0.98 -51.12 3.90
CA LEU F 385 -0.02 -50.64 2.92
C LEU F 385 -0.71 -49.98 1.71
N GLY F 386 -1.95 -50.38 1.41
CA GLY F 386 -2.73 -49.73 0.38
C GLY F 386 -3.23 -48.33 0.77
N ASN F 387 -3.19 -48.02 2.08
CA ASN F 387 -3.77 -46.80 2.64
C ASN F 387 -2.74 -46.03 3.46
N VAL F 388 -1.54 -45.81 2.94
CA VAL F 388 -0.53 -45.08 3.68
C VAL F 388 -0.88 -43.59 3.67
N VAL F 389 -0.87 -42.97 4.86
CA VAL F 389 -1.16 -41.55 5.04
C VAL F 389 0.04 -40.83 5.64
N VAL F 390 0.52 -39.80 4.99
CA VAL F 390 1.71 -39.14 5.47
C VAL F 390 1.31 -37.76 6.04
N THR F 391 2.04 -37.30 7.07
CA THR F 391 1.61 -36.16 7.88
C THR F 391 2.81 -35.41 8.49
N GLY F 392 2.59 -34.14 8.82
CA GLY F 392 3.55 -33.33 9.56
C GLY F 392 4.51 -32.64 8.63
N SER F 393 4.99 -31.46 9.00
CA SER F 393 5.66 -30.66 8.00
C SER F 393 6.99 -31.27 7.53
N THR F 394 7.66 -32.12 8.30
CA THR F 394 8.90 -32.67 7.78
C THR F 394 8.64 -33.56 6.57
N SER F 395 7.43 -34.14 6.48
CA SER F 395 7.07 -34.91 5.30
C SER F 395 6.96 -34.05 4.04
N LEU F 396 7.05 -32.72 4.11
CA LEU F 396 6.99 -31.86 2.95
C LEU F 396 8.37 -31.65 2.37
N LEU F 397 9.38 -32.44 2.77
CA LEU F 397 10.68 -32.34 2.10
C LEU F 397 10.54 -32.75 0.64
N ASN F 398 11.27 -32.07 -0.28
CA ASN F 398 11.27 -32.50 -1.68
C ASN F 398 11.71 -33.95 -1.78
N GLY F 399 10.94 -34.78 -2.49
CA GLY F 399 11.35 -36.15 -2.69
C GLY F 399 10.97 -37.09 -1.56
N PHE F 400 10.38 -36.62 -0.48
CA PHE F 400 10.09 -37.51 0.64
C PHE F 400 9.10 -38.61 0.24
N ASN F 401 8.02 -38.27 -0.50
CA ASN F 401 7.06 -39.29 -0.91
C ASN F 401 7.68 -40.29 -1.90
N ASP F 402 8.58 -39.82 -2.76
CA ASP F 402 9.25 -40.69 -3.70
C ASP F 402 10.06 -41.75 -2.94
N ARG F 403 10.93 -41.30 -2.04
CA ARG F 403 11.79 -42.19 -1.30
C ARG F 403 10.98 -43.15 -0.44
N LEU F 404 9.92 -42.68 0.19
CA LEU F 404 9.06 -43.54 0.99
C LEU F 404 8.38 -44.61 0.13
N ASN F 405 7.99 -44.24 -1.10
CA ASN F 405 7.38 -45.17 -2.04
C ASN F 405 8.39 -46.22 -2.49
N HIS F 406 9.64 -45.81 -2.74
CA HIS F 406 10.68 -46.73 -3.13
C HIS F 406 10.97 -47.71 -1.99
N GLU F 407 11.22 -47.21 -0.78
CA GLU F 407 11.60 -48.03 0.35
C GLU F 407 10.48 -49.02 0.68
N LEU F 408 9.23 -48.59 0.70
CA LEU F 408 8.12 -49.50 0.90
C LEU F 408 8.08 -50.56 -0.20
N THR F 409 8.34 -50.19 -1.46
CA THR F 409 8.36 -51.14 -2.57
C THR F 409 9.43 -52.21 -2.36
N ASN F 410 10.65 -51.80 -2.01
CA ASN F 410 11.78 -52.73 -1.96
C ASN F 410 11.71 -53.60 -0.70
N MET F 411 11.02 -53.15 0.37
CA MET F 411 10.95 -53.93 1.60
C MET F 411 9.66 -54.75 1.70
N TYR F 412 8.60 -54.37 0.96
CA TYR F 412 7.38 -55.17 0.82
C TYR F 412 7.07 -55.38 -0.67
N PRO F 413 7.83 -56.23 -1.39
CA PRO F 413 7.53 -56.57 -2.78
C PRO F 413 6.25 -57.40 -2.89
N GLY F 414 5.57 -57.25 -4.03
CA GLY F 414 4.37 -58.01 -4.35
C GLY F 414 3.07 -57.42 -3.81
N LEU F 415 3.14 -56.22 -3.18
CA LEU F 415 1.96 -55.53 -2.65
C LEU F 415 1.81 -54.15 -3.29
N LYS F 416 0.55 -53.71 -3.46
CA LYS F 416 0.26 -52.39 -3.99
C LYS F 416 0.51 -51.31 -2.92
N ILE F 417 1.33 -50.30 -3.24
CA ILE F 417 1.63 -49.20 -2.34
C ILE F 417 1.03 -47.92 -2.91
N LYS F 418 0.32 -47.16 -2.06
CA LYS F 418 -0.29 -45.90 -2.46
C LYS F 418 -0.25 -44.92 -1.29
N LEU F 419 0.22 -43.70 -1.55
CA LEU F 419 0.47 -42.70 -0.53
C LEU F 419 -0.55 -41.55 -0.65
N HIS F 420 -1.23 -41.23 0.45
CA HIS F 420 -2.15 -40.11 0.53
C HIS F 420 -1.60 -39.04 1.46
N ALA F 421 -1.84 -37.77 1.13
CA ALA F 421 -1.64 -36.72 2.10
C ALA F 421 -2.86 -36.64 3.03
N ALA F 422 -2.65 -36.22 4.29
CA ALA F 422 -3.72 -35.77 5.16
C ALA F 422 -4.04 -34.29 4.90
N GLY F 423 -5.31 -34.03 4.52
CA GLY F 423 -5.72 -32.68 4.14
C GLY F 423 -6.89 -32.63 3.17
N LEU F 424 -7.55 -31.46 3.12
CA LEU F 424 -8.60 -31.16 2.16
C LEU F 424 -8.06 -30.29 1.01
N THR F 425 -6.77 -29.96 1.06
CA THR F 425 -6.17 -28.90 0.26
C THR F 425 -4.68 -29.22 0.05
N SER F 426 -4.00 -28.48 -0.85
CA SER F 426 -2.56 -28.56 -1.02
C SER F 426 -1.79 -28.22 0.27
N GLU F 427 -2.38 -27.34 1.11
CA GLU F 427 -1.86 -26.93 2.41
C GLU F 427 -1.94 -28.09 3.41
N ARG F 428 -0.83 -28.84 3.54
CA ARG F 428 -0.81 -30.12 4.26
C ARG F 428 -0.27 -30.02 5.70
N ARG F 429 0.01 -28.79 6.19
CA ARG F 429 0.64 -28.59 7.47
C ARG F 429 -0.24 -28.95 8.67
N PHE F 430 -1.55 -28.77 8.55
CA PHE F 430 -2.45 -28.86 9.70
C PHE F 430 -3.20 -30.18 9.75
N GLY F 431 -2.60 -31.28 9.30
CA GLY F 431 -3.33 -32.52 9.12
C GLY F 431 -4.13 -33.03 10.35
N ALA F 432 -3.46 -33.11 11.48
CA ALA F 432 -4.08 -33.69 12.68
C ALA F 432 -5.16 -32.77 13.24
N TRP F 433 -5.04 -31.43 13.03
CA TRP F 433 -6.11 -30.51 13.39
C TRP F 433 -7.35 -30.74 12.51
N ILE F 434 -7.14 -30.84 11.20
CA ILE F 434 -8.26 -30.96 10.27
C ILE F 434 -9.09 -32.16 10.61
N GLY F 435 -8.44 -33.25 10.98
CA GLY F 435 -9.16 -34.44 11.39
C GLY F 435 -10.10 -34.17 12.57
N GLY F 436 -9.63 -33.39 13.54
CA GLY F 436 -10.47 -33.00 14.66
C GLY F 436 -11.66 -32.16 14.22
N SER F 437 -11.44 -31.25 13.30
CA SER F 437 -12.54 -30.42 12.79
C SER F 437 -13.63 -31.23 12.08
N ILE F 438 -13.23 -32.29 11.38
CA ILE F 438 -14.17 -33.21 10.76
C ILE F 438 -14.87 -34.05 11.82
N LEU F 439 -14.11 -34.68 12.73
CA LEU F 439 -14.66 -35.49 13.81
C LEU F 439 -15.72 -34.74 14.62
N ALA F 440 -15.38 -33.54 15.06
CA ALA F 440 -16.24 -32.70 15.86
C ALA F 440 -17.48 -32.19 15.11
N SER F 441 -17.55 -32.40 13.79
CA SER F 441 -18.68 -31.96 12.98
C SER F 441 -19.65 -33.11 12.66
N LEU F 442 -19.25 -34.36 12.88
CA LEU F 442 -20.10 -35.49 12.57
C LEU F 442 -21.23 -35.60 13.59
N GLY F 443 -22.45 -35.87 13.14
CA GLY F 443 -23.54 -35.91 14.08
C GLY F 443 -23.40 -37.06 15.07
N THR F 444 -22.88 -38.22 14.61
CA THR F 444 -22.81 -39.41 15.47
C THR F 444 -21.74 -39.25 16.56
N PHE F 445 -20.80 -38.32 16.39
CA PHE F 445 -19.78 -38.10 17.40
C PHE F 445 -20.30 -37.49 18.74
N HIS F 446 -21.36 -36.70 18.76
CA HIS F 446 -21.63 -35.92 19.96
C HIS F 446 -22.04 -36.82 21.13
N GLN F 447 -22.33 -38.10 20.90
CA GLN F 447 -22.62 -39.00 22.01
C GLN F 447 -21.38 -39.35 22.82
N MET F 448 -20.19 -38.98 22.35
CA MET F 448 -18.93 -39.48 22.87
C MET F 448 -18.40 -38.53 23.95
N TRP F 449 -18.48 -37.19 23.74
CA TRP F 449 -17.90 -36.22 24.70
C TRP F 449 -18.11 -36.68 26.15
N ILE F 450 -17.07 -36.48 26.97
CA ILE F 450 -17.20 -36.68 28.39
C ILE F 450 -17.85 -35.41 28.90
N SER F 451 -19.05 -35.63 29.44
CA SER F 451 -19.93 -34.57 29.91
C SER F 451 -19.33 -33.93 31.18
N ARG F 452 -19.49 -32.62 31.40
CA ARG F 452 -19.10 -31.97 32.65
C ARG F 452 -19.62 -32.76 33.83
N LYS F 453 -20.90 -33.18 33.82
CA LYS F 453 -21.49 -33.97 34.90
C LYS F 453 -20.81 -35.34 35.05
N GLU F 454 -20.61 -36.05 33.93
CA GLU F 454 -20.00 -37.36 33.85
C GLU F 454 -18.58 -37.33 34.41
N TYR F 455 -17.85 -36.24 34.19
CA TYR F 455 -16.55 -36.00 34.83
C TYR F 455 -16.71 -35.75 36.33
N GLU F 456 -17.50 -34.77 36.76
CA GLU F 456 -17.52 -34.36 38.15
C GLU F 456 -18.05 -35.46 39.07
N GLU F 457 -18.75 -36.45 38.52
CA GLU F 457 -19.16 -37.62 39.28
C GLU F 457 -18.04 -38.68 39.46
N ASN F 458 -16.95 -38.64 38.67
CA ASN F 458 -15.99 -39.75 38.56
C ASN F 458 -14.50 -39.31 38.64
N GLY F 459 -14.08 -38.27 37.88
CA GLY F 459 -12.76 -37.62 38.05
C GLY F 459 -11.62 -38.26 37.23
N ALA F 460 -11.59 -39.61 37.24
CA ALA F 460 -10.60 -40.42 36.52
C ALA F 460 -11.21 -41.20 35.35
N GLY F 461 -12.40 -40.76 34.88
CA GLY F 461 -13.20 -41.41 33.85
C GLY F 461 -12.46 -41.54 32.52
N ILE F 462 -11.49 -40.63 32.30
CA ILE F 462 -10.91 -40.36 30.97
C ILE F 462 -9.98 -41.45 30.49
N VAL F 463 -9.46 -42.31 31.38
CA VAL F 463 -8.61 -43.41 30.94
C VAL F 463 -9.46 -44.50 30.28
N GLU F 464 -10.69 -44.68 30.80
CA GLU F 464 -11.58 -45.77 30.41
C GLU F 464 -12.59 -45.31 29.36
N LYS F 465 -13.34 -44.23 29.64
CA LYS F 465 -14.41 -43.80 28.75
C LYS F 465 -13.85 -42.97 27.59
N ARG F 466 -12.77 -43.46 26.99
CA ARG F 466 -12.16 -42.75 25.86
C ARG F 466 -11.39 -43.61 24.85
N CYS F 467 -11.17 -44.91 25.15
CA CYS F 467 -10.50 -45.82 24.23
C CYS F 467 -11.25 -47.17 24.14
N GLY G 146 -33.38 -3.15 -19.97
CA GLY G 146 -32.15 -3.04 -19.16
C GLY G 146 -31.92 -4.31 -18.35
N PRO G 147 -30.67 -4.59 -17.87
CA PRO G 147 -30.33 -5.91 -17.33
C PRO G 147 -31.08 -6.36 -16.07
N LYS G 148 -31.43 -5.40 -15.20
CA LYS G 148 -32.06 -5.71 -13.92
C LYS G 148 -33.49 -6.18 -14.14
N ALA G 149 -34.10 -5.78 -15.27
CA ALA G 149 -35.47 -6.13 -15.62
C ALA G 149 -35.56 -7.50 -16.28
N ASN G 150 -34.42 -8.03 -16.76
CA ASN G 150 -34.35 -9.25 -17.54
C ASN G 150 -35.00 -10.38 -16.74
N GLN G 151 -35.93 -11.10 -17.41
CA GLN G 151 -36.67 -12.20 -16.84
C GLN G 151 -35.81 -13.47 -16.79
N GLY G 152 -36.41 -14.63 -16.47
CA GLY G 152 -35.68 -15.89 -16.43
C GLY G 152 -34.78 -16.01 -15.20
N ALA G 153 -33.70 -16.79 -15.33
CA ALA G 153 -32.95 -17.31 -14.19
C ALA G 153 -32.09 -16.23 -13.53
N ILE G 154 -31.55 -15.30 -14.33
CA ILE G 154 -30.47 -14.41 -13.90
C ILE G 154 -30.92 -13.62 -12.69
N ASN G 155 -32.19 -13.16 -12.65
CA ASN G 155 -32.67 -12.27 -11.60
C ASN G 155 -33.63 -12.98 -10.64
N ALA G 156 -33.48 -14.29 -10.46
CA ALA G 156 -34.40 -15.04 -9.63
C ALA G 156 -34.35 -14.56 -8.18
N GLY G 157 -33.26 -13.89 -7.78
CA GLY G 157 -33.08 -13.37 -6.43
C GLY G 157 -33.88 -12.09 -6.18
N LEU G 158 -33.74 -11.13 -7.10
CA LEU G 158 -34.41 -9.83 -7.02
C LEU G 158 -35.94 -9.98 -6.95
N ARG G 159 -36.54 -10.87 -7.76
CA ARG G 159 -37.99 -11.00 -7.79
C ARG G 159 -38.52 -11.70 -6.52
N ALA G 160 -37.64 -12.36 -5.75
CA ALA G 160 -38.03 -13.11 -4.59
C ALA G 160 -38.04 -12.26 -3.32
N LEU G 161 -37.51 -11.03 -3.37
CA LEU G 161 -37.40 -10.17 -2.19
C LEU G 161 -38.78 -9.84 -1.61
N ASP G 162 -38.90 -9.96 -0.27
CA ASP G 162 -40.06 -9.51 0.44
C ASP G 162 -39.88 -8.07 0.94
N ARG G 163 -39.74 -7.13 -0.01
CA ARG G 163 -39.64 -5.70 0.28
C ARG G 163 -40.90 -5.20 1.00
N SER G 164 -40.65 -4.44 2.09
CA SER G 164 -41.66 -3.83 2.95
C SER G 164 -42.65 -4.85 3.51
N GLY G 165 -42.24 -6.11 3.62
CA GLY G 165 -43.11 -7.15 4.13
C GLY G 165 -43.15 -7.24 5.65
N LYS G 166 -43.83 -8.32 6.10
CA LYS G 166 -44.12 -8.61 7.49
C LYS G 166 -42.83 -8.81 8.31
N PRO G 167 -42.90 -8.69 9.65
CA PRO G 167 -41.80 -9.11 10.52
C PRO G 167 -41.45 -10.60 10.38
N CYS G 168 -40.15 -10.87 10.30
CA CYS G 168 -39.59 -12.21 10.35
C CYS G 168 -39.77 -12.74 11.77
N ARG G 169 -39.68 -14.07 11.93
CA ARG G 169 -39.83 -14.65 13.25
C ARG G 169 -38.58 -14.35 14.07
N LYS G 170 -38.73 -14.34 15.41
CA LYS G 170 -37.70 -13.81 16.29
C LYS G 170 -36.99 -14.94 17.03
N TRP G 171 -35.65 -14.84 17.11
CA TRP G 171 -34.80 -15.90 17.64
C TRP G 171 -34.21 -15.51 19.01
N THR G 172 -34.10 -16.52 19.89
CA THR G 172 -33.66 -16.40 21.29
C THR G 172 -32.63 -17.49 21.58
N ARG G 173 -31.55 -17.21 22.35
CA ARG G 173 -30.62 -18.26 22.76
C ARG G 173 -31.28 -19.16 23.80
N GLY G 174 -31.73 -20.34 23.37
CA GLY G 174 -32.33 -21.33 24.25
C GLY G 174 -31.35 -22.46 24.56
N THR G 175 -31.85 -23.59 25.05
CA THR G 175 -31.01 -24.68 25.50
C THR G 175 -31.55 -26.00 25.00
N PHE G 176 -30.61 -26.86 24.57
CA PHE G 176 -30.92 -28.17 24.03
C PHE G 176 -30.25 -29.24 24.87
N GLN G 177 -30.90 -30.40 25.02
CA GLN G 177 -30.41 -31.48 25.83
C GLN G 177 -29.77 -32.56 24.97
N MET G 178 -28.48 -32.83 25.26
CA MET G 178 -27.66 -33.78 24.53
C MET G 178 -27.37 -34.97 25.43
N LYS G 179 -27.34 -36.16 24.84
CA LYS G 179 -27.27 -37.42 25.58
C LYS G 179 -26.04 -38.20 25.14
N SER G 180 -25.19 -38.62 26.09
CA SER G 180 -24.02 -39.44 25.80
C SER G 180 -24.43 -40.88 25.51
N PHE G 181 -23.52 -41.68 24.95
CA PHE G 181 -23.82 -43.09 24.75
C PHE G 181 -23.92 -43.88 26.06
N THR G 182 -23.40 -43.31 27.16
CA THR G 182 -23.58 -43.82 28.52
C THR G 182 -24.85 -43.30 29.22
N GLY G 183 -25.71 -42.60 28.48
CA GLY G 183 -27.02 -42.21 29.00
C GLY G 183 -27.05 -40.89 29.78
N VAL G 184 -25.91 -40.22 29.93
CA VAL G 184 -25.85 -39.00 30.72
C VAL G 184 -26.34 -37.81 29.89
N VAL G 185 -27.05 -36.86 30.51
CA VAL G 185 -27.65 -35.71 29.80
C VAL G 185 -26.95 -34.39 30.17
N TRP G 186 -26.64 -33.56 29.16
CA TRP G 186 -25.97 -32.29 29.39
C TRP G 186 -26.49 -31.24 28.43
N GLU G 187 -26.24 -29.93 28.71
CA GLU G 187 -26.94 -28.85 28.00
C GLU G 187 -26.03 -27.95 27.17
N ILE G 188 -26.45 -27.68 25.93
CA ILE G 188 -25.76 -26.80 25.02
C ILE G 188 -26.67 -25.63 24.68
N PRO G 189 -26.19 -24.37 24.71
CA PRO G 189 -26.99 -23.25 24.21
C PRO G 189 -27.20 -23.33 22.69
N ARG G 190 -28.46 -23.16 22.26
CA ARG G 190 -28.87 -23.35 20.88
C ARG G 190 -29.87 -22.26 20.45
N TRP G 191 -29.85 -21.77 19.21
CA TRP G 191 -30.85 -20.77 18.82
C TRP G 191 -32.25 -21.40 18.70
N THR G 192 -33.27 -20.65 19.16
CA THR G 192 -34.65 -21.12 19.14
C THR G 192 -35.60 -20.02 18.71
N ALA G 193 -36.74 -20.41 18.10
CA ALA G 193 -37.78 -19.47 17.71
C ALA G 193 -39.14 -20.16 17.80
N PRO G 194 -40.25 -19.43 17.98
CA PRO G 194 -41.57 -20.05 18.04
C PRO G 194 -41.98 -20.67 16.70
N PRO G 195 -42.85 -21.71 16.75
CA PRO G 195 -43.30 -22.44 15.57
C PRO G 195 -44.09 -21.61 14.57
N ARG G 196 -44.33 -22.19 13.37
CA ARG G 196 -45.07 -21.56 12.28
C ARG G 196 -46.28 -22.41 11.88
N PRO G 197 -47.44 -22.25 12.57
CA PRO G 197 -48.63 -23.07 12.30
C PRO G 197 -49.28 -22.85 10.94
N LYS G 198 -50.16 -23.79 10.56
CA LYS G 198 -51.00 -23.67 9.36
C LYS G 198 -52.32 -24.43 9.57
N PRO G 199 -53.49 -23.74 9.63
CA PRO G 199 -54.79 -24.41 9.70
C PRO G 199 -55.12 -25.33 8.50
#